data_7A3I
#
_entry.id   7A3I
#
_cell.length_a   163.649
_cell.length_b   252.318
_cell.length_c   259.962
_cell.angle_alpha   90.000
_cell.angle_beta   90.000
_cell.angle_gamma   90.000
#
_symmetry.space_group_name_H-M   'C 2 2 21'
#
loop_
_entity.id
_entity.type
_entity.pdbx_description
1 polymer 'Dipeptidyl peptidase 8'
2 non-polymer 'trimethylamine oxide'
3 non-polymer ~{N}-[3,5-bis[[4-[(4-bromophenyl)methyl]piperazin-1-yl]methyl]phenyl]-2-ethyl-2-methanoyl-butanamide
4 non-polymer 'SODIUM ION'
5 non-polymer 'CHLORIDE ION'
6 water water
#
_entity_poly.entity_id   1
_entity_poly.type   'polypeptide(L)'
_entity_poly.pdbx_seq_one_letter_code
;MWKRSEQMKIKSGKCNMAAAMETEQLGVEIFETADCEENIESQDRPKLEPFYVERYSWSQLKKLLADTRKYHGYMMAKAP
HDFMFVKRNDPDGPHSDRIYYLAMSGENRENTLFYSEIPKTINRAAVLMLSWKPLLDLFQATLDYGMYSREEELLRERKR
IGTVGIASYDYHQGSGTFLFQAGSGIYHVKDGGPQGFTQQPLRPNLVETSCPNIRMDPKLCPADPDWIAFIHSNDIWISN
IVTREERRLTYVHNELANMEEDARSAGVATFVLQEEFDRYSGYWWCPKAETTPSGGKILRILYEENDESEVEIIHVTSPM
LETRRADSFRYPKTGTANPKVTFKMSEIMIDAEGRIIDVIDKELIQPFEILFEGVEYIARAGWTPEGKYAWSILLDRSQT
RLQIVLISPELFIPVEDDVMERQRLIESVPDSVTPLIIYEETTDIWINIHDIFHVFPQSHEEEIEFIFASECKTGFRHLY
KITSILKESKYKRSSGGLPAPSDFKCPIKEEIAITSGEWEVLGRHGSNIQVDEVRRLVYFEGTKDSPLEHHLYVVSYVNP
GEVTRLTDRGYSHSCCISQHCDFFISKYSNQKNPHCVSLYKLSSPEDDPTCKTKEFWATILDSAGPLPDYTPPEIFSFES
TTGFTLYGMLYKPHDLQPGKKYPTVLFIYGGPQVQLVNNRFKGVKYFRLNTLASLGYVVVVIDNRGSCHRGLKFEGAFKY
KMGQIEIDDQVEGLQYLASRYDFIDLDRVGIHGWSYGGYLSLMALMQRSDIFRVAIAGAPVTLWIFYDTGYTERYMGHPD
QNEQGYYLGSVAMQAEKFPSEPNRLLLLHGFLDENVHFAHTSILLSFLVRAGKPYDLQIYPQERHSIRVPESGEHYELHL
LHYLQENLGSRIAALKVI
;
_entity_poly.pdbx_strand_id   A,B,C
#
# COMPACT_ATOMS: atom_id res chain seq x y z
N LEU A 48 41.49 -51.76 11.72
CA LEU A 48 40.87 -51.10 12.92
C LEU A 48 39.46 -51.63 13.18
N GLU A 49 39.31 -52.45 14.23
CA GLU A 49 37.99 -52.97 14.62
C GLU A 49 37.26 -51.95 15.51
N PRO A 50 35.91 -51.93 15.45
CA PRO A 50 35.15 -51.03 16.31
C PRO A 50 35.07 -51.53 17.76
N PHE A 51 35.32 -50.63 18.71
CA PHE A 51 35.05 -50.92 20.13
C PHE A 51 33.57 -50.67 20.39
N TYR A 52 32.94 -51.58 21.12
CA TYR A 52 31.55 -51.43 21.53
C TYR A 52 31.49 -51.32 23.05
N VAL A 53 30.78 -50.30 23.54
CA VAL A 53 30.64 -50.08 24.98
C VAL A 53 29.84 -51.21 25.61
N GLU A 54 30.12 -51.51 26.88
CA GLU A 54 29.41 -52.55 27.61
C GLU A 54 27.93 -52.16 27.71
N ARG A 55 27.05 -53.09 27.34
CA ARG A 55 25.61 -52.85 27.33
C ARG A 55 25.03 -53.12 28.72
N TYR A 56 25.06 -52.10 29.56
CA TYR A 56 24.46 -52.15 30.90
C TYR A 56 22.94 -52.05 30.83
N SER A 57 22.25 -52.70 31.76
CA SER A 57 20.80 -52.48 31.93
C SER A 57 20.54 -51.11 32.55
N TRP A 58 19.28 -50.69 32.54
CA TRP A 58 18.85 -49.41 33.12
C TRP A 58 19.19 -49.33 34.62
N SER A 59 18.94 -50.41 35.35
CA SER A 59 19.30 -50.49 36.77
C SER A 59 20.81 -50.45 37.01
N GLN A 60 21.57 -51.16 36.18
CA GLN A 60 23.03 -51.16 36.27
C GLN A 60 23.64 -49.78 36.00
N LEU A 61 23.08 -49.05 35.03
CA LEU A 61 23.50 -47.67 34.76
C LEU A 61 23.16 -46.74 35.92
N LYS A 62 21.98 -46.90 36.50
CA LYS A 62 21.56 -46.10 37.66
C LYS A 62 22.52 -46.29 38.83
N LYS A 63 22.95 -47.55 39.04
CA LYS A 63 23.94 -47.92 40.05
C LYS A 63 25.30 -47.27 39.76
N LEU A 64 25.80 -47.43 38.53
CA LEU A 64 27.09 -46.85 38.12
C LEU A 64 27.15 -45.34 38.33
N LEU A 65 26.06 -44.65 38.01
CA LEU A 65 25.98 -43.20 38.22
C LEU A 65 25.99 -42.83 39.70
N ALA A 66 25.18 -43.53 40.50
CA ALA A 66 25.12 -43.28 41.95
C ALA A 66 26.45 -43.55 42.69
N ASP A 67 27.15 -44.62 42.30
CA ASP A 67 28.45 -44.98 42.89
C ASP A 67 29.55 -43.96 42.58
N THR A 68 29.53 -43.40 41.37
CA THR A 68 30.55 -42.46 40.91
C THR A 68 30.22 -40.98 41.22
N ARG A 69 29.01 -40.71 41.69
CA ARG A 69 28.57 -39.33 41.97
C ARG A 69 29.28 -38.76 43.20
N LYS A 70 29.75 -37.51 43.09
CA LYS A 70 30.38 -36.80 44.22
C LYS A 70 29.90 -35.36 44.50
N TYR A 71 29.16 -34.76 43.57
CA TYR A 71 28.52 -33.44 43.77
C TYR A 71 27.07 -33.50 43.31
N HIS A 72 26.21 -32.73 43.97
CA HIS A 72 24.77 -32.71 43.68
C HIS A 72 24.38 -31.39 43.01
N GLY A 73 23.67 -31.49 41.88
CA GLY A 73 23.28 -30.32 41.08
C GLY A 73 24.41 -29.63 40.34
N TYR A 74 25.49 -30.38 40.05
CA TYR A 74 26.70 -29.85 39.38
C TYR A 74 27.33 -28.69 40.16
N MET A 75 27.32 -28.80 41.50
CA MET A 75 27.66 -27.70 42.43
C MET A 75 28.57 -28.19 43.55
N MET A 76 29.75 -27.58 43.65
CA MET A 76 30.64 -27.74 44.82
C MET A 76 30.21 -26.72 45.88
N ALA A 77 30.68 -26.91 47.11
CA ALA A 77 30.54 -25.88 48.16
C ALA A 77 31.21 -24.58 47.73
N LYS A 78 30.50 -23.46 47.88
CA LYS A 78 30.98 -22.14 47.41
C LYS A 78 32.33 -21.76 48.04
N ALA A 79 33.34 -21.59 47.19
CA ALA A 79 34.64 -21.12 47.62
C ALA A 79 34.55 -19.69 48.14
N PRO A 80 35.45 -19.29 49.05
CA PRO A 80 35.44 -17.94 49.59
C PRO A 80 35.39 -16.85 48.52
N HIS A 81 34.43 -15.93 48.66
CA HIS A 81 34.22 -14.85 47.70
C HIS A 81 33.75 -13.58 48.40
N ASP A 82 33.63 -12.48 47.65
CA ASP A 82 33.22 -11.17 48.18
C ASP A 82 34.13 -10.71 49.32
N PHE A 83 35.42 -10.66 49.02
CA PHE A 83 36.43 -10.29 49.99
C PHE A 83 36.44 -8.80 50.29
N MET A 84 36.90 -8.46 51.49
CA MET A 84 37.03 -7.09 51.91
C MET A 84 38.11 -7.02 52.98
N PHE A 85 39.01 -6.06 52.83
CA PHE A 85 40.13 -5.88 53.76
C PHE A 85 39.86 -4.67 54.64
N VAL A 86 39.95 -4.86 55.96
CA VAL A 86 39.87 -3.74 56.91
C VAL A 86 41.13 -3.74 57.77
N LYS A 87 41.76 -2.56 57.86
CA LYS A 87 42.99 -2.39 58.64
C LYS A 87 42.70 -2.36 60.13
N ARG A 88 43.55 -3.02 60.90
CA ARG A 88 43.42 -3.05 62.36
C ARG A 88 43.82 -1.72 62.99
N ASN A 89 44.92 -1.14 62.52
CA ASN A 89 45.49 0.10 63.08
C ASN A 89 45.83 -0.06 64.56
N ASP A 90 46.54 -1.13 64.89
CA ASP A 90 46.97 -1.44 66.25
C ASP A 90 48.48 -1.74 66.21
N PRO A 91 49.33 -0.71 66.39
CA PRO A 91 50.79 -0.85 66.37
C PRO A 91 51.40 -1.96 67.24
N ASP A 92 50.81 -2.19 68.42
CA ASP A 92 51.30 -3.24 69.34
C ASP A 92 50.87 -4.66 68.94
N GLY A 93 49.74 -4.79 68.24
CA GLY A 93 49.18 -6.11 67.88
C GLY A 93 49.82 -6.80 66.69
N PRO A 94 49.58 -8.12 66.53
CA PRO A 94 50.27 -8.91 65.51
C PRO A 94 49.68 -8.88 64.08
N HIS A 95 48.49 -8.29 63.90
CA HIS A 95 47.78 -8.33 62.61
C HIS A 95 47.66 -6.95 61.96
N SER A 96 47.83 -6.90 60.64
CA SER A 96 47.71 -5.66 59.85
C SER A 96 46.28 -5.44 59.36
N ASP A 97 45.66 -6.52 58.87
CA ASP A 97 44.30 -6.50 58.33
C ASP A 97 43.44 -7.58 58.95
N ARG A 98 42.12 -7.37 58.87
CA ARG A 98 41.13 -8.44 58.96
C ARG A 98 40.43 -8.51 57.61
N ILE A 99 40.32 -9.73 57.07
CA ILE A 99 39.55 -9.94 55.84
C ILE A 99 38.19 -10.54 56.18
N TYR A 100 37.14 -9.98 55.58
CA TYR A 100 35.80 -10.55 55.66
C TYR A 100 35.42 -11.13 54.30
N TYR A 101 34.62 -12.20 54.32
CA TYR A 101 34.20 -12.88 53.08
C TYR A 101 33.03 -13.84 53.29
N LEU A 102 32.29 -14.11 52.21
CA LEU A 102 31.23 -15.11 52.20
C LEU A 102 31.81 -16.45 51.75
N ALA A 103 31.39 -17.53 52.41
CA ALA A 103 31.83 -18.86 52.06
C ALA A 103 30.87 -19.90 52.60
N MET A 104 30.99 -21.11 52.06
CA MET A 104 30.24 -22.27 52.49
C MET A 104 31.26 -23.16 53.21
N SER A 105 31.08 -23.34 54.52
CA SER A 105 32.05 -24.11 55.34
C SER A 105 32.15 -25.59 54.96
N GLY A 106 31.04 -26.19 54.52
CA GLY A 106 31.01 -27.59 54.07
C GLY A 106 30.04 -27.81 52.92
N GLU A 107 29.74 -29.07 52.63
CA GLU A 107 28.88 -29.42 51.49
C GLU A 107 27.40 -29.18 51.80
N ASN A 108 26.93 -29.70 52.93
CA ASN A 108 25.54 -29.53 53.37
C ASN A 108 25.46 -28.38 54.37
N ARG A 109 25.76 -27.17 53.90
CA ARG A 109 25.90 -26.00 54.77
C ARG A 109 25.53 -24.70 54.04
N GLU A 110 25.10 -23.70 54.80
CA GLU A 110 24.61 -22.45 54.26
C GLU A 110 25.74 -21.42 54.07
N ASN A 111 25.60 -20.60 53.04
CA ASN A 111 26.58 -19.58 52.71
C ASN A 111 26.47 -18.44 53.72
N THR A 112 27.58 -18.11 54.39
CA THR A 112 27.57 -17.09 55.47
C THR A 112 28.89 -16.32 55.58
N LEU A 113 28.88 -15.26 56.38
CA LEU A 113 30.04 -14.39 56.57
C LEU A 113 31.07 -14.98 57.53
N PHE A 114 32.31 -15.07 57.06
CA PHE A 114 33.46 -15.44 57.88
C PHE A 114 34.47 -14.30 57.86
N TYR A 115 35.40 -14.33 58.81
CA TYR A 115 36.57 -13.45 58.78
C TYR A 115 37.84 -14.22 59.07
N SER A 116 38.97 -13.64 58.67
CA SER A 116 40.30 -14.21 58.92
C SER A 116 41.31 -13.11 59.21
N GLU A 117 42.34 -13.46 59.98
CA GLU A 117 43.33 -12.51 60.47
C GLU A 117 44.59 -12.57 59.60
N ILE A 118 45.00 -11.43 59.06
CA ILE A 118 46.23 -11.34 58.25
C ILE A 118 47.36 -10.82 59.13
N PRO A 119 48.36 -11.67 59.45
CA PRO A 119 49.45 -11.24 60.33
C PRO A 119 50.44 -10.29 59.67
N LYS A 120 51.06 -9.44 60.47
CA LYS A 120 52.09 -8.48 60.00
C LYS A 120 53.34 -9.16 59.44
N THR A 121 53.66 -10.36 59.94
CA THR A 121 54.77 -11.18 59.45
C THR A 121 54.40 -12.67 59.38
N ILE A 122 55.22 -13.46 58.70
CA ILE A 122 55.00 -14.92 58.54
C ILE A 122 56.30 -15.72 58.63
N ASN A 123 56.17 -16.99 59.00
CA ASN A 123 57.28 -17.94 59.00
C ASN A 123 57.43 -18.48 57.58
N ARG A 124 58.42 -17.97 56.85
CA ARG A 124 58.57 -18.28 55.41
C ARG A 124 59.08 -19.71 55.11
N ALA A 125 59.53 -20.43 56.14
CA ALA A 125 59.79 -21.87 56.06
C ALA A 125 58.49 -22.70 56.03
N ALA A 126 57.49 -22.25 56.79
CA ALA A 126 56.17 -22.89 56.86
C ALA A 126 55.16 -22.29 55.88
N VAL A 127 53.98 -22.94 55.81
CA VAL A 127 52.85 -22.48 54.99
C VAL A 127 51.65 -22.21 55.89
N LEU A 128 51.27 -20.93 56.01
CA LEU A 128 50.19 -20.50 56.90
C LEU A 128 48.80 -20.74 56.30
N MET A 129 48.00 -21.58 56.96
CA MET A 129 46.61 -21.82 56.57
C MET A 129 45.72 -21.00 57.50
N LEU A 130 45.12 -19.93 56.99
CA LEU A 130 44.28 -19.04 57.79
C LEU A 130 43.03 -19.78 58.26
N SER A 131 42.74 -19.68 59.55
CA SER A 131 41.53 -20.29 60.10
C SER A 131 40.33 -19.39 59.80
N TRP A 132 39.19 -20.01 59.51
CA TRP A 132 37.94 -19.29 59.22
C TRP A 132 37.20 -19.07 60.54
N LYS A 133 36.99 -17.81 60.90
CA LYS A 133 36.24 -17.45 62.10
C LYS A 133 34.82 -17.06 61.67
N PRO A 134 33.78 -17.70 62.23
CA PRO A 134 32.43 -17.27 61.83
C PRO A 134 32.09 -15.87 62.37
N LEU A 135 31.63 -14.98 61.50
CA LEU A 135 31.27 -13.62 61.92
C LEU A 135 29.94 -13.58 62.66
N LEU A 136 29.00 -14.44 62.24
CA LEU A 136 27.63 -14.43 62.77
C LEU A 136 27.33 -15.62 63.67
N ASP A 137 26.45 -15.39 64.65
CA ASP A 137 25.92 -16.43 65.53
C ASP A 137 24.78 -17.14 64.80
N LEU A 138 24.44 -18.34 65.26
CA LEU A 138 23.30 -19.07 64.71
C LEU A 138 21.99 -18.34 65.03
N PHE A 139 21.02 -18.44 64.13
CA PHE A 139 19.79 -17.66 64.20
C PHE A 139 18.79 -18.25 65.20
N GLN A 140 17.73 -17.50 65.51
CA GLN A 140 16.81 -17.84 66.61
C GLN A 140 15.95 -19.09 66.38
N VAL A 164 18.09 -19.65 54.83
CA VAL A 164 18.67 -18.66 55.76
C VAL A 164 20.18 -18.50 55.47
N GLY A 165 20.50 -18.29 54.19
CA GLY A 165 21.87 -18.11 53.70
C GLY A 165 22.05 -16.76 53.01
N ILE A 166 23.29 -16.27 53.01
CA ILE A 166 23.61 -14.92 52.54
C ILE A 166 24.28 -14.96 51.16
N ALA A 167 23.68 -14.29 50.20
CA ALA A 167 24.18 -14.24 48.82
C ALA A 167 25.16 -13.08 48.61
N SER A 168 24.92 -11.96 49.29
CA SER A 168 25.81 -10.80 49.24
C SER A 168 25.65 -9.91 50.48
N TYR A 169 26.51 -8.90 50.60
CA TYR A 169 26.43 -8.00 51.75
C TYR A 169 26.89 -6.58 51.43
N ASP A 170 26.53 -5.65 52.32
CA ASP A 170 26.99 -4.27 52.27
C ASP A 170 27.85 -3.98 53.50
N TYR A 171 28.63 -2.91 53.41
CA TYR A 171 29.53 -2.48 54.48
C TYR A 171 29.76 -0.98 54.39
N HIS A 172 29.80 -0.33 55.55
CA HIS A 172 30.02 1.11 55.64
C HIS A 172 31.31 1.32 56.43
N GLN A 173 32.40 1.54 55.69
CA GLN A 173 33.78 1.66 56.24
C GLN A 173 33.84 2.38 57.59
N GLY A 174 33.28 3.58 57.62
CA GLY A 174 33.44 4.50 58.75
C GLY A 174 32.63 4.22 60.00
N SER A 175 31.72 3.26 59.94
CA SER A 175 30.89 2.85 61.09
C SER A 175 31.01 1.35 61.46
N GLY A 176 31.53 0.53 60.54
CA GLY A 176 31.62 -0.92 60.73
C GLY A 176 30.36 -1.71 60.39
N THR A 177 29.33 -1.04 59.85
CA THR A 177 28.00 -1.63 59.72
C THR A 177 27.90 -2.55 58.50
N PHE A 178 27.72 -3.85 58.75
CA PHE A 178 27.34 -4.82 57.71
C PHE A 178 25.82 -4.80 57.53
N LEU A 179 25.36 -4.93 56.30
CA LEU A 179 23.94 -5.14 56.01
C LEU A 179 23.78 -6.27 55.02
N PHE A 180 22.86 -7.18 55.31
CA PHE A 180 22.67 -8.36 54.47
C PHE A 180 21.30 -8.97 54.65
N GLN A 181 20.84 -9.64 53.59
CA GLN A 181 19.61 -10.43 53.63
C GLN A 181 19.99 -11.90 53.78
N ALA A 182 19.30 -12.59 54.68
CA ALA A 182 19.44 -14.03 54.87
C ALA A 182 18.03 -14.60 55.03
N GLY A 183 17.56 -15.33 54.03
CA GLY A 183 16.16 -15.74 53.99
C GLY A 183 15.27 -14.51 53.88
N SER A 184 14.19 -14.48 54.66
CA SER A 184 13.24 -13.37 54.63
C SER A 184 13.74 -12.11 55.33
N GLY A 185 14.52 -12.28 56.40
CA GLY A 185 14.98 -11.16 57.19
C GLY A 185 16.10 -10.34 56.56
N ILE A 186 16.10 -9.04 56.85
CA ILE A 186 17.24 -8.16 56.60
C ILE A 186 17.89 -7.93 57.96
N TYR A 187 19.19 -8.18 58.05
CA TYR A 187 19.94 -8.11 59.32
C TYR A 187 21.12 -7.15 59.23
N HIS A 188 21.69 -6.82 60.39
CA HIS A 188 22.91 -6.03 60.47
C HIS A 188 23.76 -6.35 61.69
N VAL A 189 25.07 -6.16 61.57
CA VAL A 189 26.02 -6.27 62.68
C VAL A 189 27.06 -5.17 62.53
N LYS A 190 27.98 -5.06 63.51
CA LYS A 190 29.08 -4.10 63.44
C LYS A 190 30.42 -4.74 63.76
N ASP A 191 31.42 -4.46 62.93
CA ASP A 191 32.79 -4.90 63.15
C ASP A 191 33.76 -4.08 62.31
N GLY A 192 34.86 -3.66 62.93
CA GLY A 192 35.94 -2.95 62.24
C GLY A 192 35.78 -1.45 62.06
N GLY A 193 34.74 -0.87 62.66
CA GLY A 193 34.56 0.58 62.68
C GLY A 193 35.25 1.19 63.90
N PRO A 194 34.75 2.34 64.37
CA PRO A 194 35.17 2.92 65.66
C PRO A 194 34.99 1.98 66.86
N GLN A 195 33.96 1.12 66.81
CA GLN A 195 33.66 0.21 67.92
C GLN A 195 34.64 -0.95 68.08
N GLY A 196 35.44 -1.23 67.06
CA GLY A 196 36.52 -2.22 67.15
C GLY A 196 36.17 -3.60 66.61
N PHE A 197 37.01 -4.57 66.94
CA PHE A 197 36.98 -5.90 66.34
C PHE A 197 36.58 -6.98 67.34
N THR A 198 35.50 -7.70 67.06
CA THR A 198 35.04 -8.81 67.88
C THR A 198 36.01 -9.99 67.83
N GLN A 199 35.99 -10.80 68.89
CA GLN A 199 36.75 -12.06 68.95
C GLN A 199 35.81 -13.26 69.07
N GLN A 200 34.51 -13.04 68.85
CA GLN A 200 33.51 -14.11 68.92
C GLN A 200 32.33 -13.78 67.99
N PRO A 201 31.57 -14.82 67.56
CA PRO A 201 30.46 -14.59 66.64
C PRO A 201 29.44 -13.56 67.16
N LEU A 202 29.08 -12.62 66.31
CA LEU A 202 28.13 -11.57 66.64
C LEU A 202 26.71 -12.04 66.36
N ARG A 203 25.75 -11.48 67.11
CA ARG A 203 24.34 -11.75 66.89
C ARG A 203 23.80 -10.86 65.78
N PRO A 204 23.23 -11.44 64.72
CA PRO A 204 22.60 -10.61 63.69
C PRO A 204 21.34 -9.92 64.20
N ASN A 205 21.26 -8.61 64.01
CA ASN A 205 20.13 -7.80 64.46
C ASN A 205 19.10 -7.62 63.36
N LEU A 206 17.88 -8.11 63.57
CA LEU A 206 16.80 -8.02 62.58
C LEU A 206 16.33 -6.59 62.42
N VAL A 207 16.27 -6.12 61.17
CA VAL A 207 15.58 -4.87 60.84
C VAL A 207 14.09 -5.18 60.82
N GLU A 208 13.36 -4.64 61.79
CA GLU A 208 11.95 -4.97 61.98
C GLU A 208 11.12 -4.24 60.93
N THR A 209 9.90 -4.72 60.70
CA THR A 209 9.06 -4.19 59.63
C THR A 209 7.56 -4.42 59.86
N SER A 210 6.76 -3.58 59.22
CA SER A 210 5.31 -3.77 59.08
C SER A 210 4.93 -4.20 57.66
N CYS A 211 5.92 -4.43 56.79
CA CYS A 211 5.68 -4.87 55.43
C CYS A 211 5.25 -6.34 55.43
N PRO A 212 4.14 -6.67 54.74
CA PRO A 212 3.65 -8.05 54.76
C PRO A 212 4.52 -9.04 54.00
N ASN A 213 5.01 -8.62 52.84
CA ASN A 213 5.70 -9.50 51.90
C ASN A 213 7.21 -9.45 52.09
N ILE A 214 7.88 -10.37 51.40
CA ILE A 214 9.34 -10.48 51.43
C ILE A 214 10.02 -9.19 50.94
N ARG A 215 11.06 -8.76 51.64
CA ARG A 215 11.82 -7.58 51.26
C ARG A 215 13.04 -8.01 50.45
N MET A 216 13.29 -7.30 49.35
CA MET A 216 14.37 -7.62 48.41
C MET A 216 15.36 -6.48 48.32
N ASP A 217 16.61 -6.83 47.96
CA ASP A 217 17.62 -5.87 47.53
C ASP A 217 17.90 -4.75 48.56
N PRO A 218 18.31 -5.15 49.78
CA PRO A 218 18.68 -4.16 50.79
C PRO A 218 20.00 -3.46 50.47
N LYS A 219 20.10 -2.17 50.78
CA LYS A 219 21.32 -1.39 50.58
C LYS A 219 21.46 -0.35 51.67
N LEU A 220 22.61 -0.30 52.32
CA LEU A 220 22.95 0.80 53.22
C LEU A 220 23.09 2.10 52.45
N CYS A 221 22.60 3.19 53.06
CA CYS A 221 22.87 4.53 52.58
C CYS A 221 24.31 4.86 52.96
N PRO A 222 25.20 5.13 51.97
CA PRO A 222 26.58 5.47 52.35
C PRO A 222 26.73 6.82 53.08
N ALA A 223 25.79 7.73 52.87
CA ALA A 223 25.79 9.02 53.56
C ALA A 223 25.42 8.91 55.05
N ASP A 224 24.57 7.94 55.38
CA ASP A 224 24.09 7.74 56.76
C ASP A 224 23.81 6.25 57.03
N PRO A 225 24.71 5.57 57.77
CA PRO A 225 24.53 4.12 58.01
C PRO A 225 23.36 3.71 58.94
N ASP A 226 22.63 4.67 59.49
CA ASP A 226 21.36 4.37 60.17
C ASP A 226 20.24 4.01 59.17
N TRP A 227 20.26 4.60 57.98
CA TRP A 227 19.22 4.35 56.96
C TRP A 227 19.57 3.24 55.99
N ILE A 228 18.58 2.40 55.66
CA ILE A 228 18.66 1.47 54.54
C ILE A 228 17.51 1.73 53.59
N ALA A 229 17.60 1.14 52.41
CA ALA A 229 16.49 1.08 51.46
C ALA A 229 16.32 -0.36 51.03
N PHE A 230 15.11 -0.69 50.58
CA PHE A 230 14.83 -2.02 50.04
C PHE A 230 13.60 -1.98 49.15
N ILE A 231 13.44 -3.04 48.36
CA ILE A 231 12.26 -3.19 47.51
C ILE A 231 11.25 -4.06 48.23
N HIS A 232 9.98 -3.64 48.15
CA HIS A 232 8.88 -4.45 48.62
C HIS A 232 7.73 -4.30 47.63
N SER A 233 7.28 -5.41 47.06
CA SER A 233 6.20 -5.42 46.05
C SER A 233 6.42 -4.36 44.98
N ASN A 234 7.60 -4.40 44.36
CA ASN A 234 7.98 -3.49 43.27
C ASN A 234 7.93 -1.98 43.58
N ASP A 235 8.15 -1.63 44.84
CA ASP A 235 8.23 -0.24 45.27
C ASP A 235 9.36 -0.09 46.26
N ILE A 236 9.93 1.13 46.31
CA ILE A 236 11.10 1.41 47.13
C ILE A 236 10.63 1.89 48.50
N TRP A 237 11.16 1.27 49.54
CA TRP A 237 10.96 1.71 50.92
C TRP A 237 12.30 2.08 51.53
N ILE A 238 12.28 2.93 52.55
CA ILE A 238 13.45 3.18 53.42
C ILE A 238 13.10 2.82 54.85
N SER A 239 14.13 2.54 55.64
CA SER A 239 13.95 2.09 57.01
C SER A 239 15.17 2.49 57.83
N ASN A 240 14.93 2.97 59.05
CA ASN A 240 15.99 3.37 59.97
C ASN A 240 16.20 2.23 60.98
N ILE A 241 17.43 1.73 61.07
CA ILE A 241 17.74 0.58 61.95
C ILE A 241 17.88 0.94 63.43
N VAL A 242 17.92 2.24 63.77
CA VAL A 242 17.99 2.72 65.15
C VAL A 242 16.61 3.20 65.62
N THR A 243 16.01 4.14 64.88
CA THR A 243 14.70 4.69 65.25
C THR A 243 13.51 3.80 64.88
N ARG A 244 13.73 2.79 64.05
CA ARG A 244 12.68 1.86 63.56
C ARG A 244 11.63 2.49 62.62
N GLU A 245 11.86 3.72 62.16
CA GLU A 245 10.94 4.39 61.25
C GLU A 245 11.00 3.71 59.88
N GLU A 246 9.84 3.61 59.22
CA GLU A 246 9.71 2.89 57.97
C GLU A 246 8.79 3.68 57.04
N ARG A 247 9.27 3.99 55.84
CA ARG A 247 8.55 4.86 54.91
C ARG A 247 8.64 4.36 53.48
N ARG A 248 7.47 4.24 52.85
CA ARG A 248 7.37 3.89 51.44
C ARG A 248 7.64 5.14 50.61
N LEU A 249 8.54 5.02 49.62
CA LEU A 249 8.94 6.14 48.77
C LEU A 249 8.16 6.23 47.46
N THR A 250 7.89 5.07 46.84
CA THR A 250 7.18 5.01 45.56
C THR A 250 5.82 4.33 45.71
N TYR A 251 4.82 4.85 45.01
CA TYR A 251 3.45 4.30 45.02
C TYR A 251 3.05 3.94 43.59
N VAL A 252 3.90 3.14 42.96
CA VAL A 252 3.80 2.79 41.54
C VAL A 252 3.03 1.48 41.32
N HIS A 253 3.22 0.52 42.22
CA HIS A 253 2.57 -0.79 42.15
C HIS A 253 1.56 -0.95 43.29
N ASN A 254 0.41 -1.54 42.98
CA ASN A 254 -0.64 -1.83 43.96
C ASN A 254 -0.92 -3.32 43.93
N GLU A 255 -0.50 -4.03 44.98
CA GLU A 255 -0.57 -5.51 45.04
C GLU A 255 -1.99 -6.10 45.03
N LEU A 256 -3.00 -5.30 45.37
CA LEU A 256 -4.41 -5.70 45.22
C LEU A 256 -4.83 -5.78 43.75
N ALA A 257 -4.37 -4.82 42.93
CA ALA A 257 -4.63 -4.82 41.49
C ALA A 257 -3.81 -5.89 40.76
N ASN A 258 -4.37 -6.45 39.69
CA ASN A 258 -3.78 -7.60 38.98
C ASN A 258 -2.57 -7.21 38.12
N MET A 259 -1.83 -8.23 37.68
CA MET A 259 -0.58 -8.02 36.94
C MET A 259 -0.75 -7.50 35.50
N GLU A 260 -1.93 -7.69 34.90
CA GLU A 260 -2.24 -7.16 33.56
C GLU A 260 -2.50 -5.65 33.59
N GLU A 261 -3.32 -5.20 34.55
CA GLU A 261 -3.63 -3.77 34.70
C GLU A 261 -2.40 -2.99 35.19
N ASP A 262 -1.92 -3.34 36.39
CA ASP A 262 -0.76 -2.70 37.00
C ASP A 262 0.53 -3.46 36.63
N ALA A 263 1.20 -2.97 35.60
CA ALA A 263 2.46 -3.55 35.13
C ALA A 263 3.63 -2.56 35.32
N ARG A 264 3.59 -1.81 36.43
CA ARG A 264 4.63 -0.83 36.73
C ARG A 264 5.43 -1.23 37.97
N SER A 265 6.67 -0.74 38.03
CA SER A 265 7.61 -1.08 39.09
C SER A 265 8.67 0.00 39.25
N ALA A 266 9.20 0.15 40.45
CA ALA A 266 10.26 1.11 40.73
C ALA A 266 11.41 0.45 41.47
N GLY A 267 12.65 0.80 41.10
CA GLY A 267 13.84 0.31 41.77
C GLY A 267 14.25 -1.11 41.41
N VAL A 268 13.61 -1.69 40.40
CA VAL A 268 13.79 -3.09 40.06
C VAL A 268 14.17 -3.23 38.59
N ALA A 269 15.22 -3.99 38.32
CA ALA A 269 15.60 -4.35 36.96
C ALA A 269 14.59 -5.35 36.38
N THR A 270 14.07 -5.06 35.18
CA THR A 270 13.12 -5.94 34.49
C THR A 270 13.84 -7.16 33.93
N PHE A 271 13.06 -8.11 33.37
CA PHE A 271 13.59 -9.40 32.92
C PHE A 271 14.87 -9.35 32.07
N VAL A 272 14.80 -8.61 30.96
CA VAL A 272 15.90 -8.57 29.98
C VAL A 272 17.19 -8.02 30.58
N LEU A 273 17.05 -7.04 31.47
CA LEU A 273 18.22 -6.44 32.14
C LEU A 273 18.91 -7.38 33.12
N GLN A 274 18.13 -8.18 33.83
CA GLN A 274 18.69 -9.23 34.69
C GLN A 274 19.26 -10.37 33.85
N GLU A 275 18.45 -10.88 32.93
CA GLU A 275 18.82 -12.06 32.14
C GLU A 275 19.94 -11.82 31.12
N GLU A 276 19.93 -10.67 30.44
CA GLU A 276 20.85 -10.40 29.31
C GLU A 276 21.93 -9.32 29.53
N PHE A 277 21.78 -8.48 30.56
CA PHE A 277 22.78 -7.44 30.87
C PHE A 277 23.38 -7.55 32.27
N ASP A 278 23.06 -8.63 33.00
CA ASP A 278 23.54 -8.84 34.37
C ASP A 278 23.44 -7.58 35.27
N ARG A 279 22.29 -6.92 35.22
CA ARG A 279 21.96 -5.85 36.15
C ARG A 279 20.76 -6.31 36.98
N TYR A 280 20.97 -6.39 38.30
CA TYR A 280 19.95 -6.91 39.22
C TYR A 280 19.33 -5.85 40.15
N SER A 281 19.80 -4.62 40.08
CA SER A 281 19.30 -3.53 40.91
C SER A 281 18.85 -2.35 40.04
N GLY A 282 17.81 -1.65 40.50
CA GLY A 282 17.26 -0.49 39.80
C GLY A 282 17.22 0.80 40.60
N TYR A 283 17.93 0.86 41.74
CA TYR A 283 18.04 2.10 42.52
C TYR A 283 19.45 2.25 43.12
N TRP A 284 19.86 3.50 43.32
CA TRP A 284 21.21 3.82 43.80
C TRP A 284 21.17 5.00 44.77
N TRP A 285 21.69 4.80 45.98
CA TRP A 285 21.84 5.89 46.96
C TRP A 285 22.86 6.90 46.45
N CYS A 286 22.58 8.19 46.68
CA CYS A 286 23.59 9.22 46.54
C CYS A 286 24.59 9.08 47.71
N PRO A 287 25.91 9.04 47.42
CA PRO A 287 26.89 8.74 48.47
C PRO A 287 27.16 9.88 49.48
N LYS A 288 26.70 11.10 49.21
CA LYS A 288 26.82 12.22 50.14
C LYS A 288 25.45 12.80 50.50
N ALA A 289 25.41 13.49 51.64
CA ALA A 289 24.18 14.10 52.18
C ALA A 289 24.29 15.61 52.17
N GLU A 290 23.34 16.28 51.51
CA GLU A 290 23.25 17.74 51.50
C GLU A 290 22.72 18.23 52.85
N THR A 291 23.50 19.08 53.54
CA THR A 291 23.10 19.66 54.83
C THR A 291 22.04 20.75 54.63
N THR A 292 21.08 20.83 55.56
CA THR A 292 20.06 21.90 55.56
C THR A 292 20.38 22.93 56.66
N PRO A 293 19.89 24.19 56.50
CA PRO A 293 20.05 25.23 57.53
C PRO A 293 19.58 24.85 58.94
N SER A 294 18.49 24.07 59.03
CA SER A 294 17.92 23.62 60.30
C SER A 294 18.87 22.80 61.18
N GLY A 295 19.77 22.04 60.55
CA GLY A 295 20.63 21.08 61.25
C GLY A 295 20.48 19.68 60.70
N GLY A 296 19.36 19.42 60.01
CA GLY A 296 19.11 18.16 59.31
C GLY A 296 19.83 18.07 57.97
N LYS A 297 19.33 17.17 57.12
CA LYS A 297 19.95 16.91 55.81
C LYS A 297 18.98 16.33 54.78
N ILE A 298 19.46 16.22 53.54
CA ILE A 298 18.70 15.64 52.42
C ILE A 298 19.48 14.45 51.86
N LEU A 299 18.85 13.28 51.91
CA LEU A 299 19.36 12.07 51.26
C LEU A 299 18.64 11.89 49.94
N ARG A 300 19.29 11.21 49.00
CA ARG A 300 18.78 11.07 47.65
C ARG A 300 18.91 9.62 47.15
N ILE A 301 17.88 9.14 46.45
CA ILE A 301 17.93 7.85 45.76
C ILE A 301 17.56 8.07 44.30
N LEU A 302 18.51 7.81 43.40
CA LEU A 302 18.22 7.71 41.97
C LEU A 302 17.58 6.35 41.75
N TYR A 303 16.53 6.30 40.93
CA TYR A 303 15.90 5.02 40.61
C TYR A 303 15.28 4.94 39.22
N GLU A 304 15.25 3.72 38.70
CA GLU A 304 14.61 3.41 37.43
C GLU A 304 13.13 3.15 37.70
N GLU A 305 12.26 3.69 36.85
CA GLU A 305 10.84 3.37 36.88
C GLU A 305 10.45 2.77 35.55
N ASN A 306 9.90 1.56 35.60
CA ASN A 306 9.52 0.79 34.42
C ASN A 306 8.00 0.67 34.31
N ASP A 307 7.48 0.80 33.09
CA ASP A 307 6.10 0.45 32.75
C ASP A 307 6.19 -0.67 31.72
N GLU A 308 5.65 -1.84 32.05
CA GLU A 308 5.68 -3.01 31.17
C GLU A 308 4.30 -3.32 30.57
N SER A 309 3.43 -2.32 30.49
CA SER A 309 2.06 -2.50 29.97
C SER A 309 2.02 -3.06 28.56
N GLU A 310 2.81 -2.48 27.67
CA GLU A 310 2.83 -2.87 26.26
C GLU A 310 3.69 -4.10 25.96
N VAL A 311 4.46 -4.57 26.94
CA VAL A 311 5.33 -5.74 26.76
C VAL A 311 4.48 -7.00 26.71
N GLU A 312 4.88 -7.94 25.86
CA GLU A 312 4.14 -9.19 25.64
C GLU A 312 4.06 -10.02 26.92
N ILE A 313 2.96 -10.75 27.09
CA ILE A 313 2.76 -11.64 28.24
C ILE A 313 2.94 -13.09 27.79
N ILE A 314 3.41 -13.94 28.72
CA ILE A 314 3.54 -15.39 28.49
C ILE A 314 3.22 -16.20 29.75
N HIS A 315 2.96 -17.49 29.56
CA HIS A 315 2.44 -18.37 30.62
C HIS A 315 3.45 -19.46 30.99
N PHE A 329 4.21 -13.82 32.95
CA PHE A 329 5.07 -12.66 33.22
C PHE A 329 5.43 -11.90 31.94
N ARG A 330 6.13 -10.77 32.10
CA ARG A 330 6.48 -9.88 30.99
C ARG A 330 7.77 -10.30 30.31
N TYR A 331 7.66 -10.76 29.06
CA TYR A 331 8.79 -11.26 28.29
C TYR A 331 8.83 -10.51 26.96
N PRO A 332 9.78 -9.55 26.82
CA PRO A 332 9.85 -8.84 25.55
C PRO A 332 10.52 -9.69 24.47
N LYS A 333 9.72 -10.42 23.70
CA LYS A 333 10.25 -11.26 22.62
C LYS A 333 10.72 -10.38 21.45
N THR A 334 11.78 -10.82 20.76
CA THR A 334 12.45 -10.02 19.73
C THR A 334 11.49 -9.43 18.68
N GLY A 335 11.69 -8.15 18.37
CA GLY A 335 10.81 -7.41 17.47
C GLY A 335 9.71 -6.62 18.17
N THR A 336 9.31 -7.06 19.36
CA THR A 336 8.20 -6.44 20.11
C THR A 336 8.74 -5.35 21.05
N ALA A 337 7.84 -4.72 21.80
CA ALA A 337 8.22 -3.61 22.69
C ALA A 337 8.98 -4.04 23.93
N ASN A 338 9.98 -3.26 24.29
CA ASN A 338 10.64 -3.34 25.59
C ASN A 338 9.85 -2.47 26.57
N PRO A 339 10.17 -2.54 27.87
CA PRO A 339 9.52 -1.65 28.84
C PRO A 339 9.71 -0.16 28.51
N LYS A 340 8.75 0.66 28.93
CA LYS A 340 8.90 2.12 28.87
C LYS A 340 9.64 2.49 30.15
N VAL A 341 10.81 3.14 30.00
CA VAL A 341 11.69 3.43 31.14
C VAL A 341 11.99 4.91 31.30
N THR A 342 12.33 5.28 32.52
CA THR A 342 12.79 6.63 32.83
C THR A 342 13.59 6.64 34.13
N PHE A 343 14.23 7.77 34.40
CA PHE A 343 14.86 8.02 35.68
C PHE A 343 13.93 8.88 36.53
N LYS A 344 13.88 8.53 37.81
CA LYS A 344 13.21 9.33 38.83
C LYS A 344 14.21 9.53 39.96
N MET A 345 13.91 10.46 40.86
CA MET A 345 14.71 10.65 42.06
C MET A 345 13.84 10.92 43.27
N SER A 346 14.19 10.28 44.39
CA SER A 346 13.49 10.47 45.65
C SER A 346 14.36 11.35 46.53
N GLU A 347 13.81 12.50 46.92
CA GLU A 347 14.48 13.46 47.78
C GLU A 347 13.88 13.32 49.18
N ILE A 348 14.72 13.05 50.18
CA ILE A 348 14.29 12.64 51.52
C ILE A 348 14.87 13.59 52.57
N MET A 349 14.04 14.52 53.05
CA MET A 349 14.45 15.46 54.11
C MET A 349 14.39 14.78 55.48
N ILE A 350 15.55 14.66 56.13
CA ILE A 350 15.66 14.15 57.50
C ILE A 350 16.02 15.34 58.41
N ASP A 351 15.46 15.37 59.63
CA ASP A 351 15.76 16.43 60.61
C ASP A 351 17.03 16.12 61.42
N ALA A 352 17.33 16.92 62.45
CA ALA A 352 18.59 16.78 63.20
C ALA A 352 18.73 15.51 64.04
N GLU A 353 17.62 14.80 64.31
CA GLU A 353 17.65 13.55 65.09
C GLU A 353 17.11 12.33 64.30
N GLY A 354 17.43 12.28 63.00
CA GLY A 354 17.14 11.12 62.15
C GLY A 354 15.68 10.79 61.90
N ARG A 355 14.82 11.81 61.95
CA ARG A 355 13.38 11.66 61.70
C ARG A 355 13.04 12.28 60.35
N ILE A 356 12.16 11.63 59.59
CA ILE A 356 11.79 12.11 58.25
C ILE A 356 10.85 13.30 58.38
N ILE A 357 11.22 14.41 57.74
CA ILE A 357 10.35 15.57 57.62
C ILE A 357 9.40 15.33 56.46
N ASP A 358 9.95 15.13 55.27
CA ASP A 358 9.16 15.01 54.04
C ASP A 358 9.86 14.13 53.02
N VAL A 359 9.08 13.60 52.07
CA VAL A 359 9.59 12.84 50.94
C VAL A 359 9.00 13.42 49.65
N ILE A 360 9.87 13.98 48.81
CA ILE A 360 9.46 14.58 47.54
C ILE A 360 9.93 13.66 46.40
N ASP A 361 8.96 13.06 45.71
CA ASP A 361 9.23 12.24 44.54
C ASP A 361 9.42 13.16 43.33
N LYS A 362 10.56 13.04 42.66
CA LYS A 362 10.96 13.96 41.58
C LYS A 362 11.18 13.24 40.25
N GLU A 363 10.62 13.83 39.18
CA GLU A 363 10.73 13.28 37.81
C GLU A 363 11.66 14.16 36.97
N LEU A 364 12.02 13.70 35.78
CA LEU A 364 12.87 14.48 34.87
C LEU A 364 12.14 15.72 34.35
N ILE A 365 12.90 16.79 34.11
CA ILE A 365 12.36 18.06 33.63
C ILE A 365 11.70 17.96 32.24
N GLN A 366 12.33 17.19 31.35
CA GLN A 366 11.75 16.82 30.06
C GLN A 366 11.72 15.29 29.99
N PRO A 367 10.85 14.72 29.12
CA PRO A 367 10.75 13.24 29.04
C PRO A 367 12.08 12.54 28.71
N PHE A 368 12.18 11.28 29.12
CA PHE A 368 13.37 10.45 28.89
C PHE A 368 13.72 10.32 27.40
N GLU A 369 12.70 10.26 26.56
CA GLU A 369 12.86 10.10 25.10
C GLU A 369 13.47 11.34 24.42
N ILE A 370 13.29 12.52 25.03
CA ILE A 370 13.83 13.78 24.50
C ILE A 370 15.27 13.99 24.96
N LEU A 371 15.51 13.88 26.26
CA LEU A 371 16.84 14.10 26.86
C LEU A 371 17.88 13.05 26.46
N PHE A 372 17.44 11.80 26.27
CA PHE A 372 18.32 10.71 25.86
C PHE A 372 17.78 10.08 24.58
N GLU A 373 18.01 10.78 23.46
CA GLU A 373 17.52 10.37 22.14
C GLU A 373 18.01 8.97 21.76
N GLY A 374 17.06 8.09 21.41
CA GLY A 374 17.37 6.76 20.88
C GLY A 374 17.84 5.69 21.87
N VAL A 375 17.59 5.88 23.16
CA VAL A 375 18.04 4.95 24.21
C VAL A 375 16.94 3.94 24.55
N GLU A 376 17.23 2.64 24.42
CA GLU A 376 16.32 1.56 24.88
C GLU A 376 16.64 1.15 26.31
N TYR A 377 17.90 0.80 26.54
CA TYR A 377 18.32 0.13 27.77
C TYR A 377 19.19 1.03 28.65
N ILE A 378 18.80 1.16 29.92
CA ILE A 378 19.71 1.66 30.94
C ILE A 378 20.55 0.45 31.38
N ALA A 379 21.78 0.37 30.89
CA ALA A 379 22.64 -0.80 31.12
C ALA A 379 23.27 -0.77 32.51
N ARG A 380 23.79 0.39 32.90
CA ARG A 380 24.42 0.58 34.21
C ARG A 380 24.09 1.97 34.73
N ALA A 381 24.21 2.14 36.05
CA ALA A 381 24.03 3.45 36.67
C ALA A 381 24.65 3.52 38.07
N GLY A 382 24.87 4.74 38.52
CA GLY A 382 25.51 4.99 39.82
C GLY A 382 25.66 6.48 40.07
N TRP A 383 26.58 6.81 40.96
CA TRP A 383 26.90 8.21 41.26
C TRP A 383 28.40 8.43 41.18
N THR A 384 28.78 9.70 40.99
CA THR A 384 30.19 10.11 41.10
C THR A 384 30.61 10.01 42.57
N PRO A 385 31.92 9.89 42.85
CA PRO A 385 32.40 9.78 44.23
C PRO A 385 31.88 10.85 45.21
N GLU A 386 31.84 12.11 44.75
CA GLU A 386 31.35 13.23 45.57
C GLU A 386 29.83 13.36 45.55
N GLY A 387 29.17 12.63 44.65
CA GLY A 387 27.71 12.64 44.55
C GLY A 387 27.15 13.88 43.90
N LYS A 388 27.96 14.57 43.11
CA LYS A 388 27.52 15.79 42.43
C LYS A 388 26.66 15.46 41.23
N TYR A 389 27.06 14.41 40.50
CA TYR A 389 26.29 13.89 39.35
C TYR A 389 25.91 12.42 39.58
N ALA A 390 24.78 12.03 39.02
CA ALA A 390 24.48 10.61 38.77
C ALA A 390 25.03 10.27 37.40
N TRP A 391 25.57 9.06 37.23
CA TRP A 391 26.01 8.61 35.90
C TRP A 391 25.18 7.43 35.40
N SER A 392 25.24 7.20 34.09
CA SER A 392 24.52 6.10 33.46
C SER A 392 25.13 5.70 32.12
N ILE A 393 25.32 4.40 31.91
CA ILE A 393 25.76 3.85 30.63
C ILE A 393 24.52 3.39 29.87
N LEU A 394 24.28 4.00 28.70
CA LEU A 394 23.02 3.85 27.96
C LEU A 394 23.25 3.24 26.58
N LEU A 395 22.34 2.35 26.17
CA LEU A 395 22.43 1.67 24.88
C LEU A 395 21.22 2.00 24.03
N ASP A 396 21.42 1.96 22.71
CA ASP A 396 20.31 2.01 21.75
C ASP A 396 19.76 0.60 21.50
N ARG A 397 18.64 0.50 20.78
CA ARG A 397 18.01 -0.80 20.52
C ARG A 397 18.90 -1.80 19.78
N SER A 398 19.65 -1.31 18.80
CA SER A 398 20.57 -2.16 18.02
C SER A 398 21.80 -2.61 18.82
N GLN A 399 22.08 -1.92 19.93
CA GLN A 399 23.20 -2.21 20.82
C GLN A 399 24.55 -2.02 20.12
N THR A 400 24.58 -1.02 19.24
CA THR A 400 25.78 -0.59 18.52
C THR A 400 26.21 0.84 18.90
N ARG A 401 25.51 1.48 19.83
CA ARG A 401 25.87 2.81 20.33
C ARG A 401 25.77 2.87 21.85
N LEU A 402 26.91 3.08 22.51
CA LEU A 402 26.99 3.27 23.95
C LEU A 402 27.23 4.74 24.27
N GLN A 403 26.61 5.22 25.35
CA GLN A 403 26.79 6.60 25.83
C GLN A 403 26.96 6.58 27.34
N ILE A 404 28.02 7.19 27.84
CA ILE A 404 28.21 7.40 29.27
C ILE A 404 27.74 8.84 29.55
N VAL A 405 26.67 8.98 30.34
CA VAL A 405 25.96 10.24 30.49
C VAL A 405 25.82 10.67 31.94
N LEU A 406 26.34 11.84 32.29
CA LEU A 406 26.15 12.43 33.62
C LEU A 406 24.80 13.15 33.71
N ILE A 407 24.12 12.94 34.83
CA ILE A 407 22.78 13.48 35.08
C ILE A 407 22.81 14.20 36.42
N SER A 408 22.68 15.53 36.39
CA SER A 408 22.66 16.33 37.62
C SER A 408 21.33 16.13 38.33
N PRO A 409 21.36 16.10 39.68
CA PRO A 409 20.11 16.13 40.46
C PRO A 409 19.17 17.30 40.13
N GLU A 410 19.72 18.41 39.64
CA GLU A 410 18.94 19.58 39.25
C GLU A 410 18.05 19.38 38.01
N LEU A 411 18.36 18.37 37.19
CA LEU A 411 17.46 17.96 36.09
C LEU A 411 16.11 17.42 36.56
N PHE A 412 16.01 17.02 37.82
CA PHE A 412 14.78 16.49 38.39
C PHE A 412 13.97 17.57 39.12
N ILE A 413 12.66 17.59 38.85
CA ILE A 413 11.72 18.50 39.52
C ILE A 413 10.62 17.69 40.20
N PRO A 414 9.95 18.26 41.23
CA PRO A 414 8.85 17.53 41.87
C PRO A 414 7.70 17.18 40.93
N VAL A 415 7.03 16.07 41.19
CA VAL A 415 5.89 15.63 40.39
C VAL A 415 4.69 16.49 40.77
N GLU A 416 4.09 17.15 39.78
CA GLU A 416 2.91 18.00 39.96
C GLU A 416 1.94 17.81 38.81
N ASP A 417 0.80 17.17 39.08
CA ASP A 417 -0.28 17.07 38.09
C ASP A 417 -0.98 18.42 37.83
N ASP A 418 -0.83 19.37 38.76
CA ASP A 418 -1.25 20.76 38.55
C ASP A 418 -0.29 21.45 37.57
N VAL A 419 -0.78 21.78 36.38
CA VAL A 419 0.04 22.39 35.32
C VAL A 419 0.51 23.82 35.63
N MET A 420 -0.22 24.53 36.49
CA MET A 420 0.13 25.89 36.92
C MET A 420 1.45 25.90 37.72
N GLU A 421 1.49 25.07 38.76
CA GLU A 421 2.68 24.94 39.61
C GLU A 421 3.84 24.27 38.88
N ARG A 422 3.53 23.27 38.06
CA ARG A 422 4.52 22.53 37.25
C ARG A 422 5.27 23.45 36.29
N GLN A 423 4.55 24.36 35.64
CA GLN A 423 5.13 25.29 34.66
C GLN A 423 6.14 26.26 35.28
N ARG A 424 5.90 26.66 36.53
CA ARG A 424 6.83 27.50 37.29
C ARG A 424 8.13 26.74 37.61
N LEU A 425 8.00 25.46 37.96
CA LEU A 425 9.15 24.61 38.29
C LEU A 425 10.06 24.32 37.08
N ILE A 426 9.47 24.22 35.88
CA ILE A 426 10.23 23.99 34.64
C ILE A 426 11.05 25.24 34.28
N GLU A 427 10.43 26.40 34.39
CA GLU A 427 11.09 27.69 34.08
C GLU A 427 12.12 28.10 35.14
N SER A 428 11.94 27.65 36.40
CA SER A 428 12.88 27.95 37.49
C SER A 428 14.24 27.26 37.36
N VAL A 429 14.28 26.09 36.69
CA VAL A 429 15.53 25.35 36.48
C VAL A 429 16.33 26.00 35.35
N PRO A 430 17.63 26.30 35.57
CA PRO A 430 18.48 26.92 34.54
C PRO A 430 18.60 26.13 33.22
N ASP A 431 18.88 26.84 32.13
CA ASP A 431 19.15 26.22 30.83
C ASP A 431 20.53 25.56 30.77
N SER A 432 21.49 26.08 31.52
CA SER A 432 22.83 25.47 31.63
C SER A 432 22.79 24.06 32.24
N VAL A 433 21.79 23.81 33.09
CA VAL A 433 21.53 22.48 33.65
C VAL A 433 20.97 21.57 32.54
N THR A 434 21.78 20.59 32.16
CA THR A 434 21.57 19.80 30.96
C THR A 434 22.27 18.45 31.09
N PRO A 435 21.76 17.40 30.39
CA PRO A 435 22.51 16.13 30.38
C PRO A 435 23.87 16.27 29.73
N LEU A 436 24.85 15.52 30.22
CA LEU A 436 26.24 15.63 29.78
C LEU A 436 26.75 14.29 29.31
N ILE A 437 26.78 14.09 28.00
CA ILE A 437 27.31 12.85 27.41
C ILE A 437 28.84 12.94 27.40
N ILE A 438 29.46 12.41 28.44
CA ILE A 438 30.93 12.46 28.60
C ILE A 438 31.72 11.47 27.72
N TYR A 439 31.03 10.55 27.06
CA TYR A 439 31.69 9.58 26.20
C TYR A 439 30.65 8.98 25.26
N GLU A 440 31.07 8.62 24.05
CA GLU A 440 30.21 7.96 23.07
C GLU A 440 31.06 7.11 22.13
N GLU A 441 30.57 5.92 21.80
CA GLU A 441 31.27 4.99 20.92
C GLU A 441 30.29 4.18 20.09
N THR A 442 30.77 3.69 18.94
CA THR A 442 29.96 2.91 18.01
C THR A 442 30.71 1.71 17.47
N THR A 443 29.97 0.77 16.89
CA THR A 443 30.54 -0.44 16.31
C THR A 443 29.58 -1.05 15.30
N ASP A 444 30.15 -1.79 14.35
CA ASP A 444 29.36 -2.54 13.36
C ASP A 444 29.07 -3.95 13.84
N ILE A 445 29.72 -4.37 14.94
CA ILE A 445 29.51 -5.69 15.53
C ILE A 445 28.46 -5.54 16.63
N TRP A 446 28.88 -5.33 17.88
CA TRP A 446 27.96 -5.02 18.98
C TRP A 446 28.72 -4.53 20.20
N ILE A 447 28.04 -3.75 21.03
CA ILE A 447 28.60 -3.30 22.31
C ILE A 447 28.45 -4.44 23.31
N ASN A 448 29.49 -4.67 24.10
CA ASN A 448 29.48 -5.66 25.18
C ASN A 448 29.57 -4.93 26.51
N ILE A 449 28.46 -4.93 27.26
CA ILE A 449 28.40 -4.26 28.56
C ILE A 449 29.31 -5.00 29.54
N HIS A 450 29.99 -4.22 30.38
CA HIS A 450 30.88 -4.73 31.43
C HIS A 450 30.74 -3.88 32.69
N ASP A 451 31.42 -4.28 33.76
CA ASP A 451 31.31 -3.64 35.07
C ASP A 451 32.45 -2.65 35.40
N ILE A 452 33.35 -2.40 34.45
CA ILE A 452 34.44 -1.42 34.61
C ILE A 452 33.99 0.02 34.32
N PHE A 453 34.10 0.88 35.34
CA PHE A 453 33.93 2.34 35.21
C PHE A 453 34.38 3.02 36.50
N HIS A 454 35.54 3.69 36.46
CA HIS A 454 36.11 4.36 37.63
C HIS A 454 36.20 5.86 37.37
N VAL A 455 35.64 6.65 38.27
CA VAL A 455 35.64 8.12 38.17
C VAL A 455 36.56 8.69 39.24
N PHE A 456 37.59 9.43 38.83
CA PHE A 456 38.50 10.10 39.76
C PHE A 456 37.83 11.30 40.43
N PRO A 457 38.33 11.71 41.62
CA PRO A 457 37.83 12.94 42.26
C PRO A 457 37.98 14.16 41.34
N GLN A 458 36.98 15.04 41.38
CA GLN A 458 36.90 16.16 40.44
C GLN A 458 37.81 17.31 40.91
N SER A 459 38.92 17.52 40.20
CA SER A 459 39.88 18.58 40.53
C SER A 459 39.40 19.94 40.01
N HIS A 460 39.11 20.00 38.70
CA HIS A 460 38.60 21.21 38.06
C HIS A 460 37.08 21.15 37.97
N GLU A 461 36.44 22.31 37.99
CA GLU A 461 34.97 22.42 37.97
C GLU A 461 34.33 21.98 36.63
N GLU A 462 35.06 22.16 35.53
CA GLU A 462 34.54 21.93 34.17
C GLU A 462 35.26 20.78 33.47
N GLU A 463 35.70 19.78 34.23
CA GLU A 463 36.32 18.57 33.68
C GLU A 463 36.00 17.37 34.55
N ILE A 464 35.88 16.20 33.91
CA ILE A 464 35.74 14.92 34.63
C ILE A 464 36.71 13.90 34.05
N GLU A 465 37.34 13.14 34.94
CA GLU A 465 38.42 12.24 34.60
C GLU A 465 38.00 10.83 35.02
N PHE A 466 38.04 9.89 34.06
CA PHE A 466 37.63 8.50 34.34
C PHE A 466 38.39 7.46 33.51
N ILE A 467 38.44 6.23 34.04
CA ILE A 467 38.92 5.06 33.30
C ILE A 467 37.69 4.28 32.84
N PHE A 468 37.77 3.80 31.60
CA PHE A 468 36.70 2.99 30.99
C PHE A 468 37.36 1.92 30.11
N ALA A 469 36.63 0.84 29.83
CA ALA A 469 37.12 -0.23 28.97
C ALA A 469 36.29 -0.28 27.69
N SER A 470 36.92 -0.63 26.57
CA SER A 470 36.23 -0.67 25.28
C SER A 470 36.92 -1.55 24.24
N GLU A 471 36.09 -2.20 23.42
CA GLU A 471 36.52 -2.98 22.26
C GLU A 471 36.43 -2.18 20.95
N CYS A 472 35.86 -0.98 20.99
CA CYS A 472 35.49 -0.23 19.77
C CYS A 472 36.65 0.37 18.96
N LYS A 473 37.79 0.64 19.61
CA LYS A 473 38.95 1.22 18.93
C LYS A 473 39.70 0.16 18.13
N THR A 474 40.06 -0.95 18.80
CA THR A 474 40.96 -1.96 18.24
C THR A 474 40.37 -3.36 18.06
N GLY A 475 39.11 -3.56 18.49
CA GLY A 475 38.50 -4.91 18.50
C GLY A 475 38.90 -5.82 19.65
N PHE A 476 39.60 -5.28 20.64
CA PHE A 476 39.89 -5.99 21.90
C PHE A 476 39.62 -5.04 23.06
N ARG A 477 39.11 -5.58 24.17
CA ARG A 477 38.74 -4.74 25.32
C ARG A 477 39.99 -4.24 26.00
N HIS A 478 40.17 -2.91 25.98
CA HIS A 478 41.32 -2.29 26.64
C HIS A 478 40.90 -1.10 27.46
N LEU A 479 41.73 -0.78 28.46
CA LEU A 479 41.45 0.32 29.38
C LEU A 479 41.93 1.63 28.75
N TYR A 480 41.10 2.67 28.88
CA TYR A 480 41.40 4.00 28.38
C TYR A 480 41.12 5.03 29.47
N LYS A 481 42.09 5.90 29.74
CA LYS A 481 41.89 7.05 30.62
C LYS A 481 41.39 8.20 29.77
N ILE A 482 40.21 8.71 30.09
CA ILE A 482 39.55 9.75 29.31
C ILE A 482 39.28 10.95 30.20
N THR A 483 39.56 12.14 29.67
CA THR A 483 39.20 13.40 30.30
C THR A 483 38.21 14.09 29.37
N SER A 484 37.08 14.53 29.90
CA SER A 484 36.00 15.14 29.11
C SER A 484 35.64 16.50 29.69
N ILE A 485 35.33 17.44 28.81
CA ILE A 485 35.06 18.83 29.20
C ILE A 485 33.56 19.04 29.35
N LEU A 486 33.14 19.49 30.53
CA LEU A 486 31.74 19.73 30.85
C LEU A 486 31.30 21.11 30.36
N LYS A 487 30.97 21.18 29.07
CA LYS A 487 30.52 22.42 28.43
C LYS A 487 29.10 22.77 28.85
N GLU A 488 28.77 24.06 28.81
CA GLU A 488 27.38 24.49 28.79
C GLU A 488 26.85 24.12 27.41
N SER A 489 25.63 23.57 27.35
CA SER A 489 25.07 23.08 26.10
C SER A 489 24.60 24.23 25.20
N LYS A 490 24.76 24.02 23.89
CA LYS A 490 24.28 24.97 22.88
C LYS A 490 22.75 25.03 22.86
N TYR A 491 22.12 23.88 23.10
CA TYR A 491 20.66 23.80 23.25
C TYR A 491 20.21 24.53 24.51
N LYS A 492 19.20 25.38 24.36
CA LYS A 492 18.59 26.11 25.46
C LYS A 492 17.11 25.76 25.53
N ARG A 493 16.66 25.36 26.73
CA ARG A 493 15.31 24.87 26.96
C ARG A 493 14.25 25.98 26.91
N SER A 494 14.66 27.23 27.15
CA SER A 494 13.77 28.41 27.09
C SER A 494 13.23 28.69 25.68
N SER A 495 14.03 28.37 24.65
CA SER A 495 13.60 28.48 23.26
C SER A 495 12.31 27.72 22.93
N GLY A 496 12.05 26.63 23.67
CA GLY A 496 10.81 25.87 23.54
C GLY A 496 10.81 24.86 22.40
N GLY A 497 12.00 24.50 21.91
CA GLY A 497 12.17 23.45 20.90
C GLY A 497 12.80 22.22 21.52
N LEU A 498 13.02 21.20 20.69
CA LEU A 498 13.65 19.96 21.11
C LEU A 498 15.15 20.02 20.82
N PRO A 499 15.99 19.28 21.58
CA PRO A 499 17.43 19.29 21.33
C PRO A 499 17.82 18.45 20.11
N ALA A 500 18.93 18.83 19.48
CA ALA A 500 19.46 18.12 18.31
C ALA A 500 20.15 16.82 18.76
N PRO A 501 20.48 15.93 17.79
CA PRO A 501 21.12 14.65 18.16
C PRO A 501 22.43 14.74 18.96
N SER A 502 23.23 15.79 18.74
CA SER A 502 24.56 15.90 19.38
C SER A 502 24.77 17.17 20.22
N ASP A 503 23.68 17.79 20.67
CA ASP A 503 23.77 19.02 21.47
C ASP A 503 24.29 18.82 22.91
N PHE A 504 24.21 17.59 23.43
CA PHE A 504 24.73 17.27 24.77
C PHE A 504 26.11 16.62 24.79
N LYS A 505 26.74 16.43 23.62
CA LYS A 505 28.05 15.77 23.55
C LYS A 505 29.17 16.63 24.13
N CYS A 506 29.86 16.09 25.12
CA CYS A 506 31.00 16.76 25.75
C CYS A 506 32.26 16.54 24.90
N PRO A 507 33.04 17.61 24.65
CA PRO A 507 34.34 17.43 24.02
C PRO A 507 35.29 16.56 24.82
N ILE A 508 36.02 15.69 24.13
CA ILE A 508 37.03 14.83 24.74
C ILE A 508 38.33 15.62 24.68
N LYS A 509 38.86 16.00 25.84
CA LYS A 509 40.16 16.69 25.90
C LYS A 509 41.29 15.71 25.66
N GLU A 510 41.27 14.60 26.39
CA GLU A 510 42.34 13.60 26.38
C GLU A 510 41.75 12.20 26.28
N GLU A 511 42.50 11.27 25.68
CA GLU A 511 42.09 9.86 25.59
C GLU A 511 43.33 8.97 25.42
N ILE A 512 43.97 8.66 26.55
CA ILE A 512 45.18 7.83 26.57
C ILE A 512 44.78 6.36 26.60
N ALA A 513 45.42 5.55 25.77
CA ALA A 513 45.30 4.10 25.84
C ALA A 513 46.23 3.58 26.94
N ILE A 514 45.66 2.89 27.93
CA ILE A 514 46.40 2.34 29.06
C ILE A 514 46.94 0.94 28.73
N THR A 515 46.15 0.15 28.00
CA THR A 515 46.57 -1.17 27.54
C THR A 515 46.31 -1.34 26.04
N SER A 516 47.03 -2.27 25.42
CA SER A 516 46.85 -2.58 23.98
C SER A 516 47.41 -3.96 23.64
N GLY A 517 47.02 -4.48 22.47
CA GLY A 517 47.46 -5.79 21.99
C GLY A 517 46.33 -6.71 21.55
N GLU A 518 46.71 -7.93 21.18
CA GLU A 518 45.78 -8.96 20.67
C GLU A 518 45.28 -9.84 21.82
N TRP A 519 44.66 -9.17 22.79
CA TRP A 519 44.21 -9.78 24.05
C TRP A 519 43.29 -8.79 24.74
N GLU A 520 42.42 -9.27 25.62
CA GLU A 520 41.40 -8.41 26.25
C GLU A 520 41.54 -8.26 27.76
N VAL A 521 41.07 -7.12 28.26
CA VAL A 521 40.84 -6.90 29.67
C VAL A 521 39.46 -7.47 29.99
N LEU A 522 39.33 -8.07 31.17
CA LEU A 522 38.11 -8.73 31.59
C LEU A 522 37.30 -7.82 32.52
N GLY A 523 36.05 -7.57 32.15
CA GLY A 523 35.14 -6.69 32.90
C GLY A 523 33.79 -7.30 33.26
N ARG A 524 33.68 -8.63 33.21
CA ARG A 524 32.43 -9.35 33.51
C ARG A 524 32.64 -10.45 34.54
N HIS A 525 31.53 -10.91 35.13
CA HIS A 525 31.49 -12.07 36.03
C HIS A 525 32.39 -11.97 37.26
N GLY A 526 32.56 -10.76 37.79
CA GLY A 526 33.40 -10.51 38.95
C GLY A 526 34.73 -9.84 38.62
N SER A 527 35.19 -9.99 37.38
CA SER A 527 36.40 -9.31 36.93
C SER A 527 36.15 -7.82 36.83
N ASN A 528 37.00 -7.04 37.48
CA ASN A 528 36.91 -5.58 37.46
C ASN A 528 38.32 -5.00 37.57
N ILE A 529 38.42 -3.71 37.88
CA ILE A 529 39.71 -3.05 38.10
C ILE A 529 39.77 -2.49 39.52
N GLN A 530 40.99 -2.45 40.06
CA GLN A 530 41.27 -1.74 41.31
C GLN A 530 42.27 -0.63 41.00
N VAL A 531 41.84 0.61 41.20
CA VAL A 531 42.67 1.78 40.93
C VAL A 531 43.35 2.28 42.21
N ASP A 532 44.68 2.19 42.22
CA ASP A 532 45.51 2.77 43.28
C ASP A 532 45.77 4.24 42.96
N GLU A 533 44.96 5.14 43.53
CA GLU A 533 45.11 6.58 43.26
C GLU A 533 46.37 7.22 43.84
N VAL A 534 46.98 6.58 44.84
CA VAL A 534 48.23 7.08 45.45
C VAL A 534 49.42 6.84 44.50
N ARG A 535 49.74 5.57 44.28
CA ARG A 535 50.84 5.18 43.36
C ARG A 535 50.48 5.32 41.88
N ARG A 536 49.22 5.64 41.57
CA ARG A 536 48.75 5.94 40.22
C ARG A 536 48.89 4.72 39.30
N LEU A 537 48.39 3.58 39.79
CA LEU A 537 48.40 2.30 39.09
C LEU A 537 46.97 1.83 38.88
N VAL A 538 46.82 0.76 38.09
CA VAL A 538 45.52 0.08 37.93
C VAL A 538 45.74 -1.42 37.78
N TYR A 539 45.14 -2.18 38.70
CA TYR A 539 45.18 -3.64 38.65
C TYR A 539 43.98 -4.10 37.83
N PHE A 540 44.18 -5.13 37.01
CA PHE A 540 43.13 -5.64 36.12
C PHE A 540 43.40 -7.09 35.73
N GLU A 541 42.34 -7.80 35.34
CA GLU A 541 42.47 -9.17 34.83
C GLU A 541 42.47 -9.15 33.32
N GLY A 542 43.19 -10.09 32.71
CA GLY A 542 43.31 -10.14 31.26
C GLY A 542 43.80 -11.45 30.67
N THR A 543 43.82 -11.50 29.34
CA THR A 543 44.20 -12.70 28.58
C THR A 543 45.55 -12.56 27.83
N LYS A 544 46.44 -11.70 28.34
CA LYS A 544 47.68 -11.35 27.64
C LYS A 544 48.63 -12.53 27.46
N ASP A 545 48.85 -13.28 28.53
CA ASP A 545 49.71 -14.46 28.47
C ASP A 545 49.09 -15.62 27.70
N SER A 546 47.76 -15.74 27.75
CA SER A 546 47.05 -16.81 27.03
C SER A 546 45.54 -16.58 27.01
N PRO A 547 44.87 -17.00 25.93
CA PRO A 547 43.40 -17.04 25.94
C PRO A 547 42.81 -18.20 26.75
N LEU A 548 43.65 -19.14 27.21
CA LEU A 548 43.22 -20.23 28.08
C LEU A 548 43.43 -19.93 29.57
N GLU A 549 43.96 -18.75 29.92
CA GLU A 549 44.26 -18.43 31.32
C GLU A 549 43.99 -16.94 31.61
N HIS A 550 43.17 -16.67 32.61
CA HIS A 550 43.02 -15.31 33.14
C HIS A 550 44.14 -15.04 34.13
N HIS A 551 44.74 -13.86 34.06
CA HIS A 551 45.83 -13.48 34.98
C HIS A 551 45.67 -12.06 35.49
N LEU A 552 46.23 -11.81 36.67
CA LEU A 552 46.25 -10.46 37.25
C LEU A 552 47.46 -9.67 36.74
N TYR A 553 47.22 -8.45 36.29
CA TYR A 553 48.27 -7.55 35.81
C TYR A 553 48.15 -6.20 36.49
N VAL A 554 49.23 -5.43 36.45
CA VAL A 554 49.25 -4.05 36.94
C VAL A 554 50.00 -3.15 35.95
N VAL A 555 49.57 -1.90 35.86
CA VAL A 555 50.17 -0.92 34.96
C VAL A 555 49.84 0.50 35.45
N SER A 556 50.70 1.46 35.12
CA SER A 556 50.43 2.87 35.42
C SER A 556 49.34 3.41 34.49
N TYR A 557 48.58 4.40 34.96
CA TYR A 557 47.56 5.08 34.13
C TYR A 557 47.92 6.53 33.75
N VAL A 558 49.09 7.02 34.18
CA VAL A 558 49.60 8.32 33.75
C VAL A 558 50.63 8.12 32.64
N ASN A 559 51.64 7.31 32.92
CA ASN A 559 52.66 6.93 31.94
C ASN A 559 52.57 5.44 31.68
N PRO A 560 51.60 5.00 30.86
CA PRO A 560 51.41 3.57 30.63
C PRO A 560 52.53 2.97 29.79
N GLY A 561 52.95 1.76 30.16
CA GLY A 561 54.00 1.06 29.42
C GLY A 561 54.09 -0.40 29.79
N GLU A 562 54.98 -0.70 30.74
CA GLU A 562 55.26 -2.07 31.14
C GLU A 562 54.06 -2.66 31.91
N VAL A 563 53.38 -3.63 31.30
CA VAL A 563 52.31 -4.37 31.95
C VAL A 563 52.95 -5.54 32.70
N THR A 564 52.70 -5.62 34.01
CA THR A 564 53.37 -6.59 34.89
C THR A 564 52.40 -7.65 35.39
N ARG A 565 52.61 -8.90 34.99
CA ARG A 565 51.81 -10.03 35.46
C ARG A 565 52.13 -10.37 36.90
N LEU A 566 51.11 -10.48 37.74
CA LEU A 566 51.25 -10.78 39.16
C LEU A 566 50.91 -12.23 39.53
N THR A 567 50.16 -12.94 38.69
CA THR A 567 49.77 -14.32 38.96
C THR A 567 50.69 -15.31 38.22
N ASP A 568 50.86 -16.50 38.81
CA ASP A 568 51.78 -17.52 38.28
C ASP A 568 51.17 -18.25 37.07
N ARG A 569 51.97 -18.45 36.03
CA ARG A 569 51.54 -19.19 34.84
C ARG A 569 51.29 -20.67 35.15
N GLY A 570 50.46 -21.30 34.33
CA GLY A 570 50.03 -22.68 34.53
C GLY A 570 48.73 -22.83 35.30
N TYR A 571 48.12 -21.71 35.69
CA TYR A 571 46.78 -21.70 36.27
C TYR A 571 45.98 -20.56 35.66
N SER A 572 44.65 -20.67 35.67
CA SER A 572 43.76 -19.54 35.42
C SER A 572 43.36 -18.96 36.77
N HIS A 573 43.21 -17.65 36.84
CA HIS A 573 43.05 -16.94 38.10
C HIS A 573 41.85 -16.02 38.09
N SER A 574 41.10 -16.03 39.19
CA SER A 574 40.05 -15.05 39.46
C SER A 574 40.48 -14.33 40.74
N CYS A 575 40.62 -12.99 40.66
CA CYS A 575 41.31 -12.24 41.70
C CYS A 575 40.50 -11.10 42.32
N CYS A 576 40.65 -10.95 43.64
CA CYS A 576 40.13 -9.81 44.39
C CYS A 576 41.34 -9.03 44.89
N ILE A 577 41.36 -7.72 44.67
CA ILE A 577 42.44 -6.86 45.16
C ILE A 577 41.89 -6.00 46.29
N SER A 578 42.67 -5.90 47.36
CA SER A 578 42.32 -5.05 48.51
C SER A 578 42.11 -3.60 48.09
N GLN A 579 41.25 -2.90 48.82
CA GLN A 579 41.05 -1.46 48.63
C GLN A 579 42.31 -0.63 48.95
N HIS A 580 43.17 -1.18 49.82
CA HIS A 580 44.43 -0.53 50.20
C HIS A 580 45.60 -0.89 49.26
N CYS A 581 45.38 -1.80 48.31
CA CYS A 581 46.33 -2.13 47.23
C CYS A 581 47.68 -2.69 47.70
N ASP A 582 47.67 -3.33 48.85
CA ASP A 582 48.85 -4.03 49.38
C ASP A 582 48.63 -5.53 49.56
N PHE A 583 47.45 -6.03 49.16
CA PHE A 583 47.17 -7.48 49.10
C PHE A 583 46.26 -7.80 47.91
N PHE A 584 46.32 -9.05 47.46
CA PHE A 584 45.30 -9.58 46.56
C PHE A 584 45.10 -11.06 46.82
N ILE A 585 43.86 -11.51 46.64
CA ILE A 585 43.49 -12.91 46.78
C ILE A 585 43.24 -13.44 45.38
N SER A 586 43.63 -14.68 45.12
CA SER A 586 43.37 -15.34 43.84
C SER A 586 42.73 -16.70 44.06
N LYS A 587 41.58 -16.92 43.43
CA LYS A 587 41.00 -18.26 43.31
C LYS A 587 41.47 -18.83 41.98
N TYR A 588 42.25 -19.91 42.03
CA TYR A 588 42.96 -20.43 40.85
C TYR A 588 42.84 -21.95 40.70
N SER A 589 42.90 -22.40 39.45
CA SER A 589 42.87 -23.82 39.13
C SER A 589 43.54 -24.08 37.79
N ASN A 590 43.80 -25.36 37.52
CA ASN A 590 44.13 -25.81 36.18
C ASN A 590 43.43 -27.14 35.92
N GLN A 591 43.62 -27.70 34.74
CA GLN A 591 42.91 -28.92 34.33
C GLN A 591 43.09 -30.10 35.31
N LYS A 592 44.27 -30.20 35.94
CA LYS A 592 44.63 -31.35 36.80
C LYS A 592 44.31 -31.11 38.28
N ASN A 593 44.37 -29.85 38.72
CA ASN A 593 44.22 -29.48 40.13
C ASN A 593 42.95 -28.65 40.41
N PRO A 594 42.11 -29.10 41.35
CA PRO A 594 40.94 -28.33 41.81
C PRO A 594 41.25 -26.93 42.34
N HIS A 595 40.17 -26.16 42.53
CA HIS A 595 40.27 -24.75 42.92
C HIS A 595 40.96 -24.57 44.27
N CYS A 596 41.81 -23.52 44.35
CA CYS A 596 42.49 -23.09 45.57
C CYS A 596 42.20 -21.62 45.76
N VAL A 597 42.32 -21.13 46.99
CA VAL A 597 42.24 -19.70 47.28
C VAL A 597 43.41 -19.31 48.19
N SER A 598 44.23 -18.36 47.75
CA SER A 598 45.45 -17.98 48.46
C SER A 598 45.63 -16.47 48.51
N LEU A 599 46.19 -15.98 49.61
CA LEU A 599 46.46 -14.56 49.81
C LEU A 599 47.90 -14.25 49.40
N TYR A 600 48.08 -13.14 48.68
CA TYR A 600 49.39 -12.69 48.20
C TYR A 600 49.62 -11.24 48.61
N LYS A 601 50.78 -10.97 49.21
CA LYS A 601 51.17 -9.61 49.63
C LYS A 601 51.88 -8.89 48.49
N LEU A 602 51.57 -7.60 48.32
CA LEU A 602 52.18 -6.77 47.29
C LEU A 602 53.17 -5.80 47.92
N SER A 603 54.29 -5.58 47.23
CA SER A 603 55.28 -4.58 47.63
C SER A 603 56.14 -4.17 46.45
N SER A 604 56.81 -3.03 46.61
CA SER A 604 57.70 -2.47 45.60
C SER A 604 59.16 -2.65 46.05
N PRO A 605 60.10 -2.70 45.10
CA PRO A 605 61.52 -2.52 45.45
C PRO A 605 61.76 -1.08 45.92
N GLU A 606 62.68 -0.92 46.87
CA GLU A 606 63.00 0.39 47.46
C GLU A 606 63.41 1.46 46.43
N ASP A 607 64.09 1.04 45.37
CA ASP A 607 64.52 1.95 44.30
C ASP A 607 63.44 2.41 43.31
N ASP A 608 62.30 1.69 43.24
CA ASP A 608 61.24 1.97 42.25
C ASP A 608 59.84 1.59 42.77
N PRO A 609 59.05 2.57 43.26
CA PRO A 609 57.65 2.34 43.65
C PRO A 609 56.69 1.89 42.53
N THR A 610 57.03 2.19 41.28
CA THR A 610 56.23 1.76 40.12
C THR A 610 56.21 0.24 39.92
N CYS A 611 57.36 -0.39 40.12
CA CYS A 611 57.51 -1.83 39.95
C CYS A 611 56.79 -2.56 41.09
N LYS A 612 55.99 -3.56 40.73
CA LYS A 612 55.20 -4.31 41.70
C LYS A 612 55.63 -5.78 41.70
N THR A 613 55.84 -6.31 42.90
CA THR A 613 56.18 -7.71 43.13
C THR A 613 55.15 -8.28 44.10
N LYS A 614 55.06 -9.61 44.14
CA LYS A 614 54.15 -10.28 45.07
C LYS A 614 54.85 -11.42 45.80
N GLU A 615 54.37 -11.69 47.01
CA GLU A 615 54.85 -12.80 47.82
C GLU A 615 53.65 -13.57 48.38
N PHE A 616 53.73 -14.90 48.33
CA PHE A 616 52.73 -15.76 48.97
C PHE A 616 52.73 -15.50 50.46
N TRP A 617 51.54 -15.21 51.01
CA TRP A 617 51.37 -14.91 52.43
C TRP A 617 50.70 -16.05 53.18
N ALA A 618 49.55 -16.51 52.68
CA ALA A 618 48.80 -17.60 53.31
C ALA A 618 47.79 -18.27 52.38
N THR A 619 47.42 -19.51 52.71
CA THR A 619 46.33 -20.23 52.06
C THR A 619 45.02 -19.97 52.80
N ILE A 620 43.94 -19.70 52.05
CA ILE A 620 42.60 -19.53 52.61
C ILE A 620 41.78 -20.81 52.42
N LEU A 621 41.74 -21.32 51.19
CA LEU A 621 41.14 -22.63 50.90
C LEU A 621 42.18 -23.48 50.19
N ASP A 622 42.46 -24.66 50.76
CA ASP A 622 43.43 -25.58 50.20
C ASP A 622 42.69 -26.55 49.28
N SER A 623 43.31 -26.88 48.15
CA SER A 623 42.74 -27.86 47.20
C SER A 623 42.67 -29.24 47.84
N ALA A 624 41.63 -29.99 47.50
CA ALA A 624 41.53 -31.40 47.91
C ALA A 624 42.62 -32.28 47.27
N GLY A 625 43.13 -31.85 46.11
CA GLY A 625 44.19 -32.57 45.39
C GLY A 625 43.60 -33.32 44.21
N PRO A 626 44.44 -33.77 43.28
CA PRO A 626 43.92 -34.51 42.12
C PRO A 626 43.31 -35.84 42.53
N LEU A 627 42.01 -35.83 42.78
CA LEU A 627 41.22 -37.04 43.09
C LEU A 627 41.40 -38.12 42.01
N PRO A 628 41.57 -39.41 42.41
CA PRO A 628 42.06 -40.47 41.51
C PRO A 628 41.05 -40.96 40.45
N ASP A 629 39.76 -40.74 40.69
CA ASP A 629 38.68 -41.23 39.82
C ASP A 629 38.30 -40.27 38.66
N TYR A 630 38.94 -39.10 38.58
CA TYR A 630 38.79 -38.16 37.46
C TYR A 630 40.09 -38.11 36.66
N THR A 631 40.03 -38.54 35.40
CA THR A 631 41.09 -38.30 34.42
C THR A 631 40.71 -37.06 33.60
N PRO A 632 41.50 -35.97 33.72
CA PRO A 632 41.17 -34.75 32.97
C PRO A 632 41.49 -34.87 31.48
N PRO A 633 40.98 -33.92 30.66
CA PRO A 633 41.24 -33.90 29.22
C PRO A 633 42.53 -33.17 28.84
N GLU A 634 42.94 -33.32 27.59
CA GLU A 634 44.06 -32.59 27.01
C GLU A 634 43.54 -31.43 26.20
N ILE A 635 44.08 -30.23 26.42
CA ILE A 635 43.80 -29.10 25.55
C ILE A 635 44.60 -29.28 24.27
N PHE A 636 43.92 -29.23 23.13
CA PHE A 636 44.58 -29.21 21.82
C PHE A 636 44.23 -27.93 21.09
N SER A 637 44.84 -27.74 19.93
CA SER A 637 44.49 -26.65 19.03
C SER A 637 44.80 -27.00 17.59
N PHE A 638 44.25 -26.21 16.67
CA PHE A 638 44.44 -26.44 15.24
C PHE A 638 44.23 -25.15 14.47
N GLU A 639 44.99 -24.98 13.40
CA GLU A 639 44.87 -23.79 12.55
C GLU A 639 43.69 -24.00 11.60
N SER A 640 42.62 -23.25 11.84
CA SER A 640 41.40 -23.38 11.06
C SER A 640 41.56 -22.64 9.73
N THR A 641 40.91 -23.14 8.69
CA THR A 641 40.87 -22.48 7.38
C THR A 641 40.19 -21.11 7.43
N THR A 642 39.43 -20.84 8.49
CA THR A 642 38.88 -19.52 8.76
C THR A 642 39.93 -18.46 9.15
N GLY A 643 41.15 -18.89 9.49
CA GLY A 643 42.24 -17.98 9.81
C GLY A 643 42.40 -17.65 11.29
N PHE A 644 41.79 -18.47 12.15
CA PHE A 644 41.94 -18.36 13.61
C PHE A 644 42.44 -19.68 14.16
N THR A 645 43.21 -19.62 15.24
CA THR A 645 43.53 -20.83 16.01
C THR A 645 42.30 -21.13 16.85
N LEU A 646 41.74 -22.34 16.68
CA LEU A 646 40.61 -22.80 17.48
C LEU A 646 41.10 -23.82 18.48
N TYR A 647 40.71 -23.64 19.74
CA TYR A 647 41.10 -24.54 20.83
C TYR A 647 40.01 -25.55 21.14
N GLY A 648 40.40 -26.66 21.75
CA GLY A 648 39.48 -27.74 22.09
C GLY A 648 39.95 -28.55 23.28
N MET A 649 39.12 -29.51 23.70
CA MET A 649 39.46 -30.46 24.76
C MET A 649 39.19 -31.88 24.28
N LEU A 650 40.06 -32.81 24.64
CA LEU A 650 39.95 -34.21 24.23
C LEU A 650 40.01 -35.12 25.45
N TYR A 651 38.91 -35.86 25.66
CA TYR A 651 38.88 -36.92 26.64
C TYR A 651 39.13 -38.22 25.89
N LYS A 652 40.34 -38.76 26.03
CA LYS A 652 40.65 -40.08 25.48
C LYS A 652 39.86 -41.13 26.27
N PRO A 653 39.43 -42.22 25.59
CA PRO A 653 38.81 -43.33 26.32
C PRO A 653 39.78 -43.96 27.32
N HIS A 654 39.25 -44.40 28.45
CA HIS A 654 40.04 -45.05 29.49
C HIS A 654 40.27 -46.50 29.04
N ASP A 655 41.38 -47.09 29.51
CA ASP A 655 41.83 -48.43 29.06
C ASP A 655 41.92 -48.46 27.53
N LEU A 656 42.67 -47.52 26.98
CA LEU A 656 42.73 -47.34 25.53
C LEU A 656 43.39 -48.56 24.88
N GLN A 657 42.63 -49.27 24.06
CA GLN A 657 43.09 -50.50 23.40
C GLN A 657 43.84 -50.15 22.11
N PRO A 658 44.86 -50.96 21.74
CA PRO A 658 45.57 -50.70 20.50
C PRO A 658 44.78 -51.19 19.29
N GLY A 659 44.90 -50.48 18.18
CA GLY A 659 44.25 -50.89 16.91
C GLY A 659 42.73 -51.02 16.95
N LYS A 660 42.08 -50.20 17.78
CA LYS A 660 40.62 -50.14 17.87
C LYS A 660 40.11 -48.70 17.76
N LYS A 661 38.94 -48.54 17.16
CA LYS A 661 38.31 -47.22 16.98
C LYS A 661 37.03 -47.12 17.83
N TYR A 662 36.86 -45.96 18.47
CA TYR A 662 35.86 -45.76 19.51
C TYR A 662 34.77 -44.78 19.07
N PRO A 663 33.55 -44.94 19.62
CA PRO A 663 32.47 -43.98 19.33
C PRO A 663 32.76 -42.65 19.99
N THR A 664 32.36 -41.55 19.35
CA THR A 664 32.75 -40.20 19.75
C THR A 664 31.54 -39.34 20.08
N VAL A 665 31.55 -38.71 21.26
CA VAL A 665 30.52 -37.76 21.65
C VAL A 665 31.11 -36.35 21.62
N LEU A 666 30.48 -35.46 20.87
CA LEU A 666 30.87 -34.06 20.81
C LEU A 666 29.95 -33.30 21.77
N PHE A 667 30.50 -32.84 22.90
CA PHE A 667 29.76 -31.95 23.79
C PHE A 667 29.95 -30.53 23.31
N ILE A 668 28.86 -29.76 23.30
CA ILE A 668 28.85 -28.45 22.67
C ILE A 668 28.00 -27.43 23.42
N TYR A 669 28.48 -26.17 23.43
CA TYR A 669 27.64 -25.03 23.73
C TYR A 669 27.68 -24.10 22.50
N GLY A 670 28.82 -23.48 22.23
CA GLY A 670 29.06 -22.79 20.95
C GLY A 670 28.47 -21.40 20.76
N GLY A 671 27.64 -20.95 21.70
CA GLY A 671 27.05 -19.62 21.63
C GLY A 671 27.97 -18.53 22.14
N PRO A 672 27.54 -17.26 22.02
CA PRO A 672 28.31 -16.12 22.54
C PRO A 672 28.35 -16.05 24.06
N GLN A 673 29.31 -15.28 24.57
CA GLN A 673 29.49 -15.04 26.02
C GLN A 673 29.88 -16.26 26.86
N VAL A 674 30.42 -17.31 26.22
CA VAL A 674 30.88 -18.52 26.92
C VAL A 674 32.15 -19.06 26.25
N GLN A 675 33.08 -19.50 27.08
CA GLN A 675 34.26 -20.25 26.66
C GLN A 675 34.28 -21.52 27.50
N LEU A 676 34.24 -22.68 26.84
CA LEU A 676 34.34 -23.97 27.53
C LEU A 676 35.76 -24.47 27.68
N VAL A 677 36.65 -24.02 26.79
CA VAL A 677 38.01 -24.55 26.69
C VAL A 677 39.00 -23.54 27.27
N ASN A 678 39.58 -23.93 28.40
CA ASN A 678 40.59 -23.13 29.08
C ASN A 678 41.28 -24.00 30.12
N ASN A 679 42.35 -23.48 30.73
CA ASN A 679 43.10 -24.22 31.74
C ASN A 679 42.46 -23.98 33.11
N ARG A 680 41.32 -24.63 33.32
CA ARG A 680 40.57 -24.60 34.58
C ARG A 680 40.18 -26.03 34.93
N PHE A 681 39.88 -26.27 36.20
CA PHE A 681 39.42 -27.59 36.62
C PHE A 681 37.98 -27.84 36.14
N LYS A 682 37.80 -28.87 35.32
CA LYS A 682 36.49 -29.24 34.77
C LYS A 682 35.88 -30.49 35.42
N GLY A 683 36.44 -30.93 36.54
CA GLY A 683 35.99 -32.13 37.24
C GLY A 683 34.82 -31.96 38.21
N VAL A 684 34.21 -30.78 38.25
CA VAL A 684 32.99 -30.54 39.03
C VAL A 684 31.79 -30.50 38.07
N LYS A 685 31.74 -29.45 37.25
CA LYS A 685 30.59 -29.18 36.39
C LYS A 685 30.49 -30.19 35.24
N TYR A 686 31.65 -30.54 34.66
CA TYR A 686 31.72 -31.48 33.54
C TYR A 686 32.39 -32.80 33.94
N PHE A 687 32.09 -33.27 35.15
CA PHE A 687 32.59 -34.55 35.65
C PHE A 687 32.10 -35.74 34.82
N ARG A 688 30.90 -35.63 34.26
CA ARG A 688 30.32 -36.74 33.49
C ARG A 688 30.85 -36.87 32.06
N LEU A 689 31.65 -35.91 31.59
CA LEU A 689 32.43 -36.12 30.37
C LEU A 689 33.53 -37.16 30.62
N ASN A 690 34.09 -37.14 31.83
CA ASN A 690 35.01 -38.18 32.29
C ASN A 690 34.31 -39.54 32.42
N THR A 691 33.09 -39.54 32.99
CA THR A 691 32.27 -40.75 33.11
C THR A 691 31.96 -41.38 31.74
N LEU A 692 31.77 -40.54 30.72
CA LEU A 692 31.60 -41.02 29.34
C LEU A 692 32.89 -41.67 28.83
N ALA A 693 34.03 -41.02 29.10
CA ALA A 693 35.34 -41.59 28.74
C ALA A 693 35.61 -42.94 29.42
N SER A 694 35.14 -43.12 30.65
CA SER A 694 35.32 -44.39 31.38
C SER A 694 34.52 -45.57 30.79
N LEU A 695 33.46 -45.28 30.05
CA LEU A 695 32.66 -46.31 29.35
C LEU A 695 33.20 -46.66 27.95
N GLY A 696 34.10 -45.82 27.43
CA GLY A 696 34.69 -46.01 26.10
C GLY A 696 34.13 -45.10 25.03
N TYR A 697 33.90 -43.83 25.38
CA TYR A 697 33.54 -42.80 24.41
C TYR A 697 34.69 -41.82 24.31
N VAL A 698 35.00 -41.39 23.08
CA VAL A 698 35.89 -40.24 22.89
C VAL A 698 34.98 -39.04 23.12
N VAL A 699 35.37 -38.14 24.02
CA VAL A 699 34.59 -36.91 24.22
C VAL A 699 35.40 -35.72 23.69
N VAL A 700 34.74 -34.88 22.91
CA VAL A 700 35.37 -33.73 22.25
C VAL A 700 34.58 -32.48 22.62
N VAL A 701 35.30 -31.39 22.85
CA VAL A 701 34.70 -30.05 23.05
C VAL A 701 35.55 -29.06 22.26
N ILE A 702 34.90 -28.14 21.54
CA ILE A 702 35.58 -27.17 20.68
C ILE A 702 34.92 -25.80 20.80
N ASP A 703 35.74 -24.78 21.12
CA ASP A 703 35.27 -23.39 21.11
C ASP A 703 35.31 -22.86 19.68
N ASN A 704 34.17 -22.97 19.00
CA ASN A 704 34.04 -22.41 17.65
C ASN A 704 34.03 -20.88 17.65
N ARG A 705 34.10 -20.29 16.46
CA ARG A 705 33.98 -18.85 16.26
C ARG A 705 32.66 -18.35 16.83
N GLY A 706 32.68 -17.13 17.38
CA GLY A 706 31.56 -16.60 18.14
C GLY A 706 31.75 -16.66 19.66
N SER A 707 32.49 -17.66 20.12
CA SER A 707 32.73 -17.89 21.56
C SER A 707 33.62 -16.80 22.19
N CYS A 708 33.80 -16.91 23.50
CA CYS A 708 34.29 -15.81 24.35
C CYS A 708 35.83 -15.72 24.44
N HIS A 709 36.32 -14.56 24.85
CA HIS A 709 37.74 -14.31 25.19
C HIS A 709 38.75 -14.37 24.03
N ARG A 710 38.30 -14.08 22.82
CA ARG A 710 39.19 -14.05 21.64
C ARG A 710 39.10 -12.75 20.83
N GLY A 711 38.40 -11.74 21.36
CA GLY A 711 38.23 -10.44 20.69
C GLY A 711 36.91 -10.31 19.95
N LEU A 712 36.57 -9.06 19.62
CA LEU A 712 35.28 -8.74 19.01
C LEU A 712 35.13 -9.24 17.57
N LYS A 713 36.24 -9.35 16.84
CA LYS A 713 36.21 -9.87 15.46
C LYS A 713 35.87 -11.35 15.42
N PHE A 714 36.55 -12.12 16.27
CA PHE A 714 36.26 -13.55 16.49
C PHE A 714 34.80 -13.78 16.94
N GLU A 715 34.29 -12.90 17.80
CA GLU A 715 32.92 -13.01 18.31
C GLU A 715 31.90 -12.64 17.23
N GLY A 716 32.21 -11.62 16.44
CA GLY A 716 31.33 -11.12 15.38
C GLY A 716 31.15 -12.00 14.15
N ALA A 717 31.92 -13.09 14.08
CA ALA A 717 31.84 -14.04 12.96
C ALA A 717 30.42 -14.46 12.60
N PHE A 718 29.59 -14.76 13.59
CA PHE A 718 28.19 -15.19 13.32
C PHE A 718 27.13 -14.09 13.35
N LYS A 719 27.52 -12.82 13.23
CA LYS A 719 26.53 -11.74 13.25
C LYS A 719 25.56 -11.93 12.09
N TYR A 720 24.26 -11.83 12.38
CA TYR A 720 23.17 -12.10 11.42
C TYR A 720 23.12 -13.54 10.86
N LYS A 721 23.97 -14.42 11.37
CA LYS A 721 24.26 -15.72 10.74
C LYS A 721 24.28 -16.85 11.77
N MET A 722 23.53 -16.71 12.87
CA MET A 722 23.51 -17.75 13.91
C MET A 722 23.00 -19.05 13.31
N GLY A 723 23.69 -20.14 13.66
CA GLY A 723 23.44 -21.46 13.10
C GLY A 723 24.25 -21.84 11.88
N GLN A 724 24.71 -20.83 11.12
CA GLN A 724 25.30 -21.08 9.81
C GLN A 724 26.78 -21.45 9.82
N ILE A 725 27.55 -20.96 10.80
CA ILE A 725 29.02 -21.16 10.82
C ILE A 725 29.58 -22.05 11.93
N GLU A 726 28.78 -22.36 12.95
CA GLU A 726 29.30 -23.01 14.16
C GLU A 726 29.72 -24.45 13.91
N ILE A 727 28.89 -25.19 13.16
CA ILE A 727 29.13 -26.62 12.94
C ILE A 727 30.29 -26.87 11.99
N ASP A 728 30.54 -25.96 11.05
CA ASP A 728 31.75 -26.01 10.20
C ASP A 728 33.03 -26.12 11.05
N ASP A 729 33.16 -25.24 12.05
CA ASP A 729 34.30 -25.26 12.98
C ASP A 729 34.37 -26.52 13.83
N GLN A 730 33.20 -27.05 14.21
CA GLN A 730 33.14 -28.28 15.01
C GLN A 730 33.60 -29.47 14.17
N VAL A 731 33.05 -29.58 12.97
CA VAL A 731 33.40 -30.64 12.03
C VAL A 731 34.88 -30.57 11.63
N GLU A 732 35.37 -29.36 11.37
CA GLU A 732 36.79 -29.13 11.06
C GLU A 732 37.72 -29.63 12.16
N GLY A 733 37.41 -29.26 13.40
CA GLY A 733 38.15 -29.73 14.57
C GLY A 733 38.02 -31.22 14.80
N LEU A 734 36.86 -31.79 14.48
CA LEU A 734 36.65 -33.23 14.58
C LEU A 734 37.48 -34.01 13.55
N GLN A 735 37.54 -33.50 12.33
CA GLN A 735 38.37 -34.09 11.28
C GLN A 735 39.87 -33.91 11.54
N TYR A 736 40.26 -32.81 12.19
CA TYR A 736 41.65 -32.61 12.64
C TYR A 736 42.06 -33.73 13.61
N LEU A 737 41.19 -34.04 14.56
CA LEU A 737 41.46 -35.11 15.53
C LEU A 737 41.47 -36.49 14.88
N ALA A 738 40.60 -36.71 13.90
CA ALA A 738 40.50 -38.02 13.23
C ALA A 738 41.77 -38.40 12.46
N SER A 739 42.34 -37.44 11.75
CA SER A 739 43.61 -37.66 11.02
C SER A 739 44.81 -37.81 11.97
N ARG A 740 44.73 -37.15 13.14
CA ARG A 740 45.78 -37.19 14.15
C ARG A 740 45.70 -38.42 15.06
N TYR A 741 44.49 -38.92 15.31
CA TYR A 741 44.26 -40.08 16.16
C TYR A 741 43.38 -41.10 15.44
N ASP A 742 43.94 -42.29 15.18
CA ASP A 742 43.21 -43.37 14.51
C ASP A 742 42.05 -43.97 15.33
N PHE A 743 42.07 -43.79 16.66
CA PHE A 743 41.03 -44.34 17.54
C PHE A 743 39.67 -43.61 17.54
N ILE A 744 39.53 -42.52 16.79
CA ILE A 744 38.23 -41.87 16.58
C ILE A 744 37.47 -42.56 15.44
N ASP A 745 36.35 -43.21 15.78
CA ASP A 745 35.45 -43.79 14.76
C ASP A 745 34.47 -42.73 14.28
N LEU A 746 34.75 -42.14 13.11
CA LEU A 746 33.87 -41.12 12.51
C LEU A 746 32.50 -41.64 12.06
N ASP A 747 32.33 -42.97 11.95
CA ASP A 747 31.01 -43.55 11.65
C ASP A 747 30.04 -43.53 12.84
N ARG A 748 30.54 -43.28 14.05
CA ARG A 748 29.71 -43.26 15.26
C ARG A 748 29.99 -42.00 16.09
N VAL A 749 29.64 -40.85 15.52
CA VAL A 749 29.79 -39.57 16.19
C VAL A 749 28.43 -39.05 16.65
N GLY A 750 28.31 -38.77 17.95
CA GLY A 750 27.12 -38.14 18.52
C GLY A 750 27.40 -36.70 18.90
N ILE A 751 26.35 -35.89 19.00
CA ILE A 751 26.50 -34.51 19.45
C ILE A 751 25.45 -34.21 20.53
N HIS A 752 25.82 -33.36 21.50
CA HIS A 752 24.95 -33.08 22.65
C HIS A 752 25.29 -31.76 23.34
N GLY A 753 24.26 -30.96 23.58
CA GLY A 753 24.43 -29.70 24.30
C GLY A 753 23.12 -29.22 24.90
N TRP A 754 23.22 -28.22 25.78
CA TRP A 754 22.06 -27.58 26.40
C TRP A 754 21.97 -26.14 25.95
N SER A 755 20.74 -25.65 25.83
CA SER A 755 20.47 -24.26 25.49
C SER A 755 20.93 -23.95 24.06
N TYR A 756 22.01 -23.18 23.87
CA TYR A 756 22.55 -22.90 22.54
C TYR A 756 23.23 -24.17 22.03
N GLY A 757 23.78 -24.95 22.96
CA GLY A 757 24.30 -26.29 22.66
C GLY A 757 23.26 -27.24 22.10
N GLY A 758 22.04 -27.16 22.63
CA GLY A 758 20.91 -27.95 22.14
C GLY A 758 20.49 -27.48 20.76
N TYR A 759 20.41 -26.16 20.61
CA TYR A 759 20.19 -25.52 19.31
C TYR A 759 21.18 -26.00 18.26
N LEU A 760 22.47 -25.96 18.59
CA LEU A 760 23.52 -26.41 17.67
C LEU A 760 23.51 -27.92 17.44
N SER A 761 23.11 -28.69 18.45
CA SER A 761 22.96 -30.13 18.26
C SER A 761 21.89 -30.47 17.21
N LEU A 762 20.83 -29.68 17.18
CA LEU A 762 19.81 -29.80 16.14
C LEU A 762 20.35 -29.35 14.78
N MET A 763 21.02 -28.20 14.76
CA MET A 763 21.69 -27.71 13.54
C MET A 763 22.70 -28.70 12.97
N ALA A 764 23.39 -29.43 13.84
CA ALA A 764 24.38 -30.43 13.43
C ALA A 764 23.75 -31.61 12.68
N LEU A 765 22.66 -32.14 13.22
CA LEU A 765 21.94 -33.26 12.60
C LEU A 765 21.20 -32.85 11.33
N MET A 766 20.83 -31.59 11.25
CA MET A 766 20.09 -31.06 10.11
C MET A 766 21.06 -30.86 8.94
N GLN A 767 22.11 -30.07 9.19
CA GLN A 767 23.10 -29.74 8.15
C GLN A 767 24.04 -30.90 7.82
N ARG A 768 24.59 -31.55 8.85
CA ARG A 768 25.63 -32.55 8.68
C ARG A 768 25.25 -33.93 9.23
N SER A 769 24.15 -34.50 8.72
CA SER A 769 23.78 -35.89 9.04
C SER A 769 24.80 -36.93 8.52
N ASP A 770 25.61 -36.55 7.53
CA ASP A 770 26.77 -37.37 7.11
C ASP A 770 27.80 -37.58 8.22
N ILE A 771 28.01 -36.57 9.04
CA ILE A 771 28.98 -36.61 10.15
C ILE A 771 28.36 -37.17 11.42
N PHE A 772 27.18 -36.65 11.80
CA PHE A 772 26.59 -36.89 13.12
C PHE A 772 25.48 -37.94 13.09
N ARG A 773 25.72 -39.08 13.75
CA ARG A 773 24.73 -40.16 13.86
C ARG A 773 23.53 -39.76 14.72
N VAL A 774 23.80 -39.22 15.90
CA VAL A 774 22.75 -38.85 16.85
C VAL A 774 22.94 -37.44 17.41
N ALA A 775 21.82 -36.80 17.75
CA ALA A 775 21.82 -35.48 18.36
C ALA A 775 20.88 -35.50 19.57
N ILE A 776 21.42 -35.20 20.75
CA ILE A 776 20.62 -35.00 21.97
C ILE A 776 20.55 -33.50 22.29
N ALA A 777 19.43 -32.88 21.94
CA ALA A 777 19.23 -31.44 22.11
C ALA A 777 18.48 -31.15 23.40
N GLY A 778 19.16 -30.52 24.35
CA GLY A 778 18.57 -30.11 25.62
C GLY A 778 18.15 -28.65 25.58
N ALA A 779 16.88 -28.39 25.88
CA ALA A 779 16.30 -27.04 25.91
C ALA A 779 16.74 -26.16 24.74
N PRO A 780 16.55 -26.65 23.50
CA PRO A 780 17.05 -25.94 22.33
C PRO A 780 16.24 -24.68 21.99
N VAL A 781 16.93 -23.63 21.57
CA VAL A 781 16.28 -22.54 20.86
C VAL A 781 16.00 -23.08 19.47
N THR A 782 14.73 -23.10 19.09
CA THR A 782 14.31 -23.56 17.75
C THR A 782 13.75 -22.46 16.85
N LEU A 783 13.53 -21.27 17.39
CA LEU A 783 12.80 -20.22 16.69
C LEU A 783 13.19 -18.88 17.29
N TRP A 784 14.04 -18.13 16.59
CA TRP A 784 14.62 -16.91 17.15
C TRP A 784 13.61 -15.79 17.48
N ILE A 785 12.47 -15.75 16.78
CA ILE A 785 11.38 -14.82 17.14
C ILE A 785 10.70 -15.11 18.49
N PHE A 786 10.87 -16.33 19.02
CA PHE A 786 10.40 -16.69 20.38
C PHE A 786 11.37 -16.30 21.52
N TYR A 787 12.60 -15.89 21.19
CA TYR A 787 13.57 -15.47 22.21
C TYR A 787 13.53 -13.94 22.41
N ASP A 788 14.16 -13.45 23.48
CA ASP A 788 14.01 -12.03 23.91
C ASP A 788 14.73 -10.99 23.04
N THR A 789 14.37 -9.73 23.28
CA THR A 789 14.94 -8.60 22.56
C THR A 789 16.43 -8.43 22.81
N GLY A 790 16.81 -8.32 24.08
CA GLY A 790 18.19 -8.02 24.48
C GLY A 790 19.27 -8.92 23.91
N TYR A 791 18.97 -10.21 23.78
CA TYR A 791 19.92 -11.20 23.27
C TYR A 791 19.85 -11.30 21.75
N THR A 792 18.66 -11.60 21.25
CA THR A 792 18.50 -11.90 19.83
C THR A 792 18.87 -10.73 18.92
N GLU A 793 18.38 -9.53 19.25
CA GLU A 793 18.64 -8.34 18.44
C GLU A 793 20.10 -7.90 18.45
N ARG A 794 20.79 -8.13 19.56
CA ARG A 794 22.23 -7.84 19.65
C ARG A 794 23.03 -8.63 18.58
N TYR A 795 22.74 -9.92 18.47
CA TYR A 795 23.46 -10.84 17.55
C TYR A 795 22.84 -11.01 16.16
N MET A 796 21.51 -10.86 16.04
CA MET A 796 20.78 -11.09 14.78
C MET A 796 20.01 -9.88 14.24
N GLY A 797 20.00 -8.76 14.96
CA GLY A 797 19.25 -7.56 14.56
C GLY A 797 17.74 -7.71 14.67
N HIS A 798 17.03 -6.70 14.20
CA HIS A 798 15.56 -6.70 14.16
C HIS A 798 15.11 -7.65 13.04
N PRO A 799 14.06 -8.48 13.27
CA PRO A 799 13.66 -9.51 12.27
C PRO A 799 13.38 -9.03 10.83
N ASP A 800 12.78 -7.85 10.70
CA ASP A 800 12.57 -7.20 9.39
C ASP A 800 13.86 -6.91 8.60
N GLN A 801 14.94 -6.59 9.30
CA GLN A 801 16.26 -6.32 8.67
C GLN A 801 17.16 -7.56 8.56
N ASN A 802 16.64 -8.74 8.86
CA ASN A 802 17.39 -9.99 8.71
C ASN A 802 16.44 -11.18 8.52
N GLU A 803 15.52 -11.04 7.56
CA GLU A 803 14.52 -12.07 7.27
C GLU A 803 15.13 -13.43 6.96
N GLN A 804 16.28 -13.42 6.26
CA GLN A 804 16.93 -14.66 5.86
C GLN A 804 17.73 -15.30 7.00
N GLY A 805 18.39 -14.49 7.82
CA GLY A 805 19.13 -15.00 8.98
C GLY A 805 18.22 -15.67 10.01
N TYR A 806 17.09 -15.02 10.29
CA TYR A 806 16.10 -15.57 11.20
C TYR A 806 15.52 -16.89 10.67
N TYR A 807 15.17 -16.94 9.38
CA TYR A 807 14.64 -18.17 8.79
C TYR A 807 15.67 -19.29 8.86
N LEU A 808 16.86 -19.03 8.32
CA LEU A 808 17.93 -20.05 8.25
C LEU A 808 18.45 -20.44 9.62
N GLY A 809 18.43 -19.50 10.57
CA GLY A 809 18.87 -19.76 11.94
C GLY A 809 17.87 -20.47 12.84
N SER A 810 16.61 -20.55 12.41
CA SER A 810 15.55 -21.21 13.18
C SER A 810 15.31 -22.64 12.70
N VAL A 811 15.66 -23.63 13.53
CA VAL A 811 15.52 -25.05 13.15
C VAL A 811 14.06 -25.50 12.95
N ALA A 812 13.13 -24.86 13.66
CA ALA A 812 11.70 -25.18 13.53
C ALA A 812 11.17 -24.94 12.11
N MET A 813 11.67 -23.89 11.46
CA MET A 813 11.28 -23.60 10.07
C MET A 813 11.83 -24.58 9.03
N GLN A 814 12.79 -25.41 9.42
CA GLN A 814 13.46 -26.34 8.50
C GLN A 814 13.34 -27.80 8.96
N ALA A 815 12.14 -28.17 9.42
CA ALA A 815 11.86 -29.52 9.90
C ALA A 815 12.07 -30.57 8.83
N GLU A 816 11.66 -30.24 7.60
CA GLU A 816 11.86 -31.07 6.42
C GLU A 816 13.30 -31.59 6.21
N LYS A 817 14.29 -30.84 6.70
CA LYS A 817 15.71 -31.21 6.56
C LYS A 817 16.25 -32.16 7.63
N PHE A 818 15.42 -32.58 8.59
CA PHE A 818 15.84 -33.59 9.57
C PHE A 818 15.84 -34.99 8.95
N PRO A 819 16.57 -35.95 9.56
CA PRO A 819 16.63 -37.31 9.01
C PRO A 819 15.30 -38.04 9.03
N SER A 820 15.09 -38.93 8.05
CA SER A 820 13.94 -39.83 8.05
C SER A 820 14.18 -41.11 8.84
N GLU A 821 15.42 -41.34 9.30
CA GLU A 821 15.71 -42.42 10.24
C GLU A 821 15.28 -42.04 11.66
N PRO A 822 14.69 -42.99 12.41
CA PRO A 822 14.48 -42.77 13.83
C PRO A 822 15.73 -43.09 14.65
N ASN A 823 15.67 -42.85 15.95
CA ASN A 823 16.79 -43.11 16.88
C ASN A 823 18.05 -42.27 16.61
N ARG A 824 17.86 -41.09 16.02
CA ARG A 824 18.94 -40.12 15.80
C ARG A 824 18.70 -38.75 16.46
N LEU A 825 17.47 -38.46 16.85
CA LEU A 825 17.11 -37.17 17.42
C LEU A 825 16.44 -37.38 18.76
N LEU A 826 16.94 -36.71 19.79
CA LEU A 826 16.38 -36.77 21.14
C LEU A 826 16.24 -35.35 21.69
N LEU A 827 15.04 -34.98 22.09
CA LEU A 827 14.75 -33.65 22.64
C LEU A 827 14.51 -33.76 24.14
N LEU A 828 15.20 -32.93 24.91
CA LEU A 828 15.06 -32.86 26.36
C LEU A 828 14.68 -31.43 26.72
N HIS A 829 13.57 -31.25 27.44
CA HIS A 829 13.17 -29.89 27.84
C HIS A 829 12.30 -29.92 29.09
N GLY A 830 12.57 -28.98 30.01
CA GLY A 830 11.68 -28.70 31.13
C GLY A 830 10.41 -27.97 30.72
N PHE A 831 9.33 -28.21 31.48
CA PHE A 831 8.02 -27.64 31.19
C PHE A 831 7.94 -26.18 31.64
N LEU A 832 8.58 -25.88 32.78
CA LEU A 832 8.59 -24.53 33.35
C LEU A 832 9.99 -23.91 33.30
N ASP A 833 10.60 -23.98 32.12
CA ASP A 833 11.87 -23.30 31.85
C ASP A 833 11.47 -21.90 31.36
N GLU A 834 11.97 -20.85 32.01
CA GLU A 834 11.59 -19.46 31.71
C GLU A 834 12.68 -18.65 30.99
N ASN A 835 13.73 -19.35 30.55
CA ASN A 835 14.81 -18.77 29.76
C ASN A 835 14.58 -19.16 28.29
N VAL A 836 14.69 -20.45 28.00
CA VAL A 836 14.33 -21.01 26.70
C VAL A 836 13.01 -21.76 26.93
N HIS A 837 11.90 -21.19 26.49
CA HIS A 837 10.58 -21.72 26.80
C HIS A 837 10.33 -23.07 26.15
N PHE A 838 9.45 -23.86 26.77
CA PHE A 838 9.04 -25.14 26.19
C PHE A 838 8.45 -24.97 24.78
N ALA A 839 7.81 -23.81 24.55
CA ALA A 839 7.27 -23.44 23.24
C ALA A 839 8.22 -23.74 22.08
N HIS A 840 9.51 -23.48 22.28
CA HIS A 840 10.53 -23.82 21.29
C HIS A 840 10.50 -25.30 20.92
N THR A 841 10.48 -26.17 21.92
CA THR A 841 10.44 -27.61 21.68
C THR A 841 9.10 -28.04 21.09
N SER A 842 8.00 -27.52 21.62
CA SER A 842 6.68 -27.99 21.18
C SER A 842 6.38 -27.56 19.74
N ILE A 843 6.80 -26.36 19.34
CA ILE A 843 6.62 -25.91 17.96
C ILE A 843 7.52 -26.67 16.98
N LEU A 844 8.74 -27.01 17.42
CA LEU A 844 9.59 -27.92 16.65
C LEU A 844 8.90 -29.27 16.49
N LEU A 845 8.38 -29.82 17.60
CA LEU A 845 7.61 -31.07 17.55
C LEU A 845 6.42 -30.98 16.60
N SER A 846 5.72 -29.85 16.63
CA SER A 846 4.59 -29.59 15.74
C SER A 846 4.97 -29.74 14.27
N PHE A 847 6.03 -29.05 13.85
CA PHE A 847 6.48 -29.09 12.46
C PHE A 847 7.18 -30.41 12.08
N LEU A 848 7.79 -31.10 13.04
CA LEU A 848 8.39 -32.42 12.77
C LEU A 848 7.32 -33.45 12.44
N VAL A 849 6.20 -33.39 13.17
CA VAL A 849 5.07 -34.28 12.93
C VAL A 849 4.43 -34.00 11.57
N ARG A 850 4.22 -32.72 11.24
CA ARG A 850 3.68 -32.33 9.92
C ARG A 850 4.62 -32.73 8.77
N ALA A 851 5.94 -32.70 9.02
CA ALA A 851 6.95 -33.11 8.04
C ALA A 851 7.19 -34.63 7.97
N GLY A 852 6.48 -35.41 8.80
CA GLY A 852 6.61 -36.87 8.82
C GLY A 852 7.91 -37.41 9.41
N LYS A 853 8.52 -36.65 10.32
CA LYS A 853 9.86 -36.97 10.85
C LYS A 853 9.77 -37.60 12.24
N PRO A 854 10.67 -38.56 12.55
CA PRO A 854 10.70 -39.16 13.87
C PRO A 854 11.50 -38.34 14.89
N TYR A 855 11.14 -38.48 16.16
CA TYR A 855 11.88 -37.89 17.28
C TYR A 855 11.69 -38.73 18.54
N ASP A 856 12.63 -38.60 19.46
CA ASP A 856 12.47 -39.09 20.83
C ASP A 856 12.38 -37.87 21.75
N LEU A 857 11.67 -38.01 22.85
CA LEU A 857 11.37 -36.88 23.73
C LEU A 857 11.39 -37.29 25.20
N GLN A 858 12.00 -36.46 26.03
CA GLN A 858 11.90 -36.58 27.48
C GLN A 858 11.54 -35.22 28.03
N ILE A 859 10.62 -35.21 29.00
CA ILE A 859 10.12 -33.98 29.61
C ILE A 859 10.45 -34.02 31.10
N TYR A 860 10.58 -32.82 31.67
CA TYR A 860 10.96 -32.61 33.06
C TYR A 860 9.97 -31.60 33.71
N PRO A 861 8.76 -32.07 34.12
CA PRO A 861 7.74 -31.15 34.64
C PRO A 861 8.00 -30.64 36.07
N GLN A 862 8.07 -29.31 36.22
CA GLN A 862 8.38 -28.65 37.50
C GLN A 862 9.71 -29.09 38.12
N PRO A 870 16.79 -32.02 41.60
CA PRO A 870 17.48 -32.78 42.63
C PRO A 870 17.62 -34.27 42.28
N GLU A 871 16.49 -34.95 42.09
CA GLU A 871 16.44 -36.38 41.72
C GLU A 871 16.23 -36.59 40.20
N SER A 872 16.28 -35.50 39.43
CA SER A 872 15.98 -35.52 37.99
C SER A 872 17.19 -35.27 37.11
N GLY A 873 18.18 -34.53 37.61
CA GLY A 873 19.54 -34.55 37.05
C GLY A 873 20.11 -35.97 37.03
N GLU A 874 19.70 -36.78 38.01
CA GLU A 874 19.95 -38.22 38.02
C GLU A 874 19.27 -38.93 36.85
N HIS A 875 18.00 -38.63 36.62
CA HIS A 875 17.21 -39.22 35.52
C HIS A 875 17.71 -38.81 34.13
N TYR A 876 18.07 -37.55 33.97
CA TYR A 876 18.66 -37.03 32.72
C TYR A 876 19.96 -37.76 32.38
N GLU A 877 20.89 -37.79 33.33
CA GLU A 877 22.19 -38.49 33.17
C GLU A 877 21.98 -39.96 32.83
N LEU A 878 21.04 -40.60 33.51
CA LEU A 878 20.67 -42.00 33.26
C LEU A 878 20.15 -42.22 31.84
N HIS A 879 19.22 -41.38 31.42
CA HIS A 879 18.65 -41.52 30.08
C HIS A 879 19.68 -41.24 28.99
N LEU A 880 20.57 -40.27 29.20
CA LEU A 880 21.60 -39.93 28.21
C LEU A 880 22.58 -41.08 27.97
N LEU A 881 23.14 -41.64 29.05
CA LEU A 881 24.01 -42.81 28.95
C LEU A 881 23.33 -43.96 28.22
N HIS A 882 22.10 -44.26 28.63
CA HIS A 882 21.30 -45.30 27.99
C HIS A 882 21.02 -45.04 26.50
N TYR A 883 20.70 -43.79 26.16
CA TYR A 883 20.42 -43.42 24.77
C TYR A 883 21.65 -43.54 23.88
N LEU A 884 22.79 -43.06 24.39
CA LEU A 884 24.07 -43.20 23.69
C LEU A 884 24.46 -44.67 23.54
N GLN A 885 24.34 -45.42 24.63
CA GLN A 885 24.58 -46.86 24.61
C GLN A 885 23.75 -47.55 23.53
N GLU A 886 22.44 -47.35 23.57
CA GLU A 886 21.52 -48.09 22.68
C GLU A 886 21.56 -47.66 21.22
N ASN A 887 21.93 -46.41 20.95
CA ASN A 887 21.88 -45.87 19.57
C ASN A 887 23.21 -45.30 19.02
N LEU A 888 24.31 -45.50 19.75
CA LEU A 888 25.63 -45.04 19.29
C LEU A 888 26.75 -46.02 19.69
N GLY A 889 26.93 -46.23 20.99
CA GLY A 889 28.10 -46.91 21.52
C GLY A 889 28.13 -48.42 21.39
N SER A 890 27.04 -49.09 21.77
CA SER A 890 27.01 -50.56 21.91
C SER A 890 26.99 -51.32 20.59
N ARG A 891 27.12 -52.64 20.69
CA ARG A 891 27.04 -53.55 19.54
C ARG A 891 25.64 -53.60 18.95
N ILE A 892 24.63 -53.56 19.81
CA ILE A 892 23.22 -53.56 19.41
C ILE A 892 22.93 -52.33 18.53
N ALA A 893 23.55 -51.19 18.85
CA ALA A 893 23.38 -49.96 18.08
C ALA A 893 23.84 -50.07 16.63
N ALA A 894 24.95 -50.77 16.41
CA ALA A 894 25.49 -50.98 15.05
C ALA A 894 24.62 -51.94 14.23
N LEU A 895 24.13 -53.00 14.86
CA LEU A 895 23.19 -53.94 14.23
C LEU A 895 21.83 -53.30 13.89
N LYS A 896 21.45 -52.28 14.66
CA LYS A 896 20.16 -51.62 14.52
C LYS A 896 19.99 -50.84 13.19
N VAL A 897 21.08 -50.33 12.62
CA VAL A 897 21.01 -49.50 11.41
C VAL A 897 20.68 -50.35 10.17
N LEU B 48 -53.29 -19.93 -36.68
CA LEU B 48 -52.61 -18.67 -36.21
C LEU B 48 -51.22 -18.51 -36.82
N GLU B 49 -51.14 -17.78 -37.94
CA GLU B 49 -49.88 -17.54 -38.64
C GLU B 49 -49.11 -16.39 -37.97
N PRO B 50 -47.78 -16.51 -37.84
CA PRO B 50 -47.00 -15.42 -37.24
C PRO B 50 -46.83 -14.23 -38.19
N PHE B 51 -47.22 -13.04 -37.72
CA PHE B 51 -46.97 -11.80 -38.44
C PHE B 51 -45.51 -11.41 -38.26
N TYR B 52 -44.81 -11.19 -39.36
CA TYR B 52 -43.43 -10.70 -39.35
C TYR B 52 -43.43 -9.22 -39.72
N VAL B 53 -42.65 -8.43 -38.99
CA VAL B 53 -42.57 -6.98 -39.24
C VAL B 53 -41.77 -6.71 -40.52
N GLU B 54 -42.09 -5.61 -41.19
CA GLU B 54 -41.37 -5.17 -42.38
C GLU B 54 -39.89 -4.98 -42.03
N ARG B 55 -39.02 -5.51 -42.88
CA ARG B 55 -37.58 -5.46 -42.63
C ARG B 55 -36.95 -4.25 -43.32
N TYR B 56 -37.05 -3.10 -42.66
CA TYR B 56 -36.44 -1.86 -43.16
C TYR B 56 -34.93 -1.88 -42.93
N SER B 57 -34.20 -1.16 -43.78
CA SER B 57 -32.76 -0.95 -43.57
C SER B 57 -32.53 0.14 -42.53
N TRP B 58 -31.27 0.32 -42.14
CA TRP B 58 -30.88 1.34 -41.16
C TRP B 58 -31.28 2.74 -41.64
N SER B 59 -30.92 3.08 -42.88
CA SER B 59 -31.28 4.38 -43.49
C SER B 59 -32.78 4.59 -43.65
N GLN B 60 -33.51 3.50 -43.93
CA GLN B 60 -34.98 3.55 -44.01
C GLN B 60 -35.65 3.75 -42.65
N LEU B 61 -35.10 3.13 -41.60
CA LEU B 61 -35.59 3.35 -40.23
C LEU B 61 -35.33 4.77 -39.74
N LYS B 62 -34.13 5.29 -40.04
CA LYS B 62 -33.79 6.67 -39.70
C LYS B 62 -34.77 7.68 -40.33
N LYS B 63 -35.13 7.42 -41.59
CA LYS B 63 -36.09 8.23 -42.33
C LYS B 63 -37.49 8.17 -41.71
N LEU B 64 -37.95 6.97 -41.38
CA LEU B 64 -39.25 6.76 -40.73
C LEU B 64 -39.34 7.46 -39.38
N LEU B 65 -38.25 7.41 -38.61
CA LEU B 65 -38.18 8.11 -37.32
C LEU B 65 -38.19 9.62 -37.51
N ALA B 66 -37.38 10.10 -38.45
CA ALA B 66 -37.29 11.54 -38.76
C ALA B 66 -38.63 12.13 -39.24
N ASP B 67 -39.35 11.39 -40.09
CA ASP B 67 -40.65 11.83 -40.61
C ASP B 67 -41.70 11.95 -39.50
N THR B 68 -41.81 10.91 -38.68
CA THR B 68 -42.83 10.85 -37.62
C THR B 68 -42.53 11.68 -36.36
N ARG B 69 -41.31 12.20 -36.24
CA ARG B 69 -40.90 12.98 -35.06
C ARG B 69 -41.60 14.34 -34.98
N LYS B 70 -42.34 14.57 -33.91
CA LYS B 70 -42.96 15.87 -33.62
C LYS B 70 -42.22 16.67 -32.53
N TYR B 71 -41.78 16.00 -31.47
CA TYR B 71 -41.04 16.64 -30.37
C TYR B 71 -39.57 16.18 -30.37
N HIS B 72 -38.66 17.12 -30.10
CA HIS B 72 -37.22 16.83 -30.03
C HIS B 72 -36.83 16.43 -28.60
N GLY B 73 -36.13 15.31 -28.47
CA GLY B 73 -35.88 14.68 -27.18
C GLY B 73 -37.11 13.89 -26.75
N TYR B 74 -37.48 14.02 -25.46
CA TYR B 74 -38.75 13.48 -24.94
C TYR B 74 -39.44 14.57 -24.13
N MET B 75 -39.43 15.77 -24.71
CA MET B 75 -39.71 17.02 -24.01
C MET B 75 -40.50 17.97 -24.93
N MET B 76 -41.65 18.42 -24.45
CA MET B 76 -42.44 19.46 -25.12
C MET B 76 -41.96 20.83 -24.59
N ALA B 77 -42.49 21.92 -25.14
CA ALA B 77 -42.39 23.23 -24.52
C ALA B 77 -43.06 23.20 -23.14
N LYS B 78 -42.34 23.64 -22.10
CA LYS B 78 -42.85 23.65 -20.71
C LYS B 78 -44.18 24.39 -20.61
N ALA B 79 -45.20 23.72 -20.07
CA ALA B 79 -46.51 24.32 -19.87
C ALA B 79 -46.46 25.30 -18.71
N PRO B 80 -47.37 26.28 -18.67
CA PRO B 80 -47.41 27.26 -17.59
C PRO B 80 -47.37 26.61 -16.20
N HIS B 81 -46.38 27.01 -15.40
CA HIS B 81 -46.22 26.53 -14.02
C HIS B 81 -45.78 27.65 -13.07
N ASP B 82 -45.70 27.33 -11.77
CA ASP B 82 -45.32 28.29 -10.72
C ASP B 82 -46.20 29.52 -10.78
N PHE B 83 -47.51 29.30 -10.66
CA PHE B 83 -48.48 30.38 -10.71
C PHE B 83 -48.46 31.18 -9.42
N MET B 84 -48.91 32.42 -9.52
CA MET B 84 -49.07 33.31 -8.38
C MET B 84 -50.13 34.35 -8.75
N PHE B 85 -51.07 34.59 -7.84
CA PHE B 85 -52.18 35.50 -8.07
C PHE B 85 -51.97 36.76 -7.25
N VAL B 86 -51.95 37.92 -7.91
CA VAL B 86 -51.88 39.20 -7.22
C VAL B 86 -53.12 40.01 -7.57
N LYS B 87 -53.75 40.57 -6.54
CA LYS B 87 -54.96 41.37 -6.71
C LYS B 87 -54.62 42.76 -7.25
N ARG B 88 -55.46 43.26 -8.15
CA ARG B 88 -55.30 44.59 -8.73
C ARG B 88 -55.73 45.71 -7.78
N ASN B 89 -56.77 45.45 -6.97
CA ASN B 89 -57.33 46.43 -6.02
C ASN B 89 -57.71 47.75 -6.70
N ASP B 90 -58.39 47.65 -7.84
CA ASP B 90 -58.74 48.77 -8.70
C ASP B 90 -60.25 48.73 -9.00
N PRO B 91 -61.08 49.36 -8.13
CA PRO B 91 -62.55 49.35 -8.25
C PRO B 91 -63.13 49.76 -9.62
N ASP B 92 -62.48 50.70 -10.30
CA ASP B 92 -62.93 51.16 -11.63
C ASP B 92 -62.42 50.29 -12.80
N GLY B 93 -61.40 49.47 -12.57
CA GLY B 93 -60.78 48.64 -13.62
C GLY B 93 -61.53 47.34 -13.90
N PRO B 94 -61.21 46.70 -15.05
CA PRO B 94 -61.91 45.49 -15.47
C PRO B 94 -61.31 44.17 -14.97
N HIS B 95 -60.13 44.21 -14.34
CA HIS B 95 -59.43 43.00 -13.93
C HIS B 95 -59.35 42.89 -12.40
N SER B 96 -59.65 41.70 -11.88
CA SER B 96 -59.58 41.42 -10.45
C SER B 96 -58.18 41.00 -10.01
N ASP B 97 -57.55 40.15 -10.83
CA ASP B 97 -56.26 39.55 -10.53
C ASP B 97 -55.32 39.69 -11.72
N ARG B 98 -54.02 39.63 -11.43
CA ARG B 98 -53.00 39.34 -12.43
C ARG B 98 -52.34 38.04 -12.00
N ILE B 99 -52.23 37.11 -12.93
CA ILE B 99 -51.51 35.85 -12.67
C ILE B 99 -50.14 35.94 -13.32
N TYR B 100 -49.12 35.55 -12.56
CA TYR B 100 -47.76 35.42 -13.09
C TYR B 100 -47.42 33.95 -13.17
N TYR B 101 -46.59 33.58 -14.13
CA TYR B 101 -46.19 32.18 -14.32
C TYR B 101 -44.96 32.04 -15.20
N LEU B 102 -44.24 30.94 -15.00
CA LEU B 102 -43.14 30.55 -15.88
C LEU B 102 -43.68 29.66 -16.99
N ALA B 103 -43.20 29.89 -18.21
CA ALA B 103 -43.51 29.01 -19.33
C ALA B 103 -42.47 29.14 -20.42
N MET B 104 -42.51 28.17 -21.31
CA MET B 104 -41.75 28.17 -22.54
C MET B 104 -42.80 28.54 -23.60
N SER B 105 -42.52 29.58 -24.39
CA SER B 105 -43.50 30.13 -25.34
C SER B 105 -43.72 29.21 -26.55
N GLY B 106 -42.63 28.61 -27.03
CA GLY B 106 -42.64 27.58 -28.08
C GLY B 106 -41.50 26.60 -27.83
N GLU B 107 -41.20 25.74 -28.81
CA GLU B 107 -40.21 24.67 -28.61
C GLU B 107 -38.76 25.15 -28.55
N ASN B 108 -38.39 26.10 -29.41
CA ASN B 108 -37.03 26.67 -29.42
C ASN B 108 -36.77 27.67 -28.28
N ARG B 109 -37.82 28.29 -27.75
CA ARG B 109 -37.70 29.38 -26.77
C ARG B 109 -37.22 28.88 -25.40
N GLU B 110 -36.74 29.82 -24.58
CA GLU B 110 -36.28 29.53 -23.22
C GLU B 110 -37.38 29.83 -22.20
N ASN B 111 -37.26 29.20 -21.04
CA ASN B 111 -38.26 29.31 -19.98
C ASN B 111 -38.17 30.68 -19.32
N THR B 112 -39.27 31.42 -19.29
CA THR B 112 -39.29 32.79 -18.77
C THR B 112 -40.62 33.19 -18.13
N LEU B 113 -40.62 34.33 -17.44
CA LEU B 113 -41.80 34.84 -16.75
C LEU B 113 -42.80 35.45 -17.71
N PHE B 114 -44.09 35.22 -17.41
CA PHE B 114 -45.22 35.76 -18.18
C PHE B 114 -46.30 36.22 -17.22
N TYR B 115 -47.21 37.04 -17.71
CA TYR B 115 -48.42 37.39 -16.96
C TYR B 115 -49.66 37.39 -17.84
N SER B 116 -50.81 37.31 -17.18
CA SER B 116 -52.12 37.37 -17.84
C SER B 116 -53.12 38.06 -16.92
N GLU B 117 -54.14 38.65 -17.52
CA GLU B 117 -55.12 39.47 -16.78
C GLU B 117 -56.41 38.70 -16.58
N ILE B 118 -56.83 38.58 -15.32
CA ILE B 118 -58.07 37.86 -14.96
C ILE B 118 -59.21 38.88 -14.91
N PRO B 119 -60.17 38.81 -15.85
CA PRO B 119 -61.24 39.82 -15.83
C PRO B 119 -62.27 39.56 -14.74
N LYS B 120 -62.84 40.63 -14.20
CA LYS B 120 -63.87 40.57 -13.16
C LYS B 120 -65.12 39.80 -13.60
N THR B 121 -65.46 39.92 -14.89
CA THR B 121 -66.59 39.21 -15.47
C THR B 121 -66.21 38.67 -16.84
N ILE B 122 -67.01 37.74 -17.36
CA ILE B 122 -66.77 37.11 -18.66
C ILE B 122 -68.06 36.95 -19.45
N ASN B 123 -67.91 36.85 -20.76
CA ASN B 123 -69.01 36.49 -21.65
C ASN B 123 -69.13 34.97 -21.62
N ARG B 124 -70.17 34.48 -20.94
CA ARG B 124 -70.36 33.04 -20.71
C ARG B 124 -70.80 32.25 -21.96
N ALA B 125 -71.21 32.96 -23.02
CA ALA B 125 -71.41 32.35 -24.34
C ALA B 125 -70.10 31.91 -24.97
N ALA B 126 -69.08 32.77 -24.90
CA ALA B 126 -67.76 32.52 -25.51
C ALA B 126 -66.78 31.85 -24.55
N VAL B 127 -65.61 31.50 -25.07
CA VAL B 127 -64.50 30.90 -24.31
C VAL B 127 -63.27 31.80 -24.39
N LEU B 128 -62.91 32.40 -23.26
CA LEU B 128 -61.81 33.37 -23.19
C LEU B 128 -60.44 32.70 -23.19
N MET B 129 -59.59 33.05 -24.17
CA MET B 129 -58.17 32.70 -24.16
C MET B 129 -57.43 33.90 -23.57
N LEU B 130 -56.70 33.69 -22.47
CA LEU B 130 -55.84 34.74 -21.92
C LEU B 130 -54.60 34.84 -22.79
N SER B 131 -54.19 36.07 -23.09
CA SER B 131 -52.96 36.30 -23.83
C SER B 131 -51.79 36.28 -22.86
N TRP B 132 -50.67 35.70 -23.30
CA TRP B 132 -49.45 35.62 -22.50
C TRP B 132 -48.67 36.90 -22.72
N LYS B 133 -48.58 37.74 -21.69
CA LYS B 133 -47.81 38.98 -21.75
C LYS B 133 -46.42 38.71 -21.17
N PRO B 134 -45.35 38.87 -21.98
CA PRO B 134 -44.00 38.74 -21.39
C PRO B 134 -43.76 39.76 -20.26
N LEU B 135 -43.24 39.29 -19.13
CA LEU B 135 -42.87 40.18 -18.02
C LEU B 135 -41.49 40.80 -18.19
N LEU B 136 -40.57 40.11 -18.87
CA LEU B 136 -39.17 40.54 -18.93
C LEU B 136 -38.67 40.85 -20.35
N ASP B 137 -37.65 41.70 -20.41
CA ASP B 137 -36.91 42.01 -21.63
C ASP B 137 -35.41 41.92 -21.27
N LEU B 138 -34.84 40.73 -21.40
CA LEU B 138 -33.47 40.46 -20.96
C LEU B 138 -32.43 40.69 -22.06
N PHE B 139 -31.34 41.40 -21.72
CA PHE B 139 -30.21 41.61 -22.62
C PHE B 139 -28.88 41.55 -21.86
N VAL B 164 -29.96 32.49 -19.74
CA VAL B 164 -31.13 33.34 -19.94
C VAL B 164 -32.44 32.68 -19.45
N GLY B 165 -32.46 31.34 -19.36
CA GLY B 165 -33.63 30.60 -18.87
C GLY B 165 -33.83 30.71 -17.37
N ILE B 166 -35.08 30.94 -16.95
CA ILE B 166 -35.44 31.09 -15.54
C ILE B 166 -36.14 29.80 -15.06
N ALA B 167 -35.56 29.15 -14.06
CA ALA B 167 -36.10 27.89 -13.52
C ALA B 167 -37.07 28.12 -12.36
N SER B 168 -36.84 29.17 -11.57
CA SER B 168 -37.76 29.55 -10.50
C SER B 168 -37.63 31.03 -10.17
N TYR B 169 -38.49 31.52 -9.28
CA TYR B 169 -38.45 32.93 -8.87
C TYR B 169 -39.02 33.12 -7.47
N ASP B 170 -38.49 34.12 -6.79
CA ASP B 170 -38.95 34.53 -5.47
C ASP B 170 -39.80 35.81 -5.66
N TYR B 171 -40.62 36.12 -4.67
CA TYR B 171 -41.47 37.30 -4.73
C TYR B 171 -41.85 37.76 -3.33
N HIS B 172 -41.81 39.08 -3.11
CA HIS B 172 -42.21 39.70 -1.86
C HIS B 172 -43.48 40.51 -2.15
N GLN B 173 -44.59 40.11 -1.52
CA GLN B 173 -45.92 40.67 -1.82
C GLN B 173 -45.99 42.18 -1.56
N GLY B 174 -45.56 42.59 -0.37
CA GLY B 174 -45.69 43.96 0.10
C GLY B 174 -44.92 45.04 -0.66
N SER B 175 -43.86 44.63 -1.36
CA SER B 175 -43.03 45.55 -2.16
C SER B 175 -43.25 45.39 -3.68
N GLY B 176 -43.64 44.19 -4.11
CA GLY B 176 -43.77 43.87 -5.53
C GLY B 176 -42.47 43.39 -6.19
N THR B 177 -41.47 43.04 -5.38
CA THR B 177 -40.14 42.69 -5.89
C THR B 177 -40.05 41.23 -6.29
N PHE B 178 -39.80 40.98 -7.58
CA PHE B 178 -39.35 39.68 -8.06
C PHE B 178 -37.83 39.55 -7.86
N LEU B 179 -37.37 38.33 -7.60
CA LEU B 179 -35.95 38.00 -7.52
C LEU B 179 -35.77 36.64 -8.17
N PHE B 180 -34.79 36.51 -9.06
CA PHE B 180 -34.60 35.29 -9.82
C PHE B 180 -33.23 35.22 -10.46
N GLN B 181 -32.80 34.00 -10.78
CA GLN B 181 -31.56 33.75 -11.47
C GLN B 181 -31.86 33.54 -12.95
N ALA B 182 -30.93 33.93 -13.81
CA ALA B 182 -31.08 33.74 -15.25
C ALA B 182 -29.69 33.71 -15.89
N GLY B 183 -29.22 32.51 -16.18
CA GLY B 183 -27.82 32.28 -16.55
C GLY B 183 -26.94 32.49 -15.33
N SER B 184 -25.81 33.17 -15.53
CA SER B 184 -24.90 33.49 -14.42
C SER B 184 -25.44 34.61 -13.49
N GLY B 185 -26.29 35.49 -14.02
CA GLY B 185 -26.76 36.65 -13.27
C GLY B 185 -27.93 36.40 -12.32
N ILE B 186 -28.01 37.24 -11.28
CA ILE B 186 -29.17 37.34 -10.39
C ILE B 186 -29.77 38.73 -10.60
N TYR B 187 -31.09 38.78 -10.80
CA TYR B 187 -31.78 39.99 -11.22
C TYR B 187 -32.97 40.31 -10.33
N HIS B 188 -33.43 41.55 -10.40
CA HIS B 188 -34.66 41.96 -9.70
C HIS B 188 -35.44 43.01 -10.49
N VAL B 189 -36.77 42.91 -10.42
CA VAL B 189 -37.70 43.91 -10.94
C VAL B 189 -38.90 43.97 -10.03
N LYS B 190 -39.70 45.03 -10.18
CA LYS B 190 -40.90 45.23 -9.38
C LYS B 190 -42.15 45.25 -10.23
N ASP B 191 -43.18 44.55 -9.79
CA ASP B 191 -44.50 44.60 -10.40
C ASP B 191 -45.58 44.16 -9.43
N GLY B 192 -46.74 44.80 -9.51
CA GLY B 192 -47.89 44.46 -8.68
C GLY B 192 -47.77 44.75 -7.19
N GLY B 193 -46.92 45.71 -6.83
CA GLY B 193 -46.79 46.18 -5.46
C GLY B 193 -47.36 47.59 -5.36
N PRO B 194 -46.82 48.41 -4.44
CA PRO B 194 -47.20 49.82 -4.38
C PRO B 194 -46.82 50.64 -5.63
N GLN B 195 -45.84 50.20 -6.41
CA GLN B 195 -45.42 50.93 -7.61
C GLN B 195 -46.16 50.51 -8.90
N GLY B 196 -47.30 49.84 -8.75
CA GLY B 196 -48.23 49.62 -9.86
C GLY B 196 -47.91 48.45 -10.77
N PHE B 197 -48.76 48.28 -11.79
CA PHE B 197 -48.69 47.18 -12.74
C PHE B 197 -48.26 47.67 -14.12
N THR B 198 -47.19 47.10 -14.65
CA THR B 198 -46.69 47.46 -15.98
C THR B 198 -47.62 46.95 -17.08
N GLN B 199 -47.70 47.70 -18.17
CA GLN B 199 -48.40 47.27 -19.39
C GLN B 199 -47.44 46.90 -20.52
N GLN B 200 -46.16 46.66 -20.19
CA GLN B 200 -45.16 46.21 -21.16
C GLN B 200 -43.99 45.52 -20.44
N PRO B 201 -43.14 44.78 -21.20
CA PRO B 201 -42.02 44.07 -20.58
C PRO B 201 -41.06 44.96 -19.78
N LEU B 202 -40.48 44.40 -18.73
CA LEU B 202 -39.57 45.09 -17.83
C LEU B 202 -38.14 44.65 -18.06
N ARG B 203 -37.24 45.61 -18.33
CA ARG B 203 -35.80 45.36 -18.28
C ARG B 203 -35.40 45.17 -16.81
N PRO B 204 -34.89 43.98 -16.47
CA PRO B 204 -34.54 43.70 -15.08
C PRO B 204 -33.21 44.30 -14.67
N ASN B 205 -33.06 44.53 -13.37
CA ASN B 205 -31.83 45.10 -12.80
C ASN B 205 -30.90 43.99 -12.35
N LEU B 206 -29.66 43.99 -12.85
CA LEU B 206 -28.63 43.04 -12.44
C LEU B 206 -28.13 43.36 -11.04
N VAL B 207 -28.06 42.36 -10.16
CA VAL B 207 -27.52 42.53 -8.81
C VAL B 207 -25.99 42.53 -8.89
N GLU B 208 -25.36 43.52 -8.23
CA GLU B 208 -23.90 43.61 -8.17
C GLU B 208 -23.27 42.52 -7.31
N THR B 209 -22.08 42.08 -7.70
CA THR B 209 -21.29 41.17 -6.87
C THR B 209 -19.78 41.31 -7.11
N SER B 210 -19.02 41.15 -6.03
CA SER B 210 -17.57 40.98 -6.08
C SER B 210 -17.16 39.52 -6.22
N CYS B 211 -18.12 38.59 -6.10
CA CYS B 211 -17.83 37.16 -6.10
C CYS B 211 -17.43 36.66 -7.49
N PRO B 212 -16.32 35.88 -7.58
CA PRO B 212 -15.80 35.43 -8.88
C PRO B 212 -16.58 34.31 -9.56
N ASN B 213 -17.34 33.53 -8.80
CA ASN B 213 -17.95 32.28 -9.30
C ASN B 213 -19.46 32.37 -9.34
N ILE B 214 -20.06 31.36 -9.98
CA ILE B 214 -21.51 31.23 -10.14
C ILE B 214 -22.23 31.31 -8.79
N ARG B 215 -23.31 32.11 -8.74
CA ARG B 215 -24.15 32.22 -7.55
C ARG B 215 -25.42 31.37 -7.73
N MET B 216 -25.79 30.62 -6.69
CA MET B 216 -26.91 29.68 -6.72
C MET B 216 -27.94 30.01 -5.64
N ASP B 217 -29.18 29.59 -5.89
CA ASP B 217 -30.26 29.59 -4.90
C ASP B 217 -30.46 30.96 -4.20
N PRO B 218 -30.73 32.01 -4.99
CA PRO B 218 -31.00 33.33 -4.39
C PRO B 218 -32.38 33.42 -3.77
N LYS B 219 -32.48 34.06 -2.61
CA LYS B 219 -33.78 34.23 -1.93
C LYS B 219 -33.93 35.63 -1.30
N LEU B 220 -35.09 36.24 -1.49
CA LEU B 220 -35.45 37.48 -0.80
C LEU B 220 -35.69 37.22 0.68
N CYS B 221 -35.28 38.16 1.52
CA CYS B 221 -35.64 38.15 2.94
C CYS B 221 -37.11 38.57 3.05
N PRO B 222 -37.98 37.70 3.61
CA PRO B 222 -39.40 38.09 3.70
C PRO B 222 -39.69 39.32 4.57
N ALA B 223 -38.83 39.58 5.56
CA ALA B 223 -38.95 40.73 6.45
C ALA B 223 -38.36 42.03 5.91
N ASP B 224 -37.50 41.95 4.90
CA ASP B 224 -36.87 43.14 4.28
C ASP B 224 -36.43 42.81 2.85
N PRO B 225 -37.24 43.21 1.84
CA PRO B 225 -36.90 42.87 0.45
C PRO B 225 -35.70 43.62 -0.15
N ASP B 226 -35.06 44.52 0.60
CA ASP B 226 -33.77 45.09 0.18
C ASP B 226 -32.63 44.06 0.29
N TRP B 227 -32.77 43.10 1.21
CA TRP B 227 -31.76 42.04 1.41
C TRP B 227 -32.06 40.74 0.67
N ILE B 228 -31.04 40.18 0.02
CA ILE B 228 -31.09 38.83 -0.54
C ILE B 228 -29.97 37.97 0.07
N ALA B 229 -30.20 36.66 0.05
CA ALA B 229 -29.16 35.68 0.37
C ALA B 229 -28.93 34.83 -0.88
N PHE B 230 -27.75 34.24 -0.96
CA PHE B 230 -27.42 33.32 -2.05
C PHE B 230 -26.23 32.45 -1.64
N ILE B 231 -25.92 31.47 -2.48
CA ILE B 231 -24.83 30.56 -2.23
C ILE B 231 -23.74 30.83 -3.24
N HIS B 232 -22.50 30.86 -2.76
CA HIS B 232 -21.33 31.00 -3.61
C HIS B 232 -20.24 30.09 -3.03
N SER B 233 -19.67 29.23 -3.88
CA SER B 233 -18.65 28.26 -3.48
C SER B 233 -18.92 27.61 -2.12
N ASN B 234 -20.11 27.04 -1.99
CA ASN B 234 -20.55 26.31 -0.79
C ASN B 234 -20.64 27.10 0.52
N ASP B 235 -20.75 28.42 0.43
CA ASP B 235 -20.94 29.28 1.60
C ASP B 235 -22.09 30.24 1.35
N ILE B 236 -22.72 30.69 2.43
CA ILE B 236 -23.87 31.57 2.34
C ILE B 236 -23.36 33.01 2.34
N TRP B 237 -23.74 33.77 1.32
CA TRP B 237 -23.50 35.21 1.25
C TRP B 237 -24.85 35.91 1.35
N ILE B 238 -24.81 37.18 1.75
CA ILE B 238 -25.97 38.08 1.61
C ILE B 238 -25.56 39.38 0.90
N SER B 239 -26.56 40.07 0.38
CA SER B 239 -26.33 41.25 -0.47
C SER B 239 -27.56 42.16 -0.45
N ASN B 240 -27.34 43.46 -0.33
CA ASN B 240 -28.41 44.45 -0.28
C ASN B 240 -28.57 45.07 -1.67
N ILE B 241 -29.77 44.92 -2.26
CA ILE B 241 -30.00 45.37 -3.64
C ILE B 241 -30.20 46.89 -3.79
N VAL B 242 -30.37 47.60 -2.66
CA VAL B 242 -30.42 49.06 -2.64
C VAL B 242 -29.04 49.64 -2.32
N THR B 243 -28.51 49.35 -1.13
CA THR B 243 -27.22 49.90 -0.69
C THR B 243 -25.98 49.30 -1.38
N ARG B 244 -26.11 48.08 -1.92
CA ARG B 244 -25.01 47.33 -2.57
C ARG B 244 -23.97 46.72 -1.62
N GLU B 245 -24.28 46.66 -0.33
CA GLU B 245 -23.41 46.00 0.64
C GLU B 245 -23.48 44.49 0.42
N GLU B 246 -22.31 43.86 0.27
CA GLU B 246 -22.20 42.42 0.09
C GLU B 246 -21.37 41.84 1.23
N ARG B 247 -21.81 40.72 1.82
CA ARG B 247 -21.17 40.14 3.00
C ARG B 247 -21.25 38.61 2.98
N ARG B 248 -20.10 37.98 3.20
CA ARG B 248 -20.02 36.53 3.39
C ARG B 248 -20.43 36.18 4.82
N LEU B 249 -21.39 35.25 4.98
CA LEU B 249 -21.88 34.85 6.31
C LEU B 249 -21.23 33.59 6.89
N THR B 250 -20.70 32.72 6.04
CA THR B 250 -20.05 31.48 6.49
C THR B 250 -18.67 31.31 5.86
N TYR B 251 -17.73 30.72 6.63
CA TYR B 251 -16.34 30.54 6.21
C TYR B 251 -15.95 29.09 6.35
N VAL B 252 -16.76 28.23 5.74
CA VAL B 252 -16.70 26.77 5.89
C VAL B 252 -15.95 26.09 4.72
N HIS B 253 -16.01 26.67 3.53
CA HIS B 253 -15.36 26.12 2.35
C HIS B 253 -14.24 27.05 1.89
N ASN B 254 -13.05 26.49 1.71
CA ASN B 254 -11.91 27.21 1.14
C ASN B 254 -11.67 26.63 -0.26
N GLU B 255 -12.07 27.38 -1.28
CA GLU B 255 -12.01 26.91 -2.68
C GLU B 255 -10.60 26.63 -3.23
N LEU B 256 -9.60 27.32 -2.67
CA LEU B 256 -8.21 27.18 -3.14
C LEU B 256 -7.58 25.82 -2.77
N ALA B 257 -7.95 25.28 -1.60
CA ALA B 257 -7.50 23.95 -1.17
C ALA B 257 -8.18 22.83 -1.96
N ASN B 258 -7.62 21.62 -1.86
CA ASN B 258 -8.15 20.45 -2.58
C ASN B 258 -9.38 19.85 -1.88
N MET B 259 -10.20 19.15 -2.66
CA MET B 259 -11.48 18.60 -2.19
C MET B 259 -11.36 17.40 -1.23
N GLU B 260 -10.20 16.73 -1.23
CA GLU B 260 -9.92 15.63 -0.26
C GLU B 260 -9.91 16.13 1.19
N GLU B 261 -9.22 17.25 1.43
CA GLU B 261 -9.08 17.82 2.78
C GLU B 261 -10.38 18.52 3.20
N ASP B 262 -10.79 19.49 2.39
CA ASP B 262 -11.98 20.31 2.64
C ASP B 262 -13.19 19.73 1.89
N ALA B 263 -14.14 19.18 2.65
CA ALA B 263 -15.39 18.65 2.10
C ALA B 263 -16.59 19.16 2.90
N ARG B 264 -16.55 20.43 3.27
CA ARG B 264 -17.62 21.05 4.04
C ARG B 264 -18.41 22.07 3.22
N SER B 265 -19.65 22.32 3.64
CA SER B 265 -20.57 23.19 2.93
C SER B 265 -21.68 23.69 3.84
N ALA B 266 -22.18 24.88 3.54
CA ALA B 266 -23.26 25.50 4.31
C ALA B 266 -24.34 26.04 3.37
N GLY B 267 -25.60 25.77 3.70
CA GLY B 267 -26.74 26.25 2.90
C GLY B 267 -27.04 25.50 1.61
N VAL B 268 -26.50 24.28 1.47
CA VAL B 268 -26.63 23.48 0.25
C VAL B 268 -27.07 22.08 0.63
N ALA B 269 -28.11 21.57 -0.02
CA ALA B 269 -28.50 20.17 0.13
C ALA B 269 -27.44 19.30 -0.55
N THR B 270 -27.04 18.22 0.11
CA THR B 270 -26.05 17.29 -0.44
C THR B 270 -26.71 16.34 -1.44
N PHE B 271 -25.89 15.52 -2.12
CA PHE B 271 -26.37 14.68 -3.23
C PHE B 271 -27.65 13.90 -2.93
N VAL B 272 -27.62 13.12 -1.87
CA VAL B 272 -28.72 12.22 -1.50
C VAL B 272 -30.02 12.99 -1.23
N LEU B 273 -29.90 14.15 -0.59
CA LEU B 273 -31.08 14.97 -0.28
C LEU B 273 -31.77 15.54 -1.51
N GLN B 274 -31.00 15.91 -2.52
CA GLN B 274 -31.56 16.38 -3.79
C GLN B 274 -32.12 15.22 -4.62
N GLU B 275 -31.36 14.13 -4.71
CA GLU B 275 -31.71 13.03 -5.59
C GLU B 275 -32.84 12.16 -5.03
N GLU B 276 -32.81 11.91 -3.72
CA GLU B 276 -33.72 10.95 -3.07
C GLU B 276 -34.80 11.53 -2.14
N PHE B 277 -34.68 12.80 -1.76
CA PHE B 277 -35.72 13.47 -0.96
C PHE B 277 -36.29 14.75 -1.57
N ASP B 278 -35.80 15.13 -2.76
CA ASP B 278 -36.24 16.34 -3.46
C ASP B 278 -36.21 17.60 -2.59
N ARG B 279 -35.14 17.75 -1.81
CA ARG B 279 -34.82 19.01 -1.15
C ARG B 279 -33.59 19.59 -1.81
N TYR B 280 -33.70 20.83 -2.30
CA TYR B 280 -32.63 21.49 -3.07
C TYR B 280 -32.01 22.71 -2.37
N SER B 281 -32.75 23.35 -1.47
CA SER B 281 -32.23 24.45 -0.67
C SER B 281 -31.83 23.96 0.72
N GLY B 282 -30.71 24.50 1.23
CA GLY B 282 -30.21 24.18 2.57
C GLY B 282 -30.16 25.34 3.58
N TYR B 283 -30.80 26.47 3.28
CA TYR B 283 -30.90 27.61 4.20
C TYR B 283 -32.29 28.24 4.11
N TRP B 284 -32.73 28.86 5.20
CA TRP B 284 -34.09 29.41 5.29
C TRP B 284 -34.13 30.70 6.08
N TRP B 285 -34.50 31.81 5.41
CA TRP B 285 -34.74 33.09 6.08
C TRP B 285 -35.78 32.96 7.18
N CYS B 286 -35.56 33.66 8.30
CA CYS B 286 -36.61 33.85 9.29
C CYS B 286 -37.60 34.87 8.72
N PRO B 287 -38.91 34.57 8.71
CA PRO B 287 -39.88 35.46 8.06
C PRO B 287 -40.10 36.81 8.73
N LYS B 288 -39.74 36.94 10.01
CA LYS B 288 -39.83 38.21 10.74
C LYS B 288 -38.47 38.71 11.19
N ALA B 289 -38.40 40.03 11.43
CA ALA B 289 -37.21 40.72 11.89
C ALA B 289 -37.45 41.20 13.31
N GLU B 290 -36.55 40.86 14.23
CA GLU B 290 -36.62 41.34 15.61
C GLU B 290 -36.08 42.77 15.67
N THR B 291 -36.86 43.68 16.27
CA THR B 291 -36.44 45.08 16.41
C THR B 291 -35.50 45.22 17.60
N THR B 292 -34.39 45.93 17.39
CA THR B 292 -33.43 46.23 18.47
C THR B 292 -33.79 47.56 19.14
N PRO B 293 -33.36 47.75 20.41
CA PRO B 293 -33.52 49.07 21.05
C PRO B 293 -32.78 50.24 20.36
N SER B 294 -31.74 49.94 19.58
CA SER B 294 -30.99 50.95 18.81
C SER B 294 -31.82 51.71 17.76
N GLY B 295 -32.83 51.04 17.18
CA GLY B 295 -33.59 51.58 16.05
C GLY B 295 -33.50 50.69 14.82
N GLY B 296 -32.43 49.89 14.72
CA GLY B 296 -32.26 48.90 13.66
C GLY B 296 -32.98 47.59 13.97
N LYS B 297 -32.48 46.49 13.39
CA LYS B 297 -33.13 45.18 13.53
C LYS B 297 -32.19 43.99 13.33
N ILE B 298 -32.68 42.81 13.71
CA ILE B 298 -31.98 41.53 13.54
C ILE B 298 -32.74 40.66 12.53
N LEU B 299 -32.04 40.26 11.46
CA LEU B 299 -32.53 39.25 10.52
C LEU B 299 -31.83 37.93 10.84
N ARG B 300 -32.53 36.83 10.61
CA ARG B 300 -32.02 35.49 10.93
C ARG B 300 -32.06 34.54 9.72
N ILE B 301 -31.07 33.65 9.63
CA ILE B 301 -31.04 32.60 8.61
C ILE B 301 -30.69 31.27 9.27
N LEU B 302 -31.67 30.37 9.31
CA LEU B 302 -31.42 28.98 9.68
C LEU B 302 -30.69 28.32 8.52
N TYR B 303 -29.68 27.51 8.82
CA TYR B 303 -29.01 26.75 7.77
C TYR B 303 -28.44 25.40 8.21
N GLU B 304 -28.25 24.55 7.22
CA GLU B 304 -27.70 23.21 7.37
C GLU B 304 -26.21 23.33 7.08
N GLU B 305 -25.37 22.73 7.94
CA GLU B 305 -23.93 22.64 7.68
C GLU B 305 -23.57 21.18 7.57
N ASN B 306 -22.90 20.82 6.47
CA ASN B 306 -22.57 19.44 6.14
C ASN B 306 -21.06 19.23 6.09
N ASP B 307 -20.62 18.09 6.62
CA ASP B 307 -19.23 17.65 6.52
C ASP B 307 -19.23 16.32 5.77
N GLU B 308 -18.78 16.35 4.51
CA GLU B 308 -18.76 15.17 3.64
C GLU B 308 -17.40 14.46 3.62
N SER B 309 -16.58 14.68 4.66
CA SER B 309 -15.19 14.17 4.67
C SER B 309 -15.09 12.64 4.69
N GLU B 310 -15.96 12.01 5.48
CA GLU B 310 -16.00 10.55 5.60
C GLU B 310 -16.79 9.85 4.48
N VAL B 311 -17.45 10.62 3.62
CA VAL B 311 -18.28 10.08 2.55
C VAL B 311 -17.39 9.61 1.40
N GLU B 312 -17.81 8.55 0.72
CA GLU B 312 -17.03 7.95 -0.37
C GLU B 312 -16.92 8.91 -1.54
N ILE B 313 -15.76 8.87 -2.23
CA ILE B 313 -15.52 9.65 -3.45
C ILE B 313 -15.57 8.69 -4.62
N ILE B 314 -16.09 9.16 -5.76
CA ILE B 314 -16.16 8.35 -6.98
C ILE B 314 -15.77 9.16 -8.22
N HIS B 315 -15.21 8.45 -9.20
CA HIS B 315 -14.72 9.04 -10.45
C HIS B 315 -15.57 8.45 -11.58
N VAL B 316 -16.13 9.32 -12.42
CA VAL B 316 -17.14 8.91 -13.40
C VAL B 316 -16.49 8.58 -14.74
N SER B 328 -14.98 13.73 -9.68
CA SER B 328 -14.82 13.65 -8.24
C SER B 328 -15.95 14.35 -7.48
N PHE B 329 -16.84 13.55 -6.88
CA PHE B 329 -17.90 14.06 -5.99
C PHE B 329 -18.30 13.04 -4.92
N ARG B 330 -19.03 13.53 -3.92
CA ARG B 330 -19.33 12.77 -2.70
C ARG B 330 -20.62 11.97 -2.83
N TYR B 331 -20.47 10.66 -2.98
CA TYR B 331 -21.58 9.74 -3.22
C TYR B 331 -21.66 8.75 -2.06
N PRO B 332 -22.60 8.97 -1.12
CA PRO B 332 -22.71 8.04 0.00
C PRO B 332 -23.38 6.73 -0.42
N LYS B 333 -22.58 5.75 -0.84
CA LYS B 333 -23.15 4.47 -1.25
C LYS B 333 -23.60 3.64 -0.05
N THR B 334 -24.59 2.78 -0.31
CA THR B 334 -25.35 2.10 0.75
C THR B 334 -24.47 1.31 1.71
N GLY B 335 -24.78 1.41 2.99
CA GLY B 335 -23.96 0.83 4.06
C GLY B 335 -22.86 1.73 4.60
N THR B 336 -22.40 2.69 3.78
CA THR B 336 -21.29 3.58 4.16
C THR B 336 -21.84 4.87 4.77
N ALA B 337 -20.96 5.80 5.13
CA ALA B 337 -21.36 6.98 5.89
C ALA B 337 -22.10 8.01 5.04
N ASN B 338 -23.17 8.56 5.61
CA ASN B 338 -23.81 9.78 5.11
C ASN B 338 -23.02 10.96 5.69
N PRO B 339 -23.25 12.18 5.16
CA PRO B 339 -22.53 13.34 5.70
C PRO B 339 -22.89 13.65 7.14
N LYS B 340 -21.95 14.27 7.87
CA LYS B 340 -22.18 14.71 9.24
C LYS B 340 -22.92 16.05 9.21
N VAL B 341 -24.15 16.07 9.72
CA VAL B 341 -25.03 17.22 9.59
C VAL B 341 -25.24 17.92 10.92
N THR B 342 -25.58 19.21 10.83
CA THR B 342 -26.02 19.99 11.99
C THR B 342 -26.75 21.25 11.54
N PHE B 343 -27.49 21.86 12.46
CA PHE B 343 -28.17 23.14 12.23
C PHE B 343 -27.29 24.28 12.74
N LYS B 344 -27.40 25.43 12.08
CA LYS B 344 -26.69 26.66 12.47
C LYS B 344 -27.63 27.83 12.28
N MET B 345 -27.26 28.99 12.82
CA MET B 345 -28.02 30.21 12.58
C MET B 345 -27.14 31.43 12.42
N SER B 346 -27.31 32.13 11.30
CA SER B 346 -26.64 33.40 11.06
C SER B 346 -27.55 34.49 11.59
N GLU B 347 -27.02 35.34 12.46
CA GLU B 347 -27.77 36.41 13.12
C GLU B 347 -27.16 37.74 12.68
N ILE B 348 -27.91 38.50 11.88
CA ILE B 348 -27.40 39.66 11.17
C ILE B 348 -28.01 40.92 11.75
N MET B 349 -27.21 41.72 12.45
CA MET B 349 -27.65 43.01 13.00
C MET B 349 -27.48 44.12 11.96
N ILE B 350 -28.59 44.76 11.58
CA ILE B 350 -28.60 45.90 10.66
C ILE B 350 -28.99 47.16 11.44
N ASP B 351 -28.34 48.28 11.12
CA ASP B 351 -28.59 49.57 11.78
C ASP B 351 -29.83 50.27 11.20
N ALA B 352 -30.07 51.52 11.60
CA ALA B 352 -31.28 52.27 11.21
C ALA B 352 -31.47 52.52 9.71
N GLU B 353 -30.41 52.48 8.91
CA GLU B 353 -30.51 52.76 7.47
C GLU B 353 -29.84 51.70 6.56
N GLY B 354 -30.05 50.43 6.89
CA GLY B 354 -29.67 49.31 6.02
C GLY B 354 -28.20 48.90 5.94
N ARG B 355 -27.42 49.27 6.96
CA ARG B 355 -25.98 48.93 7.04
C ARG B 355 -25.76 47.84 8.07
N ILE B 356 -24.86 46.90 7.78
CA ILE B 356 -24.55 45.80 8.69
C ILE B 356 -23.70 46.32 9.86
N ILE B 357 -24.23 46.19 11.08
CA ILE B 357 -23.46 46.42 12.31
C ILE B 357 -22.49 45.26 12.48
N ASP B 358 -23.05 44.06 12.60
CA ASP B 358 -22.30 42.85 12.95
C ASP B 358 -23.02 41.60 12.43
N VAL B 359 -22.28 40.51 12.30
CA VAL B 359 -22.82 39.19 11.95
C VAL B 359 -22.29 38.18 12.95
N ILE B 360 -23.19 37.50 13.65
CA ILE B 360 -22.84 36.49 14.64
C ILE B 360 -23.28 35.11 14.13
N ASP B 361 -22.31 34.26 13.81
CA ASP B 361 -22.60 32.87 13.48
C ASP B 361 -22.86 32.10 14.77
N LYS B 362 -23.88 31.25 14.78
CA LYS B 362 -24.34 30.56 15.99
C LYS B 362 -24.55 29.07 15.76
N GLU B 363 -24.20 28.27 16.78
CA GLU B 363 -24.26 26.80 16.73
C GLU B 363 -25.20 26.32 17.82
N LEU B 364 -25.64 25.08 17.71
CA LEU B 364 -26.51 24.49 18.74
C LEU B 364 -25.78 24.40 20.08
N ILE B 365 -26.51 24.67 21.15
CA ILE B 365 -25.97 24.64 22.53
C ILE B 365 -25.38 23.28 22.91
N GLN B 366 -25.97 22.20 22.42
CA GLN B 366 -25.42 20.86 22.52
C GLN B 366 -25.30 20.28 21.11
N PRO B 367 -24.53 19.18 20.94
CA PRO B 367 -24.39 18.63 19.58
C PRO B 367 -25.69 18.12 18.97
N PHE B 368 -25.74 18.09 17.63
CA PHE B 368 -26.89 17.59 16.88
C PHE B 368 -27.24 16.14 17.25
N GLU B 369 -26.21 15.30 17.42
CA GLU B 369 -26.40 13.89 17.80
C GLU B 369 -27.07 13.74 19.17
N ILE B 370 -26.79 14.66 20.09
CA ILE B 370 -27.32 14.61 21.45
C ILE B 370 -28.76 15.11 21.48
N LEU B 371 -29.01 16.27 20.90
CA LEU B 371 -30.37 16.86 20.88
C LEU B 371 -31.37 16.07 20.03
N PHE B 372 -30.90 15.53 18.91
CA PHE B 372 -31.75 14.75 17.99
C PHE B 372 -31.18 13.35 17.83
N GLU B 373 -31.29 12.56 18.89
CA GLU B 373 -30.87 11.16 18.92
C GLU B 373 -31.42 10.40 17.71
N GLY B 374 -30.55 9.67 17.02
CA GLY B 374 -30.93 8.75 15.94
C GLY B 374 -31.13 9.34 14.55
N VAL B 375 -31.15 10.67 14.44
CA VAL B 375 -31.48 11.36 13.19
C VAL B 375 -30.30 11.33 12.20
N GLU B 376 -30.52 10.72 11.04
CA GLU B 376 -29.57 10.79 9.91
C GLU B 376 -29.86 11.98 9.00
N TYR B 377 -31.11 12.11 8.57
CA TYR B 377 -31.48 13.00 7.49
C TYR B 377 -32.36 14.16 7.98
N ILE B 378 -31.99 15.38 7.56
CA ILE B 378 -32.85 16.54 7.69
C ILE B 378 -33.67 16.58 6.41
N ALA B 379 -34.87 16.00 6.45
CA ALA B 379 -35.71 15.87 5.25
C ALA B 379 -36.28 17.22 4.79
N ARG B 380 -36.85 17.96 5.74
CA ARG B 380 -37.45 19.27 5.45
C ARG B 380 -37.16 20.22 6.60
N ALA B 381 -37.23 21.52 6.31
CA ALA B 381 -37.04 22.54 7.34
C ALA B 381 -37.57 23.90 6.92
N GLY B 382 -37.95 24.69 7.91
CA GLY B 382 -38.40 26.06 7.67
C GLY B 382 -38.62 26.81 8.95
N TRP B 383 -39.57 27.74 8.93
CA TRP B 383 -39.96 28.52 10.09
C TRP B 383 -41.47 28.50 10.26
N THR B 384 -41.93 28.83 11.46
CA THR B 384 -43.35 29.07 11.71
C THR B 384 -43.72 30.43 11.12
N PRO B 385 -45.02 30.69 10.88
CA PRO B 385 -45.41 31.96 10.21
C PRO B 385 -44.96 33.26 10.88
N GLU B 386 -44.84 33.26 12.21
CA GLU B 386 -44.45 34.46 12.98
C GLU B 386 -42.95 34.50 13.30
N GLY B 387 -42.19 33.50 12.84
CA GLY B 387 -40.75 33.44 13.08
C GLY B 387 -40.31 33.02 14.48
N LYS B 388 -41.24 32.49 15.29
CA LYS B 388 -40.92 32.16 16.68
C LYS B 388 -40.07 30.90 16.79
N TYR B 389 -40.44 29.87 16.03
CA TYR B 389 -39.70 28.61 15.99
C TYR B 389 -39.24 28.31 14.57
N ALA B 390 -38.04 27.75 14.45
CA ALA B 390 -37.67 26.99 13.25
C ALA B 390 -38.30 25.61 13.42
N TRP B 391 -38.77 25.02 12.32
CA TRP B 391 -39.24 23.61 12.35
C TRP B 391 -38.38 22.76 11.44
N SER B 392 -38.47 21.45 11.64
CA SER B 392 -37.75 20.49 10.83
C SER B 392 -38.39 19.12 10.90
N ILE B 393 -38.33 18.38 9.79
CA ILE B 393 -38.83 17.02 9.71
C ILE B 393 -37.61 16.14 9.58
N LEU B 394 -37.39 15.29 10.59
CA LEU B 394 -36.16 14.51 10.73
C LEU B 394 -36.45 13.02 10.63
N LEU B 395 -35.61 12.30 9.90
CA LEU B 395 -35.70 10.83 9.75
C LEU B 395 -34.51 10.13 10.39
N ASP B 396 -34.71 8.87 10.78
CA ASP B 396 -33.59 8.00 11.21
C ASP B 396 -32.96 7.34 9.98
N ARG B 397 -31.89 6.59 10.17
CA ARG B 397 -31.20 5.92 9.05
C ARG B 397 -32.09 4.94 8.26
N SER B 398 -32.84 4.11 8.99
CA SER B 398 -33.71 3.12 8.36
C SER B 398 -34.93 3.73 7.65
N GLN B 399 -35.22 5.01 7.93
CA GLN B 399 -36.34 5.74 7.33
C GLN B 399 -37.66 5.10 7.71
N THR B 400 -37.75 4.72 8.98
CA THR B 400 -38.97 4.18 9.59
C THR B 400 -39.49 5.03 10.74
N ARG B 401 -38.72 6.02 11.21
CA ARG B 401 -39.18 6.98 12.22
C ARG B 401 -39.11 8.39 11.63
N LEU B 402 -40.20 9.13 11.75
CA LEU B 402 -40.24 10.54 11.38
C LEU B 402 -40.57 11.34 12.62
N GLN B 403 -39.91 12.48 12.79
CA GLN B 403 -40.18 13.41 13.88
C GLN B 403 -40.28 14.82 13.32
N ILE B 404 -41.32 15.56 13.73
CA ILE B 404 -41.43 16.98 13.44
C ILE B 404 -40.99 17.71 14.71
N VAL B 405 -39.95 18.54 14.60
CA VAL B 405 -39.33 19.17 15.77
C VAL B 405 -39.29 20.68 15.61
N LEU B 406 -39.87 21.40 16.57
CA LEU B 406 -39.67 22.85 16.68
C LEU B 406 -38.34 23.12 17.39
N ILE B 407 -37.64 24.17 16.94
CA ILE B 407 -36.32 24.56 17.47
C ILE B 407 -36.32 26.08 17.68
N SER B 408 -36.25 26.51 18.92
CA SER B 408 -36.20 27.94 19.25
C SER B 408 -34.84 28.55 18.86
N PRO B 409 -34.82 29.82 18.40
CA PRO B 409 -33.52 30.51 18.18
C PRO B 409 -32.64 30.67 19.43
N GLU B 410 -33.24 30.59 20.62
CA GLU B 410 -32.50 30.61 21.89
C GLU B 410 -31.68 29.33 22.15
N LEU B 411 -32.00 28.23 21.45
CA LEU B 411 -31.15 27.01 21.46
C LEU B 411 -29.77 27.17 20.82
N PHE B 412 -29.57 28.24 20.05
CA PHE B 412 -28.29 28.52 19.39
C PHE B 412 -27.50 29.55 20.19
N ILE B 413 -26.26 29.22 20.53
CA ILE B 413 -25.34 30.17 21.16
C ILE B 413 -24.29 30.62 20.15
N PRO B 414 -23.60 31.76 20.41
CA PRO B 414 -22.50 32.15 19.51
C PRO B 414 -21.34 31.15 19.49
N VAL B 415 -20.66 31.08 18.35
CA VAL B 415 -19.50 30.19 18.18
C VAL B 415 -18.28 30.90 18.78
N GLU B 416 -17.73 30.33 19.86
CA GLU B 416 -16.51 30.84 20.49
C GLU B 416 -15.54 29.70 20.78
N ASP B 417 -14.28 29.89 20.36
CA ASP B 417 -13.21 28.92 20.61
C ASP B 417 -12.58 29.05 22.01
N ASP B 418 -12.76 30.22 22.65
CA ASP B 418 -12.36 30.43 24.04
C ASP B 418 -13.29 29.64 24.98
N VAL B 419 -12.73 28.59 25.60
CA VAL B 419 -13.51 27.68 26.47
C VAL B 419 -14.11 28.34 27.72
N MET B 420 -13.46 29.40 28.22
CA MET B 420 -13.95 30.15 29.37
C MET B 420 -15.25 30.89 29.04
N GLU B 421 -15.21 31.69 27.97
CA GLU B 421 -16.37 32.44 27.48
C GLU B 421 -17.51 31.53 27.04
N ARG B 422 -17.17 30.40 26.41
CA ARG B 422 -18.15 29.45 25.87
C ARG B 422 -19.03 28.81 26.95
N GLN B 423 -18.43 28.51 28.10
CA GLN B 423 -19.16 27.93 29.23
C GLN B 423 -20.15 28.92 29.87
N ARG B 424 -19.84 30.22 29.83
CA ARG B 424 -20.76 31.25 30.32
C ARG B 424 -22.00 31.38 29.42
N LEU B 425 -21.80 31.25 28.11
CA LEU B 425 -22.89 31.28 27.13
C LEU B 425 -23.86 30.11 27.27
N ILE B 426 -23.35 28.93 27.62
CA ILE B 426 -24.18 27.73 27.83
C ILE B 426 -25.08 27.90 29.07
N GLU B 427 -24.49 28.39 30.16
CA GLU B 427 -25.22 28.59 31.42
C GLU B 427 -26.27 29.71 31.36
N SER B 428 -26.04 30.71 30.49
CA SER B 428 -26.99 31.81 30.31
C SER B 428 -28.34 31.41 29.69
N VAL B 429 -28.33 30.34 28.89
CA VAL B 429 -29.55 29.83 28.27
C VAL B 429 -30.36 29.03 29.31
N PRO B 430 -31.65 29.38 29.51
CA PRO B 430 -32.49 28.61 30.45
C PRO B 430 -32.62 27.13 30.08
N ASP B 431 -32.82 26.29 31.09
CA ASP B 431 -33.03 24.86 30.89
C ASP B 431 -34.39 24.55 30.24
N SER B 432 -35.36 25.45 30.40
CA SER B 432 -36.67 25.34 29.75
C SER B 432 -36.60 25.43 28.22
N VAL B 433 -35.60 26.15 27.70
CA VAL B 433 -35.35 26.21 26.25
C VAL B 433 -34.78 24.86 25.80
N THR B 434 -35.56 24.15 24.99
CA THR B 434 -35.30 22.75 24.67
C THR B 434 -36.03 22.38 23.37
N PRO B 435 -35.46 21.48 22.54
CA PRO B 435 -36.17 21.11 21.31
C PRO B 435 -37.51 20.46 21.61
N LEU B 436 -38.51 20.78 20.80
CA LEU B 436 -39.89 20.33 21.00
C LEU B 436 -40.32 19.39 19.89
N ILE B 437 -40.33 18.08 20.16
CA ILE B 437 -40.82 17.10 19.20
C ILE B 437 -42.35 17.11 19.26
N ILE B 438 -42.96 17.91 18.38
CA ILE B 438 -44.41 18.08 18.32
C ILE B 438 -45.18 16.94 17.65
N TYR B 439 -44.46 16.03 16.99
CA TYR B 439 -45.10 14.86 16.37
C TYR B 439 -44.06 13.78 16.07
N GLU B 440 -44.44 12.52 16.30
CA GLU B 440 -43.60 11.37 15.97
C GLU B 440 -44.47 10.24 15.42
N GLU B 441 -43.92 9.49 14.46
CA GLU B 441 -44.59 8.35 13.86
C GLU B 441 -43.58 7.31 13.42
N THR B 442 -44.04 6.05 13.37
CA THR B 442 -43.20 4.92 12.99
C THR B 442 -43.94 4.01 12.02
N THR B 443 -43.20 3.15 11.33
CA THR B 443 -43.79 2.19 10.38
C THR B 443 -42.86 1.01 10.11
N ASP B 444 -43.46 -0.16 9.85
CA ASP B 444 -42.70 -1.36 9.48
C ASP B 444 -42.25 -1.32 8.02
N ILE B 445 -42.88 -0.47 7.20
CA ILE B 445 -42.56 -0.36 5.78
C ILE B 445 -41.52 0.75 5.58
N TRP B 446 -41.96 1.98 5.35
CA TRP B 446 -41.04 3.14 5.26
C TRP B 446 -41.80 4.45 5.24
N ILE B 447 -41.12 5.51 5.70
CA ILE B 447 -41.68 6.85 5.67
C ILE B 447 -41.45 7.45 4.29
N ASN B 448 -42.53 7.93 3.67
CA ASN B 448 -42.44 8.68 2.42
C ASN B 448 -42.51 10.19 2.73
N ILE B 449 -41.43 10.90 2.42
CA ILE B 449 -41.39 12.34 2.66
C ILE B 449 -42.26 13.03 1.61
N HIS B 450 -42.93 14.10 2.05
CA HIS B 450 -43.81 14.89 1.18
C HIS B 450 -43.72 16.35 1.58
N ASP B 451 -44.35 17.22 0.80
CA ASP B 451 -44.21 18.67 0.97
C ASP B 451 -45.35 19.34 1.77
N ILE B 452 -46.34 18.57 2.20
CA ILE B 452 -47.43 19.06 3.04
C ILE B 452 -46.98 19.26 4.49
N PHE B 453 -47.07 20.50 4.96
CA PHE B 453 -46.94 20.84 6.38
C PHE B 453 -47.39 22.28 6.61
N HIS B 454 -48.59 22.46 7.16
CA HIS B 454 -49.16 23.78 7.40
C HIS B 454 -49.28 24.03 8.89
N VAL B 455 -48.70 25.12 9.37
CA VAL B 455 -48.76 25.55 10.77
C VAL B 455 -49.72 26.73 10.87
N PHE B 456 -50.69 26.65 11.79
CA PHE B 456 -51.65 27.74 12.00
C PHE B 456 -51.04 28.84 12.87
N PRO B 457 -51.65 30.04 12.87
CA PRO B 457 -51.23 31.06 13.82
C PRO B 457 -51.40 30.59 15.27
N GLN B 458 -50.41 30.90 16.10
CA GLN B 458 -50.35 30.43 17.48
C GLN B 458 -51.29 31.27 18.36
N SER B 459 -52.38 30.65 18.81
CA SER B 459 -53.34 31.33 19.70
C SER B 459 -52.81 31.33 21.13
N HIS B 460 -52.67 30.14 21.72
CA HIS B 460 -52.14 30.00 23.08
C HIS B 460 -50.62 29.73 23.05
N GLU B 461 -49.92 30.27 24.04
CA GLU B 461 -48.44 30.25 24.09
C GLU B 461 -47.85 28.84 24.23
N GLU B 462 -48.57 27.95 24.92
CA GLU B 462 -48.11 26.58 25.21
C GLU B 462 -48.82 25.50 24.38
N GLU B 463 -49.38 25.88 23.23
CA GLU B 463 -49.97 24.94 22.27
C GLU B 463 -49.57 25.34 20.86
N ILE B 464 -49.45 24.36 19.97
CA ILE B 464 -49.30 24.63 18.53
C ILE B 464 -50.21 23.73 17.71
N GLU B 465 -50.81 24.30 16.67
CA GLU B 465 -51.84 23.66 15.87
C GLU B 465 -51.36 23.58 14.42
N PHE B 466 -51.46 22.40 13.80
CA PHE B 466 -50.93 22.21 12.44
C PHE B 466 -51.59 21.04 11.67
N ILE B 467 -51.51 21.11 10.35
CA ILE B 467 -51.94 20.04 9.45
C ILE B 467 -50.70 19.35 8.91
N PHE B 468 -50.71 18.01 8.95
CA PHE B 468 -49.65 17.17 8.42
C PHE B 468 -50.34 16.00 7.71
N ALA B 469 -49.59 15.28 6.87
CA ALA B 469 -50.12 14.12 6.17
C ALA B 469 -49.30 12.89 6.53
N SER B 470 -49.93 11.72 6.54
CA SER B 470 -49.24 10.49 6.94
C SER B 470 -49.93 9.23 6.43
N GLU B 471 -49.11 8.26 6.02
CA GLU B 471 -49.54 6.90 5.68
C GLU B 471 -49.54 5.95 6.90
N CYS B 472 -48.95 6.38 8.01
CA CYS B 472 -48.67 5.48 9.14
C CYS B 472 -49.89 4.98 9.94
N LYS B 473 -51.01 5.71 9.93
CA LYS B 473 -52.22 5.28 10.65
C LYS B 473 -52.95 4.17 9.91
N THR B 474 -53.18 4.36 8.61
CA THR B 474 -54.05 3.47 7.81
C THR B 474 -53.42 2.74 6.61
N GLY B 475 -52.22 3.16 6.18
CA GLY B 475 -51.60 2.65 4.95
C GLY B 475 -51.94 3.46 3.70
N PHE B 476 -52.66 4.56 3.88
CA PHE B 476 -52.91 5.53 2.82
C PHE B 476 -52.63 6.92 3.37
N ARG B 477 -52.13 7.82 2.52
CA ARG B 477 -51.76 9.17 2.95
C ARG B 477 -53.02 9.99 3.15
N HIS B 478 -53.20 10.52 4.37
CA HIS B 478 -54.34 11.37 4.70
C HIS B 478 -53.92 12.55 5.53
N LEU B 479 -54.77 13.58 5.52
CA LEU B 479 -54.49 14.83 6.24
C LEU B 479 -54.98 14.71 7.67
N TYR B 480 -54.15 15.13 8.61
CA TYR B 480 -54.50 15.12 10.04
C TYR B 480 -54.26 16.49 10.65
N LYS B 481 -55.25 16.98 11.39
CA LYS B 481 -55.12 18.21 12.18
C LYS B 481 -54.63 17.78 13.56
N ILE B 482 -53.52 18.36 14.00
CA ILE B 482 -52.85 17.94 15.22
C ILE B 482 -52.58 19.17 16.10
N THR B 483 -52.86 19.02 17.38
CA THR B 483 -52.53 20.05 18.38
C THR B 483 -51.57 19.42 19.38
N SER B 484 -50.47 20.11 19.66
CA SER B 484 -49.40 19.59 20.51
C SER B 484 -49.08 20.58 21.62
N ILE B 485 -48.84 20.04 22.82
CA ILE B 485 -48.60 20.83 24.03
C ILE B 485 -47.10 21.07 24.21
N LEU B 486 -46.70 22.32 24.32
CA LEU B 486 -45.30 22.70 24.41
C LEU B 486 -44.85 22.66 25.87
N LYS B 487 -44.52 21.46 26.34
CA LYS B 487 -44.07 21.23 27.72
C LYS B 487 -42.70 21.83 27.97
N GLU B 488 -42.43 22.16 29.23
CA GLU B 488 -41.06 22.27 29.71
C GLU B 488 -40.58 20.84 29.86
N SER B 489 -39.39 20.55 29.34
CA SER B 489 -38.87 19.18 29.32
C SER B 489 -38.47 18.70 30.72
N LYS B 490 -38.59 17.39 30.93
CA LYS B 490 -38.11 16.71 32.14
C LYS B 490 -36.60 16.90 32.31
N TYR B 491 -35.88 16.74 31.20
CA TYR B 491 -34.43 16.94 31.14
C TYR B 491 -34.04 18.38 31.46
N LYS B 492 -33.15 18.53 32.43
CA LYS B 492 -32.53 19.83 32.76
C LYS B 492 -31.04 19.76 32.42
N ARG B 493 -30.56 20.80 31.74
CA ARG B 493 -29.17 20.89 31.30
C ARG B 493 -28.18 21.19 32.43
N SER B 494 -28.68 21.74 33.56
CA SER B 494 -27.87 22.01 34.76
C SER B 494 -27.20 20.75 35.29
N SER B 495 -27.97 19.66 35.41
CA SER B 495 -27.47 18.36 35.86
C SER B 495 -26.24 17.85 35.09
N GLY B 496 -26.12 18.23 33.82
CA GLY B 496 -24.97 17.88 33.00
C GLY B 496 -25.01 16.46 32.47
N GLY B 497 -26.20 15.86 32.43
CA GLY B 497 -26.41 14.54 31.84
C GLY B 497 -26.80 14.65 30.38
N LEU B 498 -27.15 13.51 29.78
CA LEU B 498 -27.61 13.45 28.39
C LEU B 498 -29.06 12.97 28.36
N PRO B 499 -29.92 13.62 27.56
CA PRO B 499 -31.37 13.35 27.60
C PRO B 499 -31.76 11.95 27.13
N ALA B 500 -32.80 11.39 27.75
CA ALA B 500 -33.38 10.12 27.32
C ALA B 500 -34.08 10.27 25.95
N PRO B 501 -34.30 9.15 25.23
CA PRO B 501 -34.94 9.20 23.91
C PRO B 501 -36.27 9.98 23.84
N SER B 502 -37.12 9.82 24.85
CA SER B 502 -38.45 10.44 24.87
C SER B 502 -38.55 11.70 25.76
N ASP B 503 -37.42 12.30 26.15
CA ASP B 503 -37.42 13.48 27.01
C ASP B 503 -37.95 14.75 26.33
N PHE B 504 -37.73 14.86 25.01
CA PHE B 504 -38.19 16.03 24.24
C PHE B 504 -39.59 15.87 23.63
N LYS B 505 -40.23 14.71 23.79
CA LYS B 505 -41.53 14.45 23.17
C LYS B 505 -42.65 15.27 23.80
N CYS B 506 -43.44 15.93 22.96
CA CYS B 506 -44.63 16.66 23.39
C CYS B 506 -45.84 15.73 23.34
N PRO B 507 -46.73 15.83 24.34
CA PRO B 507 -47.95 15.02 24.28
C PRO B 507 -48.96 15.62 23.30
N ILE B 508 -49.76 14.74 22.69
CA ILE B 508 -50.72 15.14 21.66
C ILE B 508 -52.09 15.40 22.30
N LYS B 509 -52.52 16.67 22.30
CA LYS B 509 -53.84 17.03 22.83
C LYS B 509 -54.99 16.55 21.94
N GLU B 510 -54.80 16.66 20.62
CA GLU B 510 -55.86 16.43 19.65
C GLU B 510 -55.23 15.89 18.36
N GLU B 511 -55.84 14.87 17.78
CA GLU B 511 -55.40 14.35 16.47
C GLU B 511 -56.61 13.94 15.64
N ILE B 512 -57.14 14.88 14.86
CA ILE B 512 -58.36 14.69 14.06
C ILE B 512 -57.99 14.30 12.64
N ALA B 513 -58.57 13.20 12.16
CA ALA B 513 -58.41 12.79 10.76
C ALA B 513 -59.31 13.64 9.85
N ILE B 514 -58.69 14.48 9.03
CA ILE B 514 -59.43 15.35 8.08
C ILE B 514 -59.94 14.54 6.90
N THR B 515 -59.16 13.55 6.45
CA THR B 515 -59.56 12.65 5.37
C THR B 515 -59.37 11.18 5.77
N SER B 516 -60.04 10.28 5.07
CA SER B 516 -59.91 8.84 5.28
C SER B 516 -60.47 8.06 4.11
N GLY B 517 -60.04 6.81 3.97
CA GLY B 517 -60.49 5.92 2.90
C GLY B 517 -59.37 5.12 2.26
N GLU B 518 -59.74 4.31 1.26
CA GLU B 518 -58.79 3.48 0.51
C GLU B 518 -58.31 4.23 -0.74
N TRP B 519 -57.66 5.36 -0.48
CA TRP B 519 -57.16 6.27 -1.52
C TRP B 519 -56.24 7.26 -0.82
N GLU B 520 -55.32 7.89 -1.56
CA GLU B 520 -54.31 8.77 -0.94
C GLU B 520 -54.42 10.25 -1.32
N VAL B 521 -54.02 11.10 -0.39
CA VAL B 521 -53.76 12.52 -0.63
C VAL B 521 -52.34 12.63 -1.21
N LEU B 522 -52.18 13.49 -2.20
CA LEU B 522 -50.90 13.66 -2.90
C LEU B 522 -50.08 14.83 -2.32
N GLY B 523 -48.79 14.57 -2.08
CA GLY B 523 -47.89 15.55 -1.47
C GLY B 523 -46.51 15.67 -2.08
N ARG B 524 -46.34 15.20 -3.31
CA ARG B 524 -45.06 15.26 -4.02
C ARG B 524 -45.23 15.82 -5.42
N HIS B 525 -44.11 16.20 -6.03
CA HIS B 525 -44.04 16.69 -7.42
C HIS B 525 -44.91 17.92 -7.70
N GLY B 526 -45.01 18.80 -6.72
CA GLY B 526 -45.82 20.01 -6.84
C GLY B 526 -47.20 19.94 -6.21
N SER B 527 -47.67 18.73 -5.88
CA SER B 527 -48.94 18.56 -5.19
C SER B 527 -48.79 18.98 -3.73
N ASN B 528 -49.68 19.85 -3.28
CA ASN B 528 -49.69 20.33 -1.91
C ASN B 528 -51.11 20.66 -1.51
N ILE B 529 -51.27 21.00 -0.24
CA ILE B 529 -52.50 21.60 0.24
C ILE B 529 -52.42 23.12 0.18
N GLN B 530 -53.58 23.76 0.01
CA GLN B 530 -53.77 25.18 0.24
C GLN B 530 -54.87 25.29 1.31
N VAL B 531 -54.64 26.10 2.33
CA VAL B 531 -55.55 26.22 3.47
C VAL B 531 -56.25 27.59 3.46
N ASP B 532 -57.57 27.56 3.61
CA ASP B 532 -58.40 28.75 3.70
C ASP B 532 -58.77 28.92 5.17
N GLU B 533 -58.03 29.77 5.88
CA GLU B 533 -58.25 29.96 7.32
C GLU B 533 -59.53 30.73 7.69
N VAL B 534 -60.06 31.51 6.75
CA VAL B 534 -61.30 32.28 6.99
C VAL B 534 -62.51 31.34 6.95
N ARG B 535 -62.64 30.61 5.85
CA ARG B 535 -63.69 29.59 5.69
C ARG B 535 -63.39 28.28 6.43
N ARG B 536 -62.14 28.09 6.85
CA ARG B 536 -61.69 26.92 7.59
C ARG B 536 -61.80 25.65 6.75
N LEU B 537 -61.25 25.75 5.54
CA LEU B 537 -61.22 24.66 4.55
C LEU B 537 -59.79 24.37 4.13
N VAL B 538 -59.59 23.17 3.56
CA VAL B 538 -58.30 22.77 3.01
C VAL B 538 -58.51 22.14 1.64
N TYR B 539 -57.83 22.69 0.63
CA TYR B 539 -57.86 22.16 -0.73
C TYR B 539 -56.70 21.18 -0.84
N PHE B 540 -56.93 20.04 -1.49
CA PHE B 540 -55.89 19.03 -1.67
C PHE B 540 -56.11 18.21 -2.94
N GLU B 541 -55.04 17.63 -3.47
CA GLU B 541 -55.14 16.68 -4.60
C GLU B 541 -55.17 15.25 -4.06
N GLY B 542 -55.80 14.34 -4.79
CA GLY B 542 -55.93 12.96 -4.34
C GLY B 542 -56.47 11.99 -5.37
N THR B 543 -56.50 10.72 -4.97
CA THR B 543 -56.89 9.60 -5.85
C THR B 543 -58.27 8.97 -5.49
N LYS B 544 -59.16 9.75 -4.87
CA LYS B 544 -60.42 9.21 -4.34
C LYS B 544 -61.31 8.60 -5.40
N ASP B 545 -61.54 9.35 -6.47
CA ASP B 545 -62.38 8.88 -7.56
C ASP B 545 -61.75 7.74 -8.36
N SER B 546 -60.42 7.73 -8.47
CA SER B 546 -59.71 6.65 -9.16
C SER B 546 -58.21 6.74 -8.94
N PRO B 547 -57.51 5.58 -8.87
CA PRO B 547 -56.05 5.62 -8.87
C PRO B 547 -55.42 6.04 -10.21
N LEU B 548 -56.20 6.06 -11.29
CA LEU B 548 -55.70 6.46 -12.61
C LEU B 548 -55.88 7.95 -12.94
N GLU B 549 -56.47 8.73 -12.02
CA GLU B 549 -56.74 10.15 -12.24
C GLU B 549 -56.51 10.94 -10.94
N HIS B 550 -55.63 11.94 -11.00
CA HIS B 550 -55.50 12.91 -9.91
C HIS B 550 -56.62 13.94 -10.03
N HIS B 551 -57.26 14.28 -8.90
CA HIS B 551 -58.33 15.30 -8.86
C HIS B 551 -58.14 16.24 -7.68
N LEU B 552 -58.69 17.44 -7.82
CA LEU B 552 -58.67 18.44 -6.76
C LEU B 552 -59.92 18.28 -5.91
N TYR B 553 -59.75 18.35 -4.60
CA TYR B 553 -60.85 18.24 -3.64
C TYR B 553 -60.79 19.36 -2.62
N VAL B 554 -61.90 19.59 -1.92
CA VAL B 554 -61.95 20.51 -0.78
C VAL B 554 -62.75 19.87 0.35
N VAL B 555 -62.37 20.19 1.59
CA VAL B 555 -62.95 19.61 2.79
C VAL B 555 -62.70 20.55 3.96
N SER B 556 -63.61 20.54 4.93
CA SER B 556 -63.44 21.32 6.16
C SER B 556 -62.42 20.62 7.04
N TYR B 557 -61.55 21.39 7.68
CA TYR B 557 -60.61 20.84 8.67
C TYR B 557 -61.11 20.96 10.12
N VAL B 558 -62.27 21.61 10.33
CA VAL B 558 -62.84 21.80 11.66
C VAL B 558 -63.85 20.70 11.97
N ASN B 559 -64.88 20.58 11.14
CA ASN B 559 -65.83 19.47 11.22
C ASN B 559 -65.71 18.68 9.93
N PRO B 560 -64.65 17.87 9.81
CA PRO B 560 -64.41 17.19 8.54
C PRO B 560 -65.47 16.14 8.23
N GLY B 561 -65.91 16.09 6.98
CA GLY B 561 -66.88 15.11 6.54
C GLY B 561 -66.90 14.95 5.04
N GLU B 562 -67.79 15.69 4.37
CA GLU B 562 -67.96 15.58 2.93
C GLU B 562 -66.75 16.15 2.20
N VAL B 563 -66.22 15.37 1.25
CA VAL B 563 -65.09 15.78 0.43
C VAL B 563 -65.63 16.12 -0.96
N THR B 564 -65.75 17.42 -1.25
CA THR B 564 -66.25 17.89 -2.54
C THR B 564 -65.13 17.86 -3.57
N ARG B 565 -65.35 17.12 -4.66
CA ARG B 565 -64.46 17.15 -5.82
C ARG B 565 -64.74 18.41 -6.65
N LEU B 566 -63.67 19.06 -7.11
CA LEU B 566 -63.75 20.30 -7.89
C LEU B 566 -63.32 20.14 -9.37
N THR B 567 -62.57 19.11 -9.70
CA THR B 567 -62.18 18.84 -11.08
C THR B 567 -63.12 17.82 -11.73
N ASP B 568 -63.17 17.85 -13.07
CA ASP B 568 -64.11 17.02 -13.84
C ASP B 568 -63.51 15.65 -14.16
N ARG B 569 -64.33 14.62 -14.02
CA ARG B 569 -63.92 13.24 -14.32
C ARG B 569 -63.65 13.06 -15.81
N GLY B 570 -62.86 12.04 -16.12
CA GLY B 570 -62.39 11.80 -17.50
C GLY B 570 -61.02 12.40 -17.82
N TYR B 571 -60.43 13.15 -16.89
CA TYR B 571 -59.07 13.68 -17.01
C TYR B 571 -58.30 13.50 -15.69
N SER B 572 -56.97 13.49 -15.78
CA SER B 572 -56.10 13.58 -14.62
C SER B 572 -55.59 15.02 -14.51
N HIS B 573 -55.66 15.60 -13.31
CA HIS B 573 -55.43 17.03 -13.08
C HIS B 573 -54.24 17.31 -12.16
N SER B 574 -53.39 18.24 -12.58
CA SER B 574 -52.32 18.78 -11.75
C SER B 574 -52.73 20.23 -11.46
N CYS B 575 -52.99 20.54 -10.19
CA CYS B 575 -53.66 21.78 -9.80
C CYS B 575 -52.83 22.73 -8.93
N CYS B 576 -53.21 24.00 -8.97
CA CYS B 576 -52.55 25.07 -8.23
C CYS B 576 -53.63 26.05 -7.77
N ILE B 577 -53.76 26.22 -6.46
CA ILE B 577 -54.81 27.09 -5.89
C ILE B 577 -54.23 28.47 -5.57
N SER B 578 -54.99 29.51 -5.90
CA SER B 578 -54.61 30.89 -5.57
C SER B 578 -54.46 31.08 -4.06
N GLN B 579 -53.51 31.91 -3.64
CA GLN B 579 -53.33 32.23 -2.23
C GLN B 579 -54.59 32.87 -1.60
N HIS B 580 -55.42 33.50 -2.44
CA HIS B 580 -56.69 34.09 -2.01
C HIS B 580 -57.86 33.10 -2.02
N CYS B 581 -57.62 31.87 -2.47
CA CYS B 581 -58.59 30.76 -2.42
C CYS B 581 -59.91 31.03 -3.15
N ASP B 582 -59.85 31.84 -4.21
CA ASP B 582 -61.01 32.18 -5.04
C ASP B 582 -60.80 31.86 -6.54
N PHE B 583 -59.73 31.14 -6.85
CA PHE B 583 -59.43 30.68 -8.21
C PHE B 583 -58.53 29.46 -8.10
N PHE B 584 -58.59 28.58 -9.09
CA PHE B 584 -57.55 27.57 -9.25
C PHE B 584 -57.30 27.30 -10.72
N ILE B 585 -56.11 26.76 -10.98
CA ILE B 585 -55.66 26.44 -12.31
C ILE B 585 -55.43 24.94 -12.31
N SER B 586 -55.77 24.30 -13.43
CA SER B 586 -55.60 22.87 -13.58
C SER B 586 -54.89 22.61 -14.90
N LYS B 587 -53.78 21.89 -14.83
CA LYS B 587 -53.16 21.31 -16.00
C LYS B 587 -53.66 19.88 -16.11
N TYR B 588 -54.48 19.61 -17.11
CA TYR B 588 -55.16 18.32 -17.22
C TYR B 588 -55.00 17.68 -18.59
N SER B 589 -55.24 16.37 -18.64
CA SER B 589 -55.23 15.61 -19.89
C SER B 589 -55.90 14.26 -19.67
N ASN B 590 -56.06 13.52 -20.76
CA ASN B 590 -56.39 12.10 -20.68
C ASN B 590 -55.67 11.36 -21.82
N GLN B 591 -55.88 10.05 -21.88
CA GLN B 591 -55.23 9.19 -22.85
C GLN B 591 -55.36 9.68 -24.32
N LYS B 592 -56.51 10.27 -24.65
CA LYS B 592 -56.82 10.72 -26.03
C LYS B 592 -56.43 12.17 -26.33
N ASN B 593 -56.63 13.07 -25.36
CA ASN B 593 -56.42 14.52 -25.54
C ASN B 593 -55.11 15.00 -24.89
N PRO B 594 -54.27 15.76 -25.63
CA PRO B 594 -53.09 16.39 -25.02
C PRO B 594 -53.37 17.40 -23.91
N HIS B 595 -52.30 17.87 -23.27
CA HIS B 595 -52.38 18.68 -22.05
C HIS B 595 -53.06 20.04 -22.30
N CYS B 596 -53.99 20.41 -21.42
CA CYS B 596 -54.60 21.75 -21.39
C CYS B 596 -54.33 22.39 -20.04
N VAL B 597 -54.35 23.72 -19.99
CA VAL B 597 -54.28 24.48 -18.75
C VAL B 597 -55.42 25.50 -18.74
N SER B 598 -56.25 25.43 -17.71
CA SER B 598 -57.44 26.26 -17.64
C SER B 598 -57.61 26.88 -16.25
N LEU B 599 -58.27 28.03 -16.23
CA LEU B 599 -58.55 28.80 -15.03
C LEU B 599 -60.00 28.59 -14.60
N TYR B 600 -60.20 28.32 -13.32
CA TYR B 600 -61.51 28.08 -12.75
C TYR B 600 -61.70 28.98 -11.55
N LYS B 601 -62.82 29.68 -11.51
CA LYS B 601 -63.19 30.56 -10.41
C LYS B 601 -63.95 29.78 -9.35
N LEU B 602 -63.55 29.93 -8.10
CA LEU B 602 -64.24 29.34 -6.96
C LEU B 602 -65.20 30.35 -6.33
N SER B 603 -66.31 29.86 -5.82
CA SER B 603 -67.28 30.69 -5.11
C SER B 603 -68.17 29.83 -4.22
N SER B 604 -68.91 30.48 -3.33
CA SER B 604 -69.80 29.82 -2.38
C SER B 604 -71.24 30.31 -2.50
N PRO B 605 -72.22 29.49 -2.10
CA PRO B 605 -73.59 30.02 -1.89
C PRO B 605 -73.64 30.94 -0.66
N GLU B 606 -74.55 31.91 -0.69
CA GLU B 606 -74.73 32.86 0.43
C GLU B 606 -75.09 32.13 1.74
N ASP B 607 -75.85 31.03 1.62
CA ASP B 607 -76.28 30.24 2.78
C ASP B 607 -75.20 29.40 3.46
N ASP B 608 -74.09 29.09 2.78
CA ASP B 608 -73.06 28.21 3.36
C ASP B 608 -71.64 28.50 2.81
N PRO B 609 -70.83 29.29 3.56
CA PRO B 609 -69.43 29.50 3.18
C PRO B 609 -68.56 28.23 3.08
N THR B 610 -68.92 27.19 3.85
CA THR B 610 -68.27 25.86 3.76
C THR B 610 -68.34 25.22 2.37
N CYS B 611 -69.43 25.45 1.65
CA CYS B 611 -69.66 24.80 0.37
C CYS B 611 -68.91 25.53 -0.76
N LYS B 612 -68.38 24.77 -1.71
CA LYS B 612 -67.57 25.32 -2.79
C LYS B 612 -67.95 24.74 -4.16
N THR B 613 -68.45 25.62 -5.03
CA THR B 613 -68.68 25.31 -6.44
C THR B 613 -67.58 25.98 -7.25
N LYS B 614 -67.39 25.51 -8.47
CA LYS B 614 -66.43 26.11 -9.40
C LYS B 614 -67.09 26.41 -10.74
N GLU B 615 -66.48 27.32 -11.49
CA GLU B 615 -66.95 27.70 -12.81
C GLU B 615 -65.73 27.93 -13.72
N PHE B 616 -65.80 27.44 -14.96
CA PHE B 616 -64.76 27.69 -15.94
C PHE B 616 -64.69 29.20 -16.22
N TRP B 617 -63.47 29.73 -16.24
CA TRP B 617 -63.26 31.17 -16.42
C TRP B 617 -62.54 31.49 -17.72
N ALA B 618 -61.41 30.84 -17.96
CA ALA B 618 -60.62 31.08 -19.16
C ALA B 618 -59.60 29.99 -19.41
N THR B 619 -59.20 29.84 -20.66
CA THR B 619 -58.12 28.93 -21.04
C THR B 619 -56.80 29.71 -21.03
N ILE B 620 -55.77 29.08 -20.47
CA ILE B 620 -54.42 29.63 -20.45
C ILE B 620 -53.57 28.96 -21.54
N LEU B 621 -53.76 27.65 -21.75
CA LEU B 621 -53.12 26.92 -22.83
C LEU B 621 -54.12 25.94 -23.41
N ASP B 622 -54.37 26.06 -24.72
CA ASP B 622 -55.29 25.16 -25.41
C ASP B 622 -54.50 23.97 -25.95
N SER B 623 -55.12 22.79 -25.93
CA SER B 623 -54.52 21.58 -26.52
C SER B 623 -54.50 21.69 -28.03
N ALA B 624 -53.55 20.98 -28.65
CA ALA B 624 -53.49 20.85 -30.10
C ALA B 624 -54.69 20.08 -30.68
N GLY B 625 -55.36 19.27 -29.84
CA GLY B 625 -56.44 18.39 -30.26
C GLY B 625 -55.87 17.00 -30.42
N PRO B 626 -56.74 15.96 -30.49
CA PRO B 626 -56.23 14.61 -30.70
C PRO B 626 -55.28 14.52 -31.90
N LEU B 627 -54.08 13.98 -31.68
CA LEU B 627 -53.06 13.87 -32.74
C LEU B 627 -53.53 12.98 -33.89
N PRO B 628 -53.29 13.40 -35.15
CA PRO B 628 -53.67 12.57 -36.29
C PRO B 628 -52.78 11.32 -36.49
N ASP B 629 -51.50 11.43 -36.13
CA ASP B 629 -50.52 10.34 -36.31
C ASP B 629 -50.14 9.63 -34.99
N TYR B 630 -51.10 9.55 -34.06
CA TYR B 630 -50.91 8.88 -32.76
C TYR B 630 -52.20 8.19 -32.32
N THR B 631 -52.18 6.86 -32.27
CA THR B 631 -53.24 6.06 -31.66
C THR B 631 -52.86 5.82 -30.19
N PRO B 632 -53.72 6.24 -29.23
CA PRO B 632 -53.43 5.94 -27.83
C PRO B 632 -53.70 4.48 -27.46
N PRO B 633 -53.18 4.03 -26.30
CA PRO B 633 -53.44 2.69 -25.80
C PRO B 633 -54.76 2.59 -25.04
N GLU B 634 -55.15 1.36 -24.74
CA GLU B 634 -56.31 1.07 -23.88
C GLU B 634 -55.81 0.70 -22.50
N ILE B 635 -56.38 1.32 -21.47
CA ILE B 635 -56.16 0.90 -20.11
C ILE B 635 -56.99 -0.35 -19.86
N PHE B 636 -56.33 -1.40 -19.36
CA PHE B 636 -57.00 -2.62 -18.90
C PHE B 636 -56.66 -2.88 -17.44
N SER B 637 -57.24 -3.94 -16.88
CA SER B 637 -56.87 -4.41 -15.55
C SER B 637 -57.21 -5.89 -15.34
N PHE B 638 -56.60 -6.48 -14.33
CA PHE B 638 -56.83 -7.89 -14.00
C PHE B 638 -56.69 -8.12 -12.51
N GLU B 639 -57.46 -9.07 -11.99
CA GLU B 639 -57.42 -9.43 -10.58
C GLU B 639 -56.26 -10.40 -10.38
N SER B 640 -55.22 -9.93 -9.70
CA SER B 640 -54.01 -10.71 -9.51
C SER B 640 -54.22 -11.76 -8.42
N THR B 641 -53.51 -12.88 -8.55
CA THR B 641 -53.44 -13.90 -7.50
C THR B 641 -52.92 -13.33 -6.16
N THR B 642 -52.14 -12.24 -6.25
CA THR B 642 -51.65 -11.51 -5.07
C THR B 642 -52.72 -10.75 -4.28
N GLY B 643 -53.93 -10.62 -4.84
CA GLY B 643 -55.05 -9.98 -4.16
C GLY B 643 -55.24 -8.51 -4.44
N PHE B 644 -54.57 -8.00 -5.49
CA PHE B 644 -54.73 -6.61 -5.93
C PHE B 644 -55.22 -6.58 -7.36
N THR B 645 -56.00 -5.55 -7.69
CA THR B 645 -56.19 -5.15 -9.08
C THR B 645 -54.89 -4.53 -9.56
N LEU B 646 -54.33 -5.04 -10.65
CA LEU B 646 -53.19 -4.39 -11.32
C LEU B 646 -53.68 -3.80 -12.63
N TYR B 647 -53.22 -2.60 -12.96
CA TYR B 647 -53.60 -1.90 -14.18
C TYR B 647 -52.47 -1.94 -15.19
N GLY B 648 -52.84 -1.90 -16.48
CA GLY B 648 -51.88 -1.91 -17.58
C GLY B 648 -52.35 -1.08 -18.77
N MET B 649 -51.45 -0.89 -19.74
CA MET B 649 -51.79 -0.24 -21.01
C MET B 649 -51.47 -1.21 -22.13
N LEU B 650 -52.39 -1.30 -23.11
CA LEU B 650 -52.24 -2.18 -24.26
C LEU B 650 -52.25 -1.38 -25.55
N TYR B 651 -51.15 -1.41 -26.29
CA TYR B 651 -51.10 -0.86 -27.64
C TYR B 651 -51.32 -2.02 -28.62
N LYS B 652 -52.50 -2.05 -29.25
CA LYS B 652 -52.76 -3.02 -30.32
C LYS B 652 -51.98 -2.60 -31.57
N PRO B 653 -51.53 -3.59 -32.37
CA PRO B 653 -50.86 -3.22 -33.63
C PRO B 653 -51.79 -2.52 -34.62
N HIS B 654 -51.22 -1.61 -35.42
CA HIS B 654 -51.99 -0.85 -36.42
C HIS B 654 -52.25 -1.75 -37.62
N ASP B 655 -53.43 -1.63 -38.22
CA ASP B 655 -53.92 -2.56 -39.27
C ASP B 655 -53.84 -4.01 -38.77
N LEU B 656 -54.70 -4.30 -37.80
CA LEU B 656 -54.68 -5.59 -37.11
C LEU B 656 -55.31 -6.64 -38.03
N GLN B 657 -54.49 -7.59 -38.50
CA GLN B 657 -54.95 -8.64 -39.42
C GLN B 657 -55.69 -9.72 -38.62
N PRO B 658 -56.75 -10.31 -39.21
CA PRO B 658 -57.44 -11.41 -38.53
C PRO B 658 -56.63 -12.70 -38.58
N GLY B 659 -56.76 -13.53 -37.54
CA GLY B 659 -56.09 -14.82 -37.45
C GLY B 659 -54.56 -14.82 -37.54
N LYS B 660 -53.94 -13.72 -37.12
CA LYS B 660 -52.48 -13.59 -37.09
C LYS B 660 -52.00 -13.16 -35.71
N LYS B 661 -50.80 -13.63 -35.33
CA LYS B 661 -50.21 -13.34 -34.03
C LYS B 661 -48.91 -12.53 -34.17
N TYR B 662 -48.77 -11.51 -33.33
CA TYR B 662 -47.73 -10.47 -33.48
C TYR B 662 -46.67 -10.56 -32.36
N PRO B 663 -45.45 -10.08 -32.63
CA PRO B 663 -44.40 -10.04 -31.61
C PRO B 663 -44.70 -8.94 -30.60
N THR B 664 -44.39 -9.19 -29.33
CA THR B 664 -44.81 -8.30 -28.24
C THR B 664 -43.62 -7.68 -27.50
N VAL B 665 -43.62 -6.35 -27.38
CA VAL B 665 -42.62 -5.62 -26.59
C VAL B 665 -43.25 -5.17 -25.28
N LEU B 666 -42.67 -5.60 -24.17
CA LEU B 666 -43.11 -5.20 -22.85
C LEU B 666 -42.24 -4.03 -22.41
N PHE B 667 -42.81 -2.82 -22.33
CA PHE B 667 -42.09 -1.67 -21.79
C PHE B 667 -42.33 -1.59 -20.29
N ILE B 668 -41.26 -1.39 -19.52
CA ILE B 668 -41.31 -1.50 -18.06
C ILE B 668 -40.50 -0.41 -17.37
N TYR B 669 -41.00 0.05 -16.22
CA TYR B 669 -40.17 0.73 -15.24
C TYR B 669 -40.17 -0.13 -13.98
N GLY B 670 -41.31 -0.22 -13.28
CA GLY B 670 -41.52 -1.21 -12.23
C GLY B 670 -41.06 -0.88 -10.83
N GLY B 671 -40.25 0.16 -10.67
CA GLY B 671 -39.72 0.56 -9.36
C GLY B 671 -40.63 1.53 -8.62
N PRO B 672 -40.25 1.87 -7.37
CA PRO B 672 -41.05 2.75 -6.54
C PRO B 672 -41.01 4.22 -6.97
N GLN B 673 -42.00 4.98 -6.50
CA GLN B 673 -42.15 6.42 -6.76
C GLN B 673 -42.47 6.76 -8.23
N VAL B 674 -43.05 5.80 -8.95
CA VAL B 674 -43.43 5.97 -10.37
C VAL B 674 -44.72 5.19 -10.65
N GLN B 675 -45.59 5.78 -11.45
CA GLN B 675 -46.76 5.10 -12.01
C GLN B 675 -46.77 5.40 -13.52
N LEU B 676 -46.60 4.37 -14.33
CA LEU B 676 -46.67 4.51 -15.79
C LEU B 676 -48.11 4.46 -16.34
N VAL B 677 -49.01 3.79 -15.63
CA VAL B 677 -50.35 3.50 -16.14
C VAL B 677 -51.37 4.35 -15.40
N ASN B 678 -51.88 5.35 -16.10
CA ASN B 678 -52.93 6.23 -15.60
C ASN B 678 -53.60 6.89 -16.79
N ASN B 679 -54.65 7.68 -16.54
CA ASN B 679 -55.43 8.30 -17.61
C ASN B 679 -54.86 9.69 -17.89
N ARG B 680 -53.70 9.70 -18.53
CA ARG B 680 -53.01 10.91 -18.96
C ARG B 680 -52.56 10.71 -20.37
N PHE B 681 -52.23 11.82 -21.04
CA PHE B 681 -51.74 11.77 -22.40
C PHE B 681 -50.30 11.24 -22.41
N LYS B 682 -50.12 10.10 -23.08
CA LYS B 682 -48.82 9.43 -23.19
C LYS B 682 -48.18 9.63 -24.57
N GLY B 683 -48.70 10.55 -25.36
CA GLY B 683 -48.20 10.79 -26.73
C GLY B 683 -47.06 11.78 -26.89
N VAL B 684 -46.47 12.21 -25.76
CA VAL B 684 -45.26 13.05 -25.79
C VAL B 684 -44.06 12.20 -25.39
N LYS B 685 -44.07 11.74 -24.15
CA LYS B 685 -42.93 11.03 -23.55
C LYS B 685 -42.83 9.60 -24.10
N TYR B 686 -43.98 8.94 -24.24
CA TYR B 686 -44.08 7.57 -24.76
C TYR B 686 -44.74 7.54 -26.15
N PHE B 687 -44.33 8.48 -27.00
CA PHE B 687 -44.80 8.54 -28.39
C PHE B 687 -44.30 7.33 -29.19
N ARG B 688 -43.08 6.88 -28.91
CA ARG B 688 -42.48 5.78 -29.67
C ARG B 688 -43.03 4.39 -29.34
N LEU B 689 -43.86 4.28 -28.30
CA LEU B 689 -44.64 3.06 -28.08
C LEU B 689 -45.69 2.91 -29.19
N ASN B 690 -46.30 4.02 -29.58
CA ASN B 690 -47.18 4.10 -30.74
C ASN B 690 -46.44 3.76 -32.04
N THR B 691 -45.21 4.25 -32.20
CA THR B 691 -44.36 3.92 -33.36
C THR B 691 -44.07 2.42 -33.50
N LEU B 692 -43.87 1.73 -32.37
CA LEU B 692 -43.68 0.26 -32.37
C LEU B 692 -44.95 -0.43 -32.84
N ALA B 693 -46.09 0.02 -32.31
CA ALA B 693 -47.39 -0.52 -32.72
C ALA B 693 -47.68 -0.29 -34.21
N SER B 694 -47.18 0.81 -34.78
CA SER B 694 -47.33 1.07 -36.22
C SER B 694 -46.50 0.11 -37.09
N LEU B 695 -45.37 -0.36 -36.55
CA LEU B 695 -44.53 -1.36 -37.23
C LEU B 695 -45.05 -2.81 -37.11
N GLY B 696 -45.99 -3.05 -36.20
CA GLY B 696 -46.58 -4.37 -36.00
C GLY B 696 -46.26 -5.06 -34.67
N TYR B 697 -45.69 -4.33 -33.73
CA TYR B 697 -45.45 -4.89 -32.40
C TYR B 697 -46.66 -4.62 -31.50
N VAL B 698 -46.99 -5.58 -30.64
CA VAL B 698 -47.90 -5.33 -29.53
C VAL B 698 -47.03 -4.68 -28.46
N VAL B 699 -47.52 -3.61 -27.83
CA VAL B 699 -46.81 -3.01 -26.71
C VAL B 699 -47.64 -3.13 -25.45
N VAL B 700 -47.01 -3.58 -24.37
CA VAL B 700 -47.65 -3.74 -23.07
C VAL B 700 -46.84 -2.99 -22.01
N VAL B 701 -47.56 -2.34 -21.10
CA VAL B 701 -47.01 -1.69 -19.92
C VAL B 701 -47.90 -2.10 -18.76
N ILE B 702 -47.29 -2.58 -17.68
CA ILE B 702 -48.02 -3.03 -16.50
C ILE B 702 -47.39 -2.37 -15.28
N ASP B 703 -48.22 -1.79 -14.41
CA ASP B 703 -47.77 -1.25 -13.12
C ASP B 703 -47.85 -2.35 -12.06
N ASN B 704 -46.74 -3.07 -11.91
CA ASN B 704 -46.61 -4.12 -10.89
C ASN B 704 -46.64 -3.60 -9.45
N ARG B 705 -46.67 -4.53 -8.49
CA ARG B 705 -46.58 -4.21 -7.07
C ARG B 705 -45.28 -3.49 -6.75
N GLY B 706 -45.36 -2.53 -5.84
CA GLY B 706 -44.23 -1.62 -5.54
C GLY B 706 -44.40 -0.24 -6.16
N SER B 707 -45.20 -0.14 -7.23
CA SER B 707 -45.40 1.10 -7.95
C SER B 707 -46.31 2.06 -7.15
N CYS B 708 -46.47 3.25 -7.69
CA CYS B 708 -46.99 4.41 -6.95
C CYS B 708 -48.54 4.51 -6.92
N HIS B 709 -49.04 5.32 -6.01
CA HIS B 709 -50.48 5.72 -5.93
C HIS B 709 -51.50 4.62 -5.59
N ARG B 710 -51.06 3.61 -4.85
CA ARG B 710 -51.95 2.52 -4.44
C ARG B 710 -51.88 2.22 -2.94
N GLY B 711 -51.33 3.15 -2.15
CA GLY B 711 -51.15 2.95 -0.71
C GLY B 711 -49.85 2.23 -0.35
N LEU B 712 -49.53 2.26 0.94
CA LEU B 712 -48.24 1.80 1.46
C LEU B 712 -48.07 0.27 1.49
N LYS B 713 -49.17 -0.46 1.70
CA LYS B 713 -49.14 -1.93 1.67
C LYS B 713 -48.80 -2.45 0.27
N PHE B 714 -49.44 -1.87 -0.74
CA PHE B 714 -49.15 -2.17 -2.15
C PHE B 714 -47.69 -1.87 -2.50
N GLU B 715 -47.24 -0.68 -2.11
CA GLU B 715 -45.88 -0.21 -2.36
C GLU B 715 -44.84 -1.03 -1.58
N GLY B 716 -45.22 -1.47 -0.38
CA GLY B 716 -44.35 -2.26 0.50
C GLY B 716 -44.10 -3.71 0.13
N ALA B 717 -44.83 -4.23 -0.88
CA ALA B 717 -44.73 -5.63 -1.30
C ALA B 717 -43.32 -6.15 -1.56
N PHE B 718 -42.43 -5.30 -2.08
CA PHE B 718 -41.04 -5.72 -2.35
C PHE B 718 -39.99 -5.27 -1.32
N LYS B 719 -40.40 -4.94 -0.10
CA LYS B 719 -39.41 -4.56 0.92
C LYS B 719 -38.44 -5.72 1.16
N TYR B 720 -37.15 -5.40 1.17
CA TYR B 720 -36.04 -6.38 1.21
C TYR B 720 -35.96 -7.38 0.03
N LYS B 721 -36.86 -7.25 -0.96
CA LYS B 721 -37.06 -8.28 -1.99
C LYS B 721 -37.05 -7.70 -3.40
N MET B 722 -36.31 -6.60 -3.62
CA MET B 722 -36.27 -5.97 -4.94
C MET B 722 -35.73 -6.96 -5.98
N GLY B 723 -36.42 -7.04 -7.10
CA GLY B 723 -36.12 -8.01 -8.16
C GLY B 723 -36.78 -9.38 -8.05
N GLN B 724 -37.44 -9.67 -6.93
CA GLN B 724 -37.98 -11.01 -6.64
C GLN B 724 -39.48 -11.18 -6.87
N ILE B 725 -40.23 -10.08 -7.02
CA ILE B 725 -41.68 -10.15 -7.26
C ILE B 725 -42.19 -9.42 -8.52
N GLU B 726 -41.39 -8.52 -9.09
CA GLU B 726 -41.89 -7.59 -10.10
C GLU B 726 -42.22 -8.32 -11.40
N ILE B 727 -41.36 -9.26 -11.78
CA ILE B 727 -41.55 -9.99 -13.03
C ILE B 727 -42.69 -11.01 -12.95
N ASP B 728 -43.06 -11.47 -11.77
CA ASP B 728 -44.27 -12.31 -11.61
C ASP B 728 -45.53 -11.57 -12.08
N ASP B 729 -45.69 -10.33 -11.62
CA ASP B 729 -46.83 -9.49 -12.00
C ASP B 729 -46.80 -9.13 -13.48
N GLN B 730 -45.61 -8.92 -14.03
CA GLN B 730 -45.44 -8.64 -15.45
C GLN B 730 -45.91 -9.83 -16.29
N VAL B 731 -45.48 -11.03 -15.91
CA VAL B 731 -45.85 -12.25 -16.63
C VAL B 731 -47.34 -12.57 -16.46
N GLU B 732 -47.87 -12.37 -15.26
CA GLU B 732 -49.28 -12.61 -14.96
C GLU B 732 -50.21 -11.77 -15.84
N GLY B 733 -49.89 -10.47 -15.94
CA GLY B 733 -50.63 -9.55 -16.81
C GLY B 733 -50.43 -9.87 -18.28
N LEU B 734 -49.24 -10.33 -18.63
CA LEU B 734 -48.93 -10.73 -20.01
C LEU B 734 -49.74 -11.97 -20.43
N GLN B 735 -49.94 -12.89 -19.49
CA GLN B 735 -50.76 -14.10 -19.72
C GLN B 735 -52.26 -13.82 -19.71
N TYR B 736 -52.70 -12.84 -18.93
CA TYR B 736 -54.10 -12.36 -18.98
C TYR B 736 -54.43 -11.81 -20.36
N LEU B 737 -53.54 -10.99 -20.92
CA LEU B 737 -53.73 -10.46 -22.27
C LEU B 737 -53.68 -11.55 -23.35
N ALA B 738 -52.74 -12.49 -23.21
CA ALA B 738 -52.52 -13.54 -24.21
C ALA B 738 -53.74 -14.45 -24.42
N SER B 739 -54.40 -14.83 -23.33
CA SER B 739 -55.60 -15.66 -23.40
C SER B 739 -56.79 -14.85 -23.96
N ARG B 740 -56.94 -13.62 -23.49
CA ARG B 740 -58.02 -12.73 -23.91
C ARG B 740 -57.83 -12.15 -25.33
N TYR B 741 -56.60 -12.11 -25.82
CA TYR B 741 -56.29 -11.66 -27.19
C TYR B 741 -55.34 -12.64 -27.88
N ASP B 742 -55.86 -13.36 -28.86
CA ASP B 742 -55.04 -14.33 -29.62
C ASP B 742 -53.97 -13.71 -30.54
N PHE B 743 -54.00 -12.39 -30.75
CA PHE B 743 -52.97 -11.70 -31.56
C PHE B 743 -51.60 -11.50 -30.88
N ILE B 744 -51.48 -11.83 -29.59
CA ILE B 744 -50.20 -11.78 -28.88
C ILE B 744 -49.45 -13.10 -29.04
N ASP B 745 -48.34 -13.09 -29.76
CA ASP B 745 -47.47 -14.27 -29.92
C ASP B 745 -46.50 -14.37 -28.74
N LEU B 746 -46.79 -15.28 -27.80
CA LEU B 746 -45.93 -15.49 -26.62
C LEU B 746 -44.54 -16.07 -26.93
N ASP B 747 -44.34 -16.61 -28.14
CA ASP B 747 -43.01 -17.07 -28.58
C ASP B 747 -42.04 -15.90 -28.74
N ARG B 748 -42.53 -14.78 -29.26
CA ARG B 748 -41.70 -13.61 -29.58
C ARG B 748 -42.03 -12.42 -28.68
N VAL B 749 -41.64 -12.50 -27.41
CA VAL B 749 -41.84 -11.42 -26.45
C VAL B 749 -40.50 -10.79 -26.04
N GLY B 750 -40.39 -9.48 -26.23
CA GLY B 750 -39.24 -8.70 -25.78
C GLY B 750 -39.58 -7.84 -24.57
N ILE B 751 -38.56 -7.40 -23.84
CA ILE B 751 -38.73 -6.50 -22.69
C ILE B 751 -37.70 -5.36 -22.73
N HIS B 752 -38.12 -4.16 -22.34
CA HIS B 752 -37.26 -2.98 -22.41
C HIS B 752 -37.63 -1.95 -21.34
N GLY B 753 -36.61 -1.30 -20.79
CA GLY B 753 -36.81 -0.28 -19.76
C GLY B 753 -35.52 0.46 -19.44
N TRP B 754 -35.66 1.62 -18.79
CA TRP B 754 -34.51 2.43 -18.36
C TRP B 754 -34.42 2.52 -16.85
N SER B 755 -33.19 2.45 -16.34
CA SER B 755 -32.91 2.59 -14.91
C SER B 755 -33.45 1.39 -14.09
N TYR B 756 -34.58 1.52 -13.41
CA TYR B 756 -35.15 0.40 -12.69
C TYR B 756 -35.75 -0.56 -13.71
N GLY B 757 -36.29 -0.01 -14.79
CA GLY B 757 -36.73 -0.80 -15.94
C GLY B 757 -35.63 -1.61 -16.59
N GLY B 758 -34.43 -1.04 -16.68
CA GLY B 758 -33.26 -1.75 -17.20
C GLY B 758 -32.84 -2.88 -16.25
N TYR B 759 -32.93 -2.58 -14.96
CA TYR B 759 -32.72 -3.58 -13.91
C TYR B 759 -33.70 -4.73 -14.04
N LEU B 760 -34.99 -4.42 -14.11
CA LEU B 760 -36.02 -5.45 -14.25
C LEU B 760 -35.94 -6.17 -15.59
N SER B 761 -35.48 -5.49 -16.64
CA SER B 761 -35.28 -6.14 -17.93
C SER B 761 -34.22 -7.23 -17.86
N LEU B 762 -33.15 -6.98 -17.10
CA LEU B 762 -32.12 -7.99 -16.85
C LEU B 762 -32.68 -9.12 -15.98
N MET B 763 -33.35 -8.76 -14.89
CA MET B 763 -34.01 -9.73 -14.04
C MET B 763 -35.01 -10.61 -14.77
N ALA B 764 -35.70 -10.05 -15.77
CA ALA B 764 -36.67 -10.79 -16.56
C ALA B 764 -35.99 -11.88 -17.40
N LEU B 765 -34.94 -11.51 -18.12
CA LEU B 765 -34.18 -12.47 -18.94
C LEU B 765 -33.43 -13.50 -18.08
N MET B 766 -33.01 -13.10 -16.89
CA MET B 766 -32.31 -13.98 -15.96
C MET B 766 -33.26 -15.04 -15.41
N GLN B 767 -34.40 -14.59 -14.88
CA GLN B 767 -35.37 -15.48 -14.23
C GLN B 767 -36.28 -16.21 -15.21
N ARG B 768 -36.80 -15.48 -16.20
CA ARG B 768 -37.84 -16.01 -17.09
C ARG B 768 -37.44 -15.99 -18.56
N SER B 769 -36.31 -16.63 -18.88
CA SER B 769 -35.88 -16.79 -20.28
C SER B 769 -36.84 -17.67 -21.12
N ASP B 770 -37.68 -18.45 -20.45
CA ASP B 770 -38.81 -19.14 -21.11
C ASP B 770 -39.84 -18.18 -21.72
N ILE B 771 -40.09 -17.05 -21.03
CA ILE B 771 -41.06 -16.04 -21.45
C ILE B 771 -40.45 -15.01 -22.39
N PHE B 772 -39.26 -14.52 -22.06
CA PHE B 772 -38.68 -13.33 -22.71
C PHE B 772 -37.54 -13.69 -23.67
N ARG B 773 -37.77 -13.48 -24.96
CA ARG B 773 -36.76 -13.76 -25.99
C ARG B 773 -35.60 -12.78 -25.94
N VAL B 774 -35.93 -11.49 -25.94
CA VAL B 774 -34.93 -10.42 -25.89
C VAL B 774 -35.17 -9.47 -24.72
N ALA B 775 -34.10 -8.86 -24.25
CA ALA B 775 -34.14 -7.90 -23.16
C ALA B 775 -33.17 -6.77 -23.46
N ILE B 776 -33.70 -5.56 -23.60
CA ILE B 776 -32.89 -4.37 -23.83
C ILE B 776 -32.86 -3.56 -22.54
N ALA B 777 -31.73 -3.59 -21.85
CA ALA B 777 -31.59 -2.96 -20.53
C ALA B 777 -30.86 -1.63 -20.64
N GLY B 778 -31.58 -0.54 -20.35
CA GLY B 778 -31.00 0.80 -20.32
C GLY B 778 -30.60 1.24 -18.92
N ALA B 779 -29.35 1.68 -18.78
CA ALA B 779 -28.81 2.21 -17.52
C ALA B 779 -29.21 1.37 -16.30
N PRO B 780 -28.92 0.05 -16.34
CA PRO B 780 -29.40 -0.84 -15.30
C PRO B 780 -28.64 -0.75 -13.99
N VAL B 781 -29.36 -0.84 -12.87
CA VAL B 781 -28.75 -1.09 -11.57
C VAL B 781 -28.46 -2.57 -11.53
N THR B 782 -27.18 -2.93 -11.51
CA THR B 782 -26.76 -4.33 -11.47
C THR B 782 -26.26 -4.81 -10.10
N LEU B 783 -26.02 -3.89 -9.18
CA LEU B 783 -25.33 -4.17 -7.92
C LEU B 783 -25.77 -3.15 -6.88
N TRP B 784 -26.69 -3.53 -6.01
CA TRP B 784 -27.29 -2.58 -5.06
C TRP B 784 -26.31 -1.97 -4.06
N ILE B 785 -25.19 -2.62 -3.76
CA ILE B 785 -24.16 -2.00 -2.91
C ILE B 785 -23.50 -0.76 -3.55
N PHE B 786 -23.56 -0.65 -4.89
CA PHE B 786 -23.07 0.55 -5.61
C PHE B 786 -24.06 1.74 -5.66
N TYR B 787 -25.31 1.54 -5.25
CA TYR B 787 -26.30 2.64 -5.23
C TYR B 787 -26.29 3.33 -3.86
N ASP B 788 -26.89 4.52 -3.78
CA ASP B 788 -26.78 5.39 -2.60
C ASP B 788 -27.55 4.91 -1.35
N THR B 789 -27.26 5.56 -0.22
CA THR B 789 -27.93 5.28 1.05
C THR B 789 -29.42 5.60 1.01
N GLY B 790 -29.76 6.83 0.65
CA GLY B 790 -31.14 7.34 0.72
C GLY B 790 -32.20 6.49 0.04
N TYR B 791 -31.85 5.93 -1.11
CA TYR B 791 -32.77 5.08 -1.86
C TYR B 791 -32.73 3.64 -1.35
N THR B 792 -31.54 3.04 -1.38
CA THR B 792 -31.39 1.61 -1.20
C THR B 792 -31.78 1.14 0.20
N GLU B 793 -31.33 1.88 1.21
CA GLU B 793 -31.61 1.50 2.60
C GLU B 793 -33.08 1.67 3.00
N ARG B 794 -33.83 2.50 2.28
CA ARG B 794 -35.26 2.67 2.52
C ARG B 794 -36.03 1.40 2.15
N TYR B 795 -35.73 0.87 0.95
CA TYR B 795 -36.44 -0.28 0.41
C TYR B 795 -35.78 -1.64 0.71
N MET B 796 -34.47 -1.65 0.94
CA MET B 796 -33.72 -2.91 1.17
C MET B 796 -33.00 -3.01 2.52
N GLY B 797 -33.11 -1.99 3.36
CA GLY B 797 -32.40 -1.96 4.65
C GLY B 797 -30.88 -1.92 4.51
N HIS B 798 -30.19 -2.07 5.63
CA HIS B 798 -28.72 -2.11 5.66
C HIS B 798 -28.24 -3.45 5.06
N PRO B 799 -27.15 -3.43 4.25
CA PRO B 799 -26.71 -4.67 3.58
C PRO B 799 -26.35 -5.85 4.50
N ASP B 800 -25.79 -5.55 5.67
CA ASP B 800 -25.56 -6.56 6.72
C ASP B 800 -26.83 -7.23 7.25
N GLN B 801 -27.95 -6.48 7.32
CA GLN B 801 -29.24 -7.03 7.77
C GLN B 801 -30.11 -7.62 6.64
N ASN B 802 -29.58 -7.71 5.43
CA ASN B 802 -30.32 -8.28 4.30
C ASN B 802 -29.30 -8.81 3.27
N GLU B 803 -28.44 -9.71 3.72
CA GLU B 803 -27.37 -10.26 2.86
C GLU B 803 -27.94 -10.97 1.63
N GLN B 804 -29.09 -11.64 1.79
CA GLN B 804 -29.68 -12.41 0.70
C GLN B 804 -30.48 -11.57 -0.29
N GLY B 805 -31.24 -10.59 0.20
CA GLY B 805 -31.97 -9.66 -0.65
C GLY B 805 -31.03 -8.91 -1.59
N TYR B 806 -29.93 -8.40 -1.01
CA TYR B 806 -28.87 -7.74 -1.78
C TYR B 806 -28.21 -8.66 -2.81
N TYR B 807 -28.00 -9.93 -2.47
CA TYR B 807 -27.43 -10.90 -3.42
C TYR B 807 -28.41 -11.23 -4.53
N LEU B 808 -29.61 -11.66 -4.15
CA LEU B 808 -30.63 -12.08 -5.11
C LEU B 808 -31.17 -10.92 -5.94
N GLY B 809 -31.14 -9.71 -5.36
CA GLY B 809 -31.53 -8.50 -6.07
C GLY B 809 -30.48 -7.87 -6.97
N SER B 810 -29.24 -8.40 -6.95
CA SER B 810 -28.14 -7.85 -7.74
C SER B 810 -27.78 -8.75 -8.92
N VAL B 811 -28.17 -8.36 -10.14
CA VAL B 811 -27.90 -9.16 -11.35
C VAL B 811 -26.42 -9.39 -11.68
N ALA B 812 -25.55 -8.48 -11.26
CA ALA B 812 -24.10 -8.66 -11.47
C ALA B 812 -23.54 -9.87 -10.71
N MET B 813 -24.16 -10.21 -9.57
CA MET B 813 -23.78 -11.40 -8.80
C MET B 813 -24.25 -12.73 -9.40
N GLN B 814 -25.22 -12.68 -10.31
CA GLN B 814 -25.84 -13.88 -10.91
C GLN B 814 -25.65 -13.90 -12.43
N ALA B 815 -24.44 -13.60 -12.90
CA ALA B 815 -24.13 -13.62 -14.33
C ALA B 815 -24.28 -15.02 -14.95
N GLU B 816 -23.99 -16.06 -14.17
CA GLU B 816 -24.15 -17.47 -14.58
C GLU B 816 -25.57 -17.83 -15.09
N LYS B 817 -26.59 -17.13 -14.60
CA LYS B 817 -27.98 -17.42 -14.95
C LYS B 817 -28.48 -16.80 -16.26
N PHE B 818 -27.66 -15.99 -16.94
CA PHE B 818 -28.05 -15.41 -18.24
C PHE B 818 -27.96 -16.45 -19.37
N PRO B 819 -28.66 -16.21 -20.49
CA PRO B 819 -28.61 -17.15 -21.63
C PRO B 819 -27.22 -17.34 -22.23
N SER B 820 -26.99 -18.54 -22.77
CA SER B 820 -25.79 -18.82 -23.58
C SER B 820 -26.04 -18.60 -25.07
N GLU B 821 -27.23 -18.12 -25.44
CA GLU B 821 -27.53 -17.68 -26.80
C GLU B 821 -27.20 -16.20 -26.94
N PRO B 822 -26.57 -15.79 -28.06
CA PRO B 822 -26.42 -14.37 -28.36
C PRO B 822 -27.70 -13.78 -28.93
N ASN B 823 -27.69 -12.47 -29.17
CA ASN B 823 -28.84 -11.74 -29.74
C ASN B 823 -30.09 -11.76 -28.86
N ARG B 824 -29.90 -11.90 -27.54
CA ARG B 824 -30.98 -11.82 -26.56
C ARG B 824 -30.81 -10.70 -25.53
N LEU B 825 -29.61 -10.12 -25.43
CA LEU B 825 -29.27 -9.17 -24.38
C LEU B 825 -28.55 -7.96 -24.97
N LEU B 826 -29.17 -6.79 -24.86
CA LEU B 826 -28.58 -5.53 -25.28
C LEU B 826 -28.50 -4.59 -24.08
N LEU B 827 -27.29 -4.08 -23.82
CA LEU B 827 -27.04 -3.13 -22.73
C LEU B 827 -26.84 -1.72 -23.30
N LEU B 828 -27.52 -0.75 -22.70
CA LEU B 828 -27.41 0.66 -23.10
C LEU B 828 -27.02 1.48 -21.87
N HIS B 829 -25.95 2.25 -21.96
CA HIS B 829 -25.57 3.12 -20.83
C HIS B 829 -24.81 4.35 -21.29
N GLY B 830 -25.13 5.48 -20.70
CA GLY B 830 -24.29 6.67 -20.77
C GLY B 830 -22.97 6.49 -20.02
N PHE B 831 -21.94 7.19 -20.49
CA PHE B 831 -20.60 7.11 -19.91
C PHE B 831 -20.47 8.03 -18.69
N LEU B 832 -21.19 9.17 -18.72
CA LEU B 832 -21.14 10.19 -17.66
C LEU B 832 -22.51 10.39 -16.99
N ASP B 833 -23.16 9.28 -16.62
CA ASP B 833 -24.40 9.31 -15.84
C ASP B 833 -24.00 9.25 -14.37
N GLU B 834 -24.52 10.18 -13.55
CA GLU B 834 -24.13 10.25 -12.12
C GLU B 834 -25.23 9.88 -11.12
N ASN B 835 -26.32 9.29 -11.61
CA ASN B 835 -27.36 8.69 -10.77
C ASN B 835 -27.17 7.18 -10.72
N VAL B 836 -27.22 6.55 -11.90
CA VAL B 836 -26.88 5.13 -12.08
C VAL B 836 -25.57 5.07 -12.85
N HIS B 837 -24.48 4.78 -12.15
CA HIS B 837 -23.14 4.91 -12.72
C HIS B 837 -22.85 3.85 -13.76
N PHE B 838 -21.92 4.16 -14.65
CA PHE B 838 -21.50 3.21 -15.69
C PHE B 838 -20.86 1.95 -15.08
N ALA B 839 -20.28 2.09 -13.88
CA ALA B 839 -19.76 0.97 -13.10
C ALA B 839 -20.71 -0.24 -13.00
N HIS B 840 -22.02 0.04 -12.87
CA HIS B 840 -23.05 -1.01 -12.86
C HIS B 840 -23.00 -1.86 -14.14
N THR B 841 -22.89 -1.20 -15.29
CA THR B 841 -22.81 -1.91 -16.57
C THR B 841 -21.48 -2.63 -16.69
N SER B 842 -20.38 -1.92 -16.46
CA SER B 842 -19.05 -2.50 -16.70
C SER B 842 -18.73 -3.67 -15.77
N ILE B 843 -19.22 -3.64 -14.53
CA ILE B 843 -19.02 -4.78 -13.63
C ILE B 843 -19.86 -5.99 -14.06
N LEU B 844 -21.07 -5.76 -14.54
CA LEU B 844 -21.89 -6.82 -15.12
C LEU B 844 -21.16 -7.45 -16.31
N LEU B 845 -20.62 -6.58 -17.18
CA LEU B 845 -19.82 -7.05 -18.33
C LEU B 845 -18.61 -7.89 -17.94
N SER B 846 -17.98 -7.58 -16.80
CA SER B 846 -16.87 -8.38 -16.28
C SER B 846 -17.31 -9.80 -15.95
N PHE B 847 -18.41 -9.92 -15.21
CA PHE B 847 -18.92 -11.24 -14.81
C PHE B 847 -19.49 -12.03 -15.99
N LEU B 848 -20.16 -11.35 -16.92
CA LEU B 848 -20.67 -12.01 -18.14
C LEU B 848 -19.54 -12.60 -18.97
N VAL B 849 -18.45 -11.84 -19.11
CA VAL B 849 -17.26 -12.31 -19.82
C VAL B 849 -16.60 -13.48 -19.06
N ARG B 850 -16.45 -13.33 -17.75
CA ARG B 850 -15.91 -14.40 -16.90
C ARG B 850 -16.79 -15.66 -16.87
N ALA B 851 -18.10 -15.49 -17.07
CA ALA B 851 -19.05 -16.61 -17.20
C ALA B 851 -19.28 -17.08 -18.66
N GLY B 852 -18.45 -16.59 -19.60
CA GLY B 852 -18.55 -16.98 -21.01
C GLY B 852 -19.88 -16.70 -21.69
N LYS B 853 -20.53 -15.61 -21.30
CA LYS B 853 -21.87 -15.25 -21.79
C LYS B 853 -21.80 -14.16 -22.86
N PRO B 854 -22.70 -14.22 -23.86
CA PRO B 854 -22.76 -13.17 -24.88
C PRO B 854 -23.59 -11.97 -24.42
N TYR B 855 -23.21 -10.79 -24.90
CA TYR B 855 -23.99 -9.57 -24.70
C TYR B 855 -23.82 -8.66 -25.90
N ASP B 856 -24.73 -7.70 -26.07
CA ASP B 856 -24.55 -6.59 -27.00
C ASP B 856 -24.53 -5.28 -26.21
N LEU B 857 -23.74 -4.31 -26.69
CA LEU B 857 -23.49 -3.08 -25.96
C LEU B 857 -23.58 -1.85 -26.85
N GLN B 858 -24.31 -0.84 -26.40
CA GLN B 858 -24.27 0.49 -27.00
C GLN B 858 -23.94 1.52 -25.93
N ILE B 859 -22.97 2.37 -26.22
CA ILE B 859 -22.49 3.38 -25.27
C ILE B 859 -22.81 4.78 -25.80
N TYR B 860 -23.06 5.70 -24.88
CA TYR B 860 -23.50 7.05 -25.17
C TYR B 860 -22.64 8.08 -24.40
N PRO B 861 -21.39 8.31 -24.85
CA PRO B 861 -20.46 9.18 -24.08
C PRO B 861 -20.74 10.68 -24.25
N GLN B 862 -20.86 11.39 -23.12
CA GLN B 862 -21.24 12.82 -23.07
C GLN B 862 -22.69 13.02 -23.55
N PRO B 870 -30.58 15.18 -28.14
CA PRO B 870 -30.14 15.97 -29.29
C PRO B 870 -30.07 15.11 -30.57
N GLU B 871 -28.89 14.60 -30.94
CA GLU B 871 -28.72 13.75 -32.14
C GLU B 871 -28.54 12.26 -31.79
N SER B 872 -28.56 11.95 -30.49
CA SER B 872 -28.23 10.61 -29.96
C SER B 872 -29.42 9.88 -29.33
N GLY B 873 -30.40 10.62 -28.81
CA GLY B 873 -31.73 10.08 -28.56
C GLY B 873 -32.40 9.61 -29.85
N GLU B 874 -31.99 10.21 -30.97
CA GLU B 874 -32.37 9.75 -32.31
C GLU B 874 -31.71 8.40 -32.61
N HIS B 875 -30.41 8.32 -32.35
CA HIS B 875 -29.60 7.10 -32.55
C HIS B 875 -30.02 5.92 -31.66
N TYR B 876 -30.41 6.22 -30.43
CA TYR B 876 -30.96 5.20 -29.51
C TYR B 876 -32.26 4.61 -30.08
N GLU B 877 -33.19 5.48 -30.43
CA GLU B 877 -34.46 5.07 -31.06
C GLU B 877 -34.21 4.22 -32.31
N LEU B 878 -33.24 4.63 -33.12
CA LEU B 878 -32.87 3.93 -34.34
C LEU B 878 -32.33 2.53 -34.06
N HIS B 879 -31.37 2.43 -33.14
CA HIS B 879 -30.77 1.15 -32.79
C HIS B 879 -31.77 0.19 -32.15
N LEU B 880 -32.66 0.72 -31.31
CA LEU B 880 -33.67 -0.10 -30.63
C LEU B 880 -34.69 -0.70 -31.60
N LEU B 881 -35.21 0.13 -32.51
CA LEU B 881 -36.10 -0.36 -33.58
C LEU B 881 -35.40 -1.39 -34.47
N HIS B 882 -34.15 -1.12 -34.81
CA HIS B 882 -33.35 -2.05 -35.60
C HIS B 882 -33.02 -3.36 -34.86
N TYR B 883 -32.74 -3.26 -33.56
CA TYR B 883 -32.44 -4.45 -32.76
C TYR B 883 -33.68 -5.34 -32.60
N LEU B 884 -34.81 -4.74 -32.25
CA LEU B 884 -36.08 -5.47 -32.14
C LEU B 884 -36.50 -6.13 -33.47
N GLN B 885 -36.25 -5.43 -34.57
CA GLN B 885 -36.49 -5.96 -35.92
C GLN B 885 -35.67 -7.21 -36.20
N GLU B 886 -34.35 -7.08 -36.09
CA GLU B 886 -33.43 -8.16 -36.42
C GLU B 886 -33.52 -9.37 -35.49
N ASN B 887 -33.88 -9.15 -34.22
CA ASN B 887 -33.80 -10.20 -33.20
C ASN B 887 -35.11 -10.59 -32.53
N LEU B 888 -36.21 -9.90 -32.84
CA LEU B 888 -37.54 -10.25 -32.31
C LEU B 888 -38.64 -10.33 -33.38
N GLY B 889 -38.86 -9.23 -34.10
CA GLY B 889 -40.03 -9.09 -34.97
C GLY B 889 -39.99 -9.77 -36.33
N SER B 890 -38.89 -9.58 -37.06
CA SER B 890 -38.84 -9.88 -38.49
C SER B 890 -38.77 -11.37 -38.83
N ARG B 891 -38.79 -11.65 -40.14
CA ARG B 891 -38.66 -13.00 -40.68
C ARG B 891 -37.26 -13.58 -40.45
N ILE B 892 -36.24 -12.73 -40.62
CA ILE B 892 -34.84 -13.13 -40.36
C ILE B 892 -34.65 -13.53 -38.89
N ALA B 893 -35.31 -12.81 -37.97
CA ALA B 893 -35.22 -13.09 -36.53
C ALA B 893 -35.63 -14.53 -36.17
N ALA B 894 -36.73 -14.98 -36.77
CA ALA B 894 -37.21 -16.35 -36.59
C ALA B 894 -36.28 -17.39 -37.23
N LEU B 895 -35.75 -17.07 -38.42
CA LEU B 895 -34.74 -17.91 -39.08
C LEU B 895 -33.39 -17.95 -38.33
N LYS B 896 -33.08 -16.87 -37.61
CA LYS B 896 -31.79 -16.73 -36.91
C LYS B 896 -31.57 -17.79 -35.81
N VAL B 897 -32.63 -18.26 -35.17
CA VAL B 897 -32.50 -19.27 -34.10
C VAL B 897 -32.28 -20.66 -34.69
N LEU C 48 -18.69 -21.26 -59.95
CA LEU C 48 -18.11 -21.26 -58.56
C LEU C 48 -19.20 -21.10 -57.50
N GLU C 49 -19.49 -22.18 -56.78
CA GLU C 49 -20.46 -22.15 -55.67
C GLU C 49 -19.81 -21.53 -54.43
N PRO C 50 -20.57 -20.73 -53.66
CA PRO C 50 -19.99 -20.16 -52.44
C PRO C 50 -19.98 -21.17 -51.30
N PHE C 51 -18.82 -21.38 -50.67
CA PHE C 51 -18.73 -22.21 -49.48
C PHE C 51 -19.25 -21.43 -48.28
N TYR C 52 -20.03 -22.12 -47.44
CA TYR C 52 -20.55 -21.54 -46.21
C TYR C 52 -20.00 -22.33 -45.03
N VAL C 53 -19.51 -21.63 -44.01
CA VAL C 53 -18.94 -22.28 -42.82
C VAL C 53 -20.07 -22.91 -42.01
N GLU C 54 -19.76 -24.04 -41.36
CA GLU C 54 -20.75 -24.71 -40.52
C GLU C 54 -21.17 -23.76 -39.39
N ARG C 55 -22.48 -23.56 -39.26
CA ARG C 55 -23.03 -22.59 -38.33
C ARG C 55 -23.16 -23.20 -36.93
N TYR C 56 -22.11 -23.07 -36.14
CA TYR C 56 -22.09 -23.57 -34.75
C TYR C 56 -22.82 -22.58 -33.83
N SER C 57 -23.30 -23.09 -32.70
CA SER C 57 -23.85 -22.26 -31.64
C SER C 57 -22.71 -21.68 -30.78
N TRP C 58 -23.08 -20.79 -29.87
CA TRP C 58 -22.14 -20.13 -28.97
C TRP C 58 -21.46 -21.12 -28.02
N SER C 59 -22.23 -22.07 -27.50
CA SER C 59 -21.70 -23.14 -26.65
C SER C 59 -20.78 -24.09 -27.44
N GLN C 60 -21.13 -24.35 -28.70
CA GLN C 60 -20.32 -25.21 -29.57
C GLN C 60 -18.99 -24.58 -30.00
N LEU C 61 -18.99 -23.28 -30.25
CA LEU C 61 -17.74 -22.55 -30.53
C LEU C 61 -16.84 -22.50 -29.29
N LYS C 62 -17.43 -22.39 -28.11
CA LYS C 62 -16.67 -22.42 -26.86
C LYS C 62 -15.97 -23.76 -26.66
N LYS C 63 -16.67 -24.85 -27.01
CA LYS C 63 -16.12 -26.21 -26.96
C LYS C 63 -15.00 -26.39 -27.98
N LEU C 64 -15.27 -25.99 -29.23
CA LEU C 64 -14.30 -26.08 -30.32
C LEU C 64 -12.98 -25.40 -29.99
N LEU C 65 -13.06 -24.19 -29.41
CA LEU C 65 -11.87 -23.44 -29.01
C LEU C 65 -11.18 -24.08 -27.80
N ALA C 66 -11.98 -24.54 -26.84
CA ALA C 66 -11.46 -25.22 -25.64
C ALA C 66 -10.67 -26.50 -25.97
N ASP C 67 -11.19 -27.28 -26.93
CA ASP C 67 -10.54 -28.51 -27.40
C ASP C 67 -9.23 -28.21 -28.12
N THR C 68 -9.29 -27.28 -29.08
CA THR C 68 -8.14 -26.93 -29.92
C THR C 68 -7.08 -26.06 -29.25
N ARG C 69 -7.40 -25.47 -28.09
CA ARG C 69 -6.43 -24.66 -27.35
C ARG C 69 -5.27 -25.52 -26.83
N LYS C 70 -4.05 -25.14 -27.21
CA LYS C 70 -2.81 -25.80 -26.75
C LYS C 70 -1.83 -24.89 -25.99
N TYR C 71 -2.04 -23.56 -26.05
CA TYR C 71 -1.22 -22.58 -25.33
C TYR C 71 -2.12 -21.55 -24.66
N HIS C 72 -2.06 -21.45 -23.33
CA HIS C 72 -2.85 -20.46 -22.57
C HIS C 72 -2.20 -19.08 -22.70
N GLY C 73 -3.04 -18.06 -22.94
CA GLY C 73 -2.57 -16.75 -23.39
C GLY C 73 -2.24 -16.85 -24.87
N TYR C 74 -1.15 -16.19 -25.27
CA TYR C 74 -0.58 -16.36 -26.62
C TYR C 74 0.93 -16.59 -26.48
N MET C 75 1.29 -17.49 -25.57
CA MET C 75 2.67 -17.75 -25.18
C MET C 75 2.89 -19.24 -24.89
N MET C 76 4.14 -19.67 -25.02
CA MET C 76 4.59 -20.98 -24.54
C MET C 76 5.71 -20.73 -23.52
N ALA C 77 6.28 -21.80 -22.98
CA ALA C 77 7.44 -21.69 -22.09
C ALA C 77 8.55 -20.87 -22.75
N LYS C 78 9.07 -19.87 -22.04
CA LYS C 78 10.19 -19.05 -22.53
C LYS C 78 11.39 -19.95 -22.81
N ALA C 79 11.87 -19.91 -24.06
CA ALA C 79 13.08 -20.67 -24.43
C ALA C 79 14.31 -19.98 -23.84
N PRO C 80 15.40 -20.74 -23.62
CA PRO C 80 16.64 -20.19 -23.09
C PRO C 80 17.09 -18.86 -23.73
N HIS C 81 17.45 -17.91 -22.87
CA HIS C 81 17.88 -16.57 -23.29
C HIS C 81 18.82 -15.97 -22.23
N ASP C 82 19.32 -14.75 -22.46
CA ASP C 82 20.32 -14.11 -21.60
C ASP C 82 21.49 -15.05 -21.32
N PHE C 83 22.07 -15.58 -22.39
CA PHE C 83 23.20 -16.50 -22.27
C PHE C 83 24.47 -15.77 -21.85
N MET C 84 25.39 -16.52 -21.25
CA MET C 84 26.70 -16.00 -20.88
C MET C 84 27.67 -17.17 -20.67
N PHE C 85 28.84 -17.10 -21.30
CA PHE C 85 29.85 -18.15 -21.25
C PHE C 85 30.93 -17.78 -20.25
N VAL C 86 31.33 -18.73 -19.40
CA VAL C 86 32.42 -18.51 -18.44
C VAL C 86 33.42 -19.67 -18.57
N LYS C 87 34.68 -19.34 -18.82
CA LYS C 87 35.73 -20.33 -19.02
C LYS C 87 36.08 -21.05 -17.73
N ARG C 88 36.29 -22.37 -17.82
CA ARG C 88 36.67 -23.18 -16.67
C ARG C 88 38.11 -22.96 -16.22
N ASN C 89 39.03 -22.86 -17.18
CA ASN C 89 40.48 -22.75 -16.89
C ASN C 89 40.94 -23.94 -16.04
N ASP C 90 40.65 -25.13 -16.54
CA ASP C 90 40.98 -26.40 -15.86
C ASP C 90 41.47 -27.41 -16.90
N PRO C 91 42.80 -27.52 -17.09
CA PRO C 91 43.39 -28.44 -18.06
C PRO C 91 42.94 -29.92 -17.93
N ASP C 92 42.83 -30.41 -16.69
CA ASP C 92 42.42 -31.79 -16.42
C ASP C 92 40.94 -32.06 -16.75
N GLY C 93 40.09 -31.05 -16.60
CA GLY C 93 38.64 -31.23 -16.69
C GLY C 93 38.14 -31.45 -18.11
N PRO C 94 36.99 -32.12 -18.26
CA PRO C 94 36.42 -32.36 -19.60
C PRO C 94 35.76 -31.15 -20.27
N HIS C 95 35.47 -30.08 -19.51
CA HIS C 95 34.68 -28.94 -20.00
C HIS C 95 35.51 -27.68 -20.20
N SER C 96 35.22 -26.94 -21.28
CA SER C 96 35.91 -25.69 -21.59
C SER C 96 35.19 -24.48 -20.98
N ASP C 97 33.87 -24.45 -21.15
CA ASP C 97 33.02 -23.37 -20.62
C ASP C 97 31.88 -23.93 -19.77
N ARG C 98 31.27 -23.03 -18.99
CA ARG C 98 29.93 -23.23 -18.44
C ARG C 98 29.07 -22.11 -19.01
N ILE C 99 27.90 -22.46 -19.54
CA ILE C 99 26.95 -21.45 -20.01
C ILE C 99 25.84 -21.25 -18.98
N TYR C 100 25.62 -20.00 -18.57
CA TYR C 100 24.49 -19.63 -17.72
C TYR C 100 23.41 -18.98 -18.59
N TYR C 101 22.15 -19.18 -18.22
CA TYR C 101 21.00 -18.66 -18.98
C TYR C 101 19.69 -18.69 -18.21
N LEU C 102 18.76 -17.81 -18.59
CA LEU C 102 17.40 -17.81 -18.05
C LEU C 102 16.50 -18.67 -18.93
N ALA C 103 15.66 -19.49 -18.31
CA ALA C 103 14.73 -20.34 -19.04
C ALA C 103 13.57 -20.79 -18.17
N MET C 104 12.46 -21.07 -18.83
CA MET C 104 11.25 -21.62 -18.21
C MET C 104 11.31 -23.12 -18.50
N SER C 105 11.38 -23.93 -17.44
CA SER C 105 11.62 -25.37 -17.58
C SER C 105 10.46 -26.12 -18.28
N GLY C 106 9.23 -25.77 -17.92
CA GLY C 106 8.02 -26.30 -18.56
C GLY C 106 6.98 -25.22 -18.79
N GLU C 107 5.74 -25.62 -19.06
CA GLU C 107 4.65 -24.69 -19.42
C GLU C 107 4.22 -23.80 -18.24
N ASN C 108 4.02 -24.42 -17.07
CA ASN C 108 3.57 -23.72 -15.86
C ASN C 108 4.66 -23.76 -14.78
N ARG C 109 5.80 -23.14 -15.10
CA ARG C 109 6.89 -22.94 -14.15
C ARG C 109 7.45 -21.53 -14.31
N GLU C 110 8.19 -21.07 -13.30
CA GLU C 110 8.72 -19.72 -13.27
C GLU C 110 10.08 -19.63 -13.96
N ASN C 111 10.34 -18.51 -14.62
CA ASN C 111 11.59 -18.27 -15.35
C ASN C 111 12.74 -18.15 -14.36
N THR C 112 13.79 -18.96 -14.53
CA THR C 112 14.90 -19.02 -13.56
C THR C 112 16.24 -19.40 -14.20
N LEU C 113 17.33 -19.10 -13.49
CA LEU C 113 18.69 -19.37 -13.95
C LEU C 113 19.00 -20.87 -14.04
N PHE C 114 19.58 -21.29 -15.17
CA PHE C 114 20.11 -22.65 -15.35
C PHE C 114 21.55 -22.56 -15.85
N TYR C 115 22.29 -23.67 -15.73
CA TYR C 115 23.60 -23.78 -16.37
C TYR C 115 23.79 -25.13 -17.08
N SER C 116 24.64 -25.12 -18.10
CA SER C 116 25.04 -26.33 -18.82
C SER C 116 26.55 -26.32 -19.05
N GLU C 117 27.11 -27.51 -19.22
CA GLU C 117 28.55 -27.70 -19.36
C GLU C 117 28.90 -27.90 -20.82
N ILE C 118 29.80 -27.07 -21.35
CA ILE C 118 30.29 -27.22 -22.72
C ILE C 118 31.54 -28.09 -22.67
N PRO C 119 31.49 -29.29 -23.28
CA PRO C 119 32.69 -30.14 -23.28
C PRO C 119 33.78 -29.65 -24.24
N LYS C 120 35.04 -29.96 -23.91
CA LYS C 120 36.17 -29.64 -24.79
C LYS C 120 36.11 -30.40 -26.12
N THR C 121 35.59 -31.62 -26.09
CA THR C 121 35.46 -32.48 -27.27
C THR C 121 34.08 -33.16 -27.33
N ILE C 122 33.72 -33.69 -28.51
CA ILE C 122 32.45 -34.40 -28.70
C ILE C 122 32.59 -35.61 -29.62
N ASN C 123 31.63 -36.54 -29.49
CA ASN C 123 31.49 -37.67 -30.39
C ASN C 123 30.65 -37.20 -31.59
N ARG C 124 31.32 -36.95 -32.72
CA ARG C 124 30.66 -36.41 -33.91
C ARG C 124 29.74 -37.42 -34.64
N ALA C 125 29.81 -38.69 -34.26
CA ALA C 125 28.81 -39.68 -34.71
C ALA C 125 27.43 -39.46 -34.06
N ALA C 126 27.42 -38.91 -32.85
CA ALA C 126 26.19 -38.66 -32.07
C ALA C 126 25.88 -37.16 -31.94
N VAL C 127 24.68 -36.86 -31.42
CA VAL C 127 24.20 -35.50 -31.20
C VAL C 127 24.07 -35.26 -29.69
N LEU C 128 24.94 -34.39 -29.15
CA LEU C 128 24.94 -34.10 -27.71
C LEU C 128 23.79 -33.18 -27.31
N MET C 129 22.93 -33.64 -26.38
CA MET C 129 21.89 -32.82 -25.76
C MET C 129 22.36 -32.39 -24.37
N LEU C 130 22.59 -31.09 -24.19
CA LEU C 130 23.03 -30.54 -22.90
C LEU C 130 21.89 -30.59 -21.87
N SER C 131 22.21 -31.02 -20.66
CA SER C 131 21.22 -31.10 -19.58
C SER C 131 21.19 -29.79 -18.79
N TRP C 132 20.00 -29.36 -18.40
CA TRP C 132 19.79 -28.10 -17.71
C TRP C 132 19.96 -28.32 -16.20
N LYS C 133 21.06 -27.81 -15.64
CA LYS C 133 21.32 -27.89 -14.20
C LYS C 133 20.75 -26.63 -13.55
N PRO C 134 19.84 -26.77 -12.56
CA PRO C 134 19.34 -25.56 -11.88
C PRO C 134 20.42 -24.85 -11.06
N LEU C 135 20.61 -23.56 -11.30
CA LEU C 135 21.62 -22.77 -10.58
C LEU C 135 21.18 -22.41 -9.17
N LEU C 136 19.87 -22.22 -8.99
CA LEU C 136 19.31 -21.79 -7.72
C LEU C 136 18.47 -22.88 -7.05
N ASP C 137 18.50 -22.90 -5.72
CA ASP C 137 17.63 -23.74 -4.92
C ASP C 137 16.28 -23.05 -4.81
N LEU C 138 15.23 -23.81 -4.50
CA LEU C 138 13.87 -23.25 -4.36
C LEU C 138 13.80 -22.28 -3.17
N PHE C 139 13.04 -21.20 -3.33
CA PHE C 139 13.02 -20.10 -2.36
C PHE C 139 12.29 -20.47 -1.06
N GLN C 140 12.56 -19.69 -0.01
CA GLN C 140 11.92 -19.89 1.30
C GLN C 140 10.46 -19.47 1.28
N VAL C 164 7.29 -15.08 -8.57
CA VAL C 164 8.65 -15.04 -8.03
C VAL C 164 9.66 -15.59 -9.06
N GLY C 165 9.53 -15.12 -10.32
CA GLY C 165 10.42 -15.50 -11.42
C GLY C 165 11.47 -14.44 -11.69
N ILE C 166 12.56 -14.84 -12.34
CA ILE C 166 13.66 -13.95 -12.68
C ILE C 166 13.55 -13.56 -14.16
N ALA C 167 13.47 -12.27 -14.44
CA ALA C 167 13.36 -11.74 -15.80
C ALA C 167 14.72 -11.34 -16.39
N SER C 168 15.64 -10.87 -15.55
CA SER C 168 17.01 -10.54 -15.96
C SER C 168 18.00 -10.71 -14.81
N TYR C 169 19.30 -10.58 -15.11
CA TYR C 169 20.34 -10.69 -14.10
C TYR C 169 21.63 -9.95 -14.49
N ASP C 170 22.32 -9.41 -13.49
CA ASP C 170 23.65 -8.83 -13.63
C ASP C 170 24.68 -9.88 -13.20
N TYR C 171 25.87 -9.81 -13.79
CA TYR C 171 27.00 -10.67 -13.44
C TYR C 171 28.27 -9.83 -13.38
N HIS C 172 29.16 -10.18 -12.45
CA HIS C 172 30.44 -9.53 -12.32
C HIS C 172 31.53 -10.59 -12.48
N GLN C 173 32.25 -10.50 -13.60
CA GLN C 173 33.21 -11.53 -14.06
C GLN C 173 34.25 -11.88 -13.01
N GLY C 174 34.83 -10.86 -12.37
CA GLY C 174 35.99 -11.00 -11.50
C GLY C 174 35.77 -11.75 -10.21
N SER C 175 34.57 -11.61 -9.64
CA SER C 175 34.19 -12.23 -8.36
C SER C 175 33.26 -13.43 -8.52
N GLY C 176 32.48 -13.46 -9.60
CA GLY C 176 31.50 -14.51 -9.85
C GLY C 176 30.12 -14.19 -9.31
N THR C 177 29.90 -12.92 -8.93
CA THR C 177 28.67 -12.51 -8.27
C THR C 177 27.54 -12.31 -9.28
N PHE C 178 26.43 -13.03 -9.07
CA PHE C 178 25.17 -12.74 -9.75
C PHE C 178 24.36 -11.76 -8.91
N LEU C 179 23.49 -10.99 -9.56
CA LEU C 179 22.53 -10.11 -8.89
C LEU C 179 21.23 -10.12 -9.68
N PHE C 180 20.12 -10.36 -9.01
CA PHE C 180 18.84 -10.45 -9.69
C PHE C 180 17.67 -10.22 -8.76
N GLN C 181 16.63 -9.58 -9.30
CA GLN C 181 15.35 -9.46 -8.64
C GLN C 181 14.52 -10.72 -8.91
N ALA C 182 13.88 -11.24 -7.87
CA ALA C 182 12.99 -12.38 -7.98
C ALA C 182 11.80 -12.13 -7.06
N GLY C 183 10.68 -11.71 -7.63
CA GLY C 183 9.57 -11.17 -6.86
C GLY C 183 10.00 -9.85 -6.24
N SER C 184 9.57 -9.60 -5.02
CA SER C 184 9.95 -8.39 -4.28
C SER C 184 11.42 -8.35 -3.85
N GLY C 185 12.00 -9.53 -3.60
CA GLY C 185 13.38 -9.63 -3.14
C GLY C 185 14.42 -9.40 -4.21
N ILE C 186 15.58 -8.89 -3.78
CA ILE C 186 16.79 -8.81 -4.59
C ILE C 186 17.76 -9.79 -3.95
N TYR C 187 18.32 -10.69 -4.77
CA TYR C 187 19.17 -11.79 -4.29
C TYR C 187 20.51 -11.80 -5.00
N HIS C 188 21.46 -12.56 -4.44
CA HIS C 188 22.75 -12.79 -5.08
C HIS C 188 23.30 -14.18 -4.77
N VAL C 189 24.08 -14.72 -5.72
CA VAL C 189 24.86 -15.95 -5.51
C VAL C 189 26.23 -15.76 -6.14
N LYS C 190 27.14 -16.71 -5.90
CA LYS C 190 28.45 -16.70 -6.54
C LYS C 190 28.72 -18.02 -7.24
N ASP C 191 29.13 -17.93 -8.50
CA ASP C 191 29.56 -19.09 -9.27
C ASP C 191 30.39 -18.61 -10.46
N GLY C 192 31.48 -19.33 -10.73
CA GLY C 192 32.33 -19.04 -11.89
C GLY C 192 33.56 -18.18 -11.62
N GLY C 193 33.59 -17.51 -10.47
CA GLY C 193 34.72 -16.66 -10.09
C GLY C 193 35.83 -17.45 -9.41
N PRO C 194 36.73 -16.74 -8.69
CA PRO C 194 37.80 -17.33 -7.87
C PRO C 194 37.39 -18.50 -6.97
N GLN C 195 36.21 -18.40 -6.36
CA GLN C 195 35.70 -19.45 -5.46
C GLN C 195 35.23 -20.74 -6.17
N GLY C 196 35.25 -20.77 -7.50
CA GLY C 196 35.09 -22.01 -8.26
C GLY C 196 33.68 -22.23 -8.78
N PHE C 197 33.41 -23.48 -9.15
CA PHE C 197 32.16 -23.84 -9.80
C PHE C 197 31.39 -24.87 -8.98
N THR C 198 30.14 -24.55 -8.67
CA THR C 198 29.25 -25.45 -7.94
C THR C 198 28.82 -26.65 -8.80
N GLN C 199 28.57 -27.77 -8.11
CA GLN C 199 27.99 -28.96 -8.74
C GLN C 199 26.59 -29.25 -8.17
N GLN C 200 26.00 -28.25 -7.51
CA GLN C 200 24.67 -28.38 -6.88
C GLN C 200 23.99 -27.01 -6.81
N PRO C 201 22.64 -26.98 -6.76
CA PRO C 201 21.92 -25.70 -6.67
C PRO C 201 22.36 -24.83 -5.49
N LEU C 202 22.57 -23.54 -5.75
CA LEU C 202 23.01 -22.58 -4.74
C LEU C 202 21.82 -21.89 -4.10
N ARG C 203 21.90 -21.68 -2.79
CA ARG C 203 20.88 -20.94 -2.05
C ARG C 203 21.03 -19.44 -2.37
N PRO C 204 19.94 -18.79 -2.83
CA PRO C 204 20.03 -17.35 -3.08
C PRO C 204 20.04 -16.55 -1.79
N ASN C 205 20.86 -15.51 -1.75
CA ASN C 205 21.08 -14.71 -0.54
C ASN C 205 20.37 -13.38 -0.69
N LEU C 206 19.31 -13.19 0.10
CA LEU C 206 18.52 -11.95 0.10
C LEU C 206 19.38 -10.75 0.48
N VAL C 207 19.21 -9.65 -0.26
CA VAL C 207 19.80 -8.37 0.10
C VAL C 207 18.81 -7.70 1.05
N GLU C 208 19.19 -7.61 2.33
CA GLU C 208 18.30 -7.09 3.35
C GLU C 208 18.11 -5.58 3.16
N THR C 209 17.02 -5.06 3.69
CA THR C 209 16.67 -3.65 3.51
C THR C 209 15.75 -3.14 4.63
N SER C 210 15.74 -1.82 4.80
CA SER C 210 14.77 -1.14 5.66
C SER C 210 13.71 -0.39 4.85
N CYS C 211 13.79 -0.46 3.53
CA CYS C 211 12.87 0.24 2.63
C CYS C 211 11.47 -0.40 2.70
N PRO C 212 10.42 0.43 2.87
CA PRO C 212 9.06 -0.14 2.95
C PRO C 212 8.51 -0.71 1.65
N ASN C 213 8.80 -0.04 0.54
CA ASN C 213 8.21 -0.34 -0.76
C ASN C 213 9.10 -1.24 -1.60
N ILE C 214 8.54 -1.70 -2.72
CA ILE C 214 9.23 -2.57 -3.67
C ILE C 214 10.45 -1.88 -4.28
N ARG C 215 11.57 -2.62 -4.32
CA ARG C 215 12.80 -2.13 -4.95
C ARG C 215 12.83 -2.59 -6.40
N MET C 216 13.27 -1.70 -7.29
CA MET C 216 13.28 -1.95 -8.75
C MET C 216 14.67 -1.75 -9.33
N ASP C 217 14.93 -2.43 -10.45
CA ASP C 217 16.11 -2.18 -11.30
C ASP C 217 17.45 -2.30 -10.54
N PRO C 218 17.73 -3.48 -9.96
CA PRO C 218 19.02 -3.68 -9.31
C PRO C 218 20.18 -3.77 -10.32
N LYS C 219 21.34 -3.25 -9.94
CA LYS C 219 22.56 -3.35 -10.77
C LYS C 219 23.81 -3.46 -9.90
N LEU C 220 24.69 -4.42 -10.24
CA LEU C 220 26.01 -4.52 -9.62
C LEU C 220 26.88 -3.36 -10.04
N CYS C 221 27.71 -2.89 -9.12
CA CYS C 221 28.75 -1.91 -9.42
C CYS C 221 29.94 -2.67 -10.01
N PRO C 222 30.30 -2.40 -11.28
CA PRO C 222 31.41 -3.17 -11.88
C PRO C 222 32.79 -2.95 -11.23
N ALA C 223 32.99 -1.83 -10.55
CA ALA C 223 34.25 -1.54 -9.85
C ALA C 223 34.41 -2.30 -8.54
N ASP C 224 33.31 -2.42 -7.79
CA ASP C 224 33.30 -3.13 -6.50
C ASP C 224 32.00 -3.96 -6.39
N PRO C 225 32.10 -5.30 -6.53
CA PRO C 225 30.90 -6.15 -6.51
C PRO C 225 30.25 -6.37 -5.12
N ASP C 226 30.76 -5.74 -4.07
CA ASP C 226 30.06 -5.63 -2.79
C ASP C 226 28.83 -4.69 -2.89
N TRP C 227 28.91 -3.69 -3.76
CA TRP C 227 27.87 -2.66 -3.87
C TRP C 227 26.87 -2.94 -4.99
N ILE C 228 25.60 -2.65 -4.71
CA ILE C 228 24.54 -2.62 -5.71
C ILE C 228 23.84 -1.28 -5.64
N ALA C 229 22.95 -1.04 -6.61
CA ALA C 229 22.07 0.10 -6.60
C ALA C 229 20.68 -0.37 -7.01
N PHE C 230 19.68 0.43 -6.68
CA PHE C 230 18.30 0.16 -7.07
C PHE C 230 17.44 1.41 -6.95
N ILE C 231 16.22 1.30 -7.46
CA ILE C 231 15.25 2.36 -7.37
C ILE C 231 14.23 1.99 -6.30
N HIS C 232 13.88 2.97 -5.48
CA HIS C 232 12.80 2.82 -4.51
C HIS C 232 12.03 4.15 -4.48
N SER C 233 10.73 4.09 -4.75
CA SER C 233 9.85 5.27 -4.79
C SER C 233 10.44 6.42 -5.63
N ASN C 234 10.86 6.07 -6.84
CA ASN C 234 11.45 7.00 -7.81
C ASN C 234 12.70 7.78 -7.33
N ASP C 235 13.48 7.16 -6.45
CA ASP C 235 14.79 7.68 -6.02
C ASP C 235 15.82 6.56 -6.06
N ILE C 236 17.09 6.93 -6.15
CA ILE C 236 18.18 5.94 -6.22
C ILE C 236 18.70 5.64 -4.83
N TRP C 237 18.85 4.35 -4.52
CA TRP C 237 19.47 3.89 -3.27
C TRP C 237 20.64 2.98 -3.63
N ILE C 238 21.57 2.83 -2.68
CA ILE C 238 22.66 1.85 -2.79
C ILE C 238 22.76 1.02 -1.53
N SER C 239 23.31 -0.18 -1.67
CA SER C 239 23.35 -1.16 -0.61
C SER C 239 24.59 -2.06 -0.76
N ASN C 240 25.28 -2.29 0.35
CA ASN C 240 26.45 -3.16 0.39
C ASN C 240 25.97 -4.54 0.80
N ILE C 241 26.18 -5.54 -0.05
CA ILE C 241 25.71 -6.90 0.23
C ILE C 241 26.56 -7.68 1.26
N VAL C 242 27.64 -7.09 1.76
CA VAL C 242 28.45 -7.69 2.82
C VAL C 242 28.27 -6.94 4.14
N THR C 243 28.56 -5.63 4.13
CA THR C 243 28.44 -4.82 5.35
C THR C 243 26.98 -4.51 5.75
N ARG C 244 26.06 -4.65 4.80
CA ARG C 244 24.62 -4.36 4.98
C ARG C 244 24.30 -2.86 5.10
N GLU C 245 25.25 -1.99 4.80
CA GLU C 245 25.00 -0.55 4.84
C GLU C 245 24.06 -0.22 3.69
N GLU C 246 23.02 0.55 3.99
CA GLU C 246 22.03 0.97 2.99
C GLU C 246 21.97 2.49 3.02
N ARG C 247 22.08 3.13 1.86
CA ARG C 247 22.07 4.60 1.77
C ARG C 247 21.24 5.10 0.58
N ARG C 248 20.43 6.11 0.84
CA ARG C 248 19.65 6.82 -0.17
C ARG C 248 20.50 7.92 -0.80
N LEU C 249 20.62 7.90 -2.13
CA LEU C 249 21.45 8.87 -2.86
C LEU C 249 20.71 10.10 -3.38
N THR C 250 19.40 9.99 -3.61
CA THR C 250 18.59 11.08 -4.17
C THR C 250 17.33 11.33 -3.34
N TYR C 251 16.97 12.60 -3.17
CA TYR C 251 15.81 13.02 -2.36
C TYR C 251 14.85 13.85 -3.20
N VAL C 252 14.52 13.29 -4.36
CA VAL C 252 13.74 13.96 -5.40
C VAL C 252 12.21 13.72 -5.26
N HIS C 253 11.84 12.56 -4.72
CA HIS C 253 10.43 12.16 -4.60
C HIS C 253 10.08 11.97 -3.12
N ASN C 254 9.12 12.78 -2.65
CA ASN C 254 8.48 12.58 -1.35
C ASN C 254 7.25 11.72 -1.59
N GLU C 255 7.27 10.49 -1.05
CA GLU C 255 6.16 9.53 -1.23
C GLU C 255 4.87 9.90 -0.49
N LEU C 256 4.96 10.78 0.50
CA LEU C 256 3.79 11.23 1.27
C LEU C 256 2.90 12.21 0.48
N ALA C 257 3.53 13.12 -0.27
CA ALA C 257 2.80 14.11 -1.08
C ALA C 257 2.14 13.50 -2.32
N ASN C 258 1.13 14.19 -2.84
CA ASN C 258 0.33 13.69 -3.98
C ASN C 258 1.04 13.86 -5.33
N MET C 259 0.55 13.12 -6.32
CA MET C 259 1.21 13.02 -7.63
C MET C 259 1.11 14.27 -8.53
N GLU C 260 0.11 15.12 -8.31
CA GLU C 260 -0.03 16.39 -9.06
C GLU C 260 1.03 17.41 -8.66
N GLU C 261 1.34 17.50 -7.36
CA GLU C 261 2.40 18.39 -6.87
C GLU C 261 3.78 17.76 -7.07
N ASP C 262 3.98 16.59 -6.46
CA ASP C 262 5.25 15.86 -6.54
C ASP C 262 5.25 14.95 -7.77
N ALA C 263 5.94 15.37 -8.82
CA ALA C 263 6.02 14.61 -10.07
C ALA C 263 7.45 14.59 -10.63
N ARG C 264 8.41 14.34 -9.74
CA ARG C 264 9.82 14.20 -10.12
C ARG C 264 10.33 12.80 -9.81
N SER C 265 11.38 12.40 -10.53
CA SER C 265 12.01 11.09 -10.38
C SER C 265 13.50 11.15 -10.72
N ALA C 266 14.23 10.13 -10.28
CA ALA C 266 15.66 9.98 -10.61
C ALA C 266 15.99 8.51 -10.83
N GLY C 267 16.78 8.23 -11.86
CA GLY C 267 17.19 6.86 -12.19
C GLY C 267 16.13 6.03 -12.90
N VAL C 268 15.07 6.67 -13.39
CA VAL C 268 13.91 5.97 -13.96
C VAL C 268 13.59 6.54 -15.34
N ALA C 269 13.47 5.66 -16.33
CA ALA C 269 12.95 6.04 -17.64
C ALA C 269 11.45 6.33 -17.53
N THR C 270 11.02 7.47 -18.08
CA THR C 270 9.61 7.87 -18.08
C THR C 270 8.82 7.06 -19.13
N PHE C 271 7.51 7.28 -19.19
CA PHE C 271 6.63 6.49 -20.06
C PHE C 271 7.08 6.35 -21.51
N VAL C 272 7.37 7.48 -22.15
CA VAL C 272 7.69 7.51 -23.58
C VAL C 272 9.01 6.80 -23.89
N LEU C 273 9.99 6.89 -22.99
CA LEU C 273 11.29 6.25 -23.21
C LEU C 273 11.20 4.73 -23.13
N GLN C 274 10.38 4.22 -22.22
CA GLN C 274 10.15 2.79 -22.10
C GLN C 274 9.31 2.25 -23.25
N GLU C 275 8.19 2.93 -23.51
CA GLU C 275 7.23 2.44 -24.50
C GLU C 275 7.67 2.68 -25.96
N GLU C 276 8.40 3.77 -26.23
CA GLU C 276 8.75 4.16 -27.61
C GLU C 276 10.23 4.14 -27.98
N PHE C 277 11.13 4.09 -27.00
CA PHE C 277 12.57 4.01 -27.27
C PHE C 277 13.25 2.78 -26.69
N ASP C 278 12.48 1.92 -26.02
CA ASP C 278 12.99 0.73 -25.34
C ASP C 278 14.20 0.99 -24.43
N ARG C 279 14.13 2.08 -23.67
CA ARG C 279 15.06 2.31 -22.57
C ARG C 279 14.32 2.12 -21.26
N TYR C 280 14.80 1.19 -20.44
CA TYR C 280 14.13 0.81 -19.19
C TYR C 280 14.86 1.28 -17.93
N SER C 281 16.17 1.52 -18.03
CA SER C 281 16.97 2.01 -16.93
C SER C 281 17.32 3.49 -17.13
N GLY C 282 17.45 4.22 -16.01
CA GLY C 282 17.78 5.65 -16.02
C GLY C 282 19.02 6.02 -15.21
N TYR C 283 19.83 5.02 -14.85
CA TYR C 283 21.08 5.25 -14.13
C TYR C 283 22.12 4.23 -14.56
N TRP C 284 23.38 4.61 -14.49
CA TRP C 284 24.48 3.80 -15.02
C TRP C 284 25.71 3.91 -14.10
N TRP C 285 26.15 2.77 -13.57
CA TRP C 285 27.36 2.74 -12.75
C TRP C 285 28.56 3.12 -13.61
N CYS C 286 29.45 3.93 -13.05
CA CYS C 286 30.77 4.15 -13.63
C CYS C 286 31.57 2.87 -13.41
N PRO C 287 32.19 2.32 -14.47
CA PRO C 287 32.83 1.00 -14.38
C PRO C 287 34.15 0.95 -13.60
N LYS C 288 34.78 2.09 -13.35
CA LYS C 288 36.04 2.13 -12.61
C LYS C 288 35.94 3.03 -11.39
N ALA C 289 36.67 2.65 -10.33
CA ALA C 289 36.74 3.40 -9.10
C ALA C 289 37.99 4.27 -9.10
N GLU C 290 37.84 5.54 -8.73
CA GLU C 290 38.96 6.45 -8.54
C GLU C 290 39.56 6.20 -7.15
N THR C 291 40.86 5.91 -7.09
CA THR C 291 41.57 5.70 -5.83
C THR C 291 41.85 7.04 -5.15
N THR C 292 41.72 7.09 -3.82
CA THR C 292 41.96 8.31 -3.03
C THR C 292 43.32 8.23 -2.31
N PRO C 293 43.82 9.39 -1.80
CA PRO C 293 45.01 9.38 -0.92
C PRO C 293 44.86 8.54 0.35
N SER C 294 43.65 8.48 0.90
CA SER C 294 43.38 7.77 2.16
C SER C 294 43.46 6.23 2.09
N GLY C 295 43.49 5.66 0.89
CA GLY C 295 43.45 4.20 0.70
C GLY C 295 42.04 3.65 0.55
N GLY C 296 41.06 4.52 0.33
CA GLY C 296 39.69 4.14 0.02
C GLY C 296 39.45 4.29 -1.48
N LYS C 297 38.23 4.69 -1.86
CA LYS C 297 37.87 4.90 -3.26
C LYS C 297 36.60 5.72 -3.46
N ILE C 298 36.41 6.21 -4.69
CA ILE C 298 35.21 6.94 -5.10
C ILE C 298 34.48 6.19 -6.22
N LEU C 299 33.20 5.87 -5.98
CA LEU C 299 32.33 5.30 -6.99
C LEU C 299 31.45 6.41 -7.55
N ARG C 300 31.05 6.27 -8.82
CA ARG C 300 30.23 7.27 -9.51
C ARG C 300 29.02 6.63 -10.18
N ILE C 301 27.89 7.34 -10.13
CA ILE C 301 26.65 6.93 -10.82
C ILE C 301 26.10 8.11 -11.62
N LEU C 302 26.11 7.99 -12.95
CA LEU C 302 25.38 8.90 -13.82
C LEU C 302 23.91 8.54 -13.74
N TYR C 303 23.03 9.53 -13.77
CA TYR C 303 21.60 9.26 -13.85
C TYR C 303 20.78 10.37 -14.49
N GLU C 304 19.64 9.96 -15.06
CA GLU C 304 18.65 10.87 -15.61
C GLU C 304 17.76 11.33 -14.46
N GLU C 305 17.47 12.64 -14.42
CA GLU C 305 16.52 13.21 -13.47
C GLU C 305 15.41 13.88 -14.26
N ASN C 306 14.18 13.40 -14.05
CA ASN C 306 13.02 13.86 -14.81
C ASN C 306 12.08 14.64 -13.92
N ASP C 307 11.59 15.78 -14.42
CA ASP C 307 10.53 16.55 -13.77
C ASP C 307 9.33 16.55 -14.72
N GLU C 308 8.32 15.74 -14.36
CA GLU C 308 7.12 15.56 -15.18
C GLU C 308 5.96 16.46 -14.74
N SER C 309 6.29 17.63 -14.18
CA SER C 309 5.26 18.54 -13.62
C SER C 309 4.33 19.14 -14.67
N GLU C 310 4.89 19.47 -15.84
CA GLU C 310 4.12 20.08 -16.94
C GLU C 310 3.55 19.07 -17.95
N VAL C 311 3.76 17.77 -17.73
CA VAL C 311 3.26 16.73 -18.62
C VAL C 311 1.79 16.47 -18.32
N GLU C 312 1.00 16.19 -19.36
CA GLU C 312 -0.43 15.90 -19.21
C GLU C 312 -0.67 14.72 -18.29
N ILE C 313 -1.70 14.82 -17.46
CA ILE C 313 -2.13 13.73 -16.58
C ILE C 313 -3.36 13.08 -17.19
N ILE C 314 -3.53 11.78 -16.97
CA ILE C 314 -4.70 11.04 -17.43
C ILE C 314 -5.17 10.00 -16.40
N HIS C 315 -6.47 9.73 -16.41
CA HIS C 315 -7.12 8.85 -15.43
C HIS C 315 -7.73 7.66 -16.18
N VAL C 316 -7.32 6.45 -15.80
CA VAL C 316 -7.73 5.22 -16.48
C VAL C 316 -8.06 4.15 -15.43
N PHE C 329 -1.68 8.81 -14.46
CA PHE C 329 -0.24 8.82 -14.68
C PHE C 329 0.19 9.85 -15.75
N ARG C 330 1.50 10.00 -15.94
CA ARG C 330 2.07 11.02 -16.83
C ARG C 330 2.24 10.51 -18.27
N TYR C 331 1.44 11.07 -19.18
CA TYR C 331 1.35 10.64 -20.58
C TYR C 331 1.57 11.84 -21.51
N PRO C 332 2.79 12.01 -22.06
CA PRO C 332 3.04 13.12 -22.98
C PRO C 332 2.37 12.91 -24.34
N LYS C 333 1.11 13.34 -24.45
CA LYS C 333 0.39 13.20 -25.73
C LYS C 333 0.87 14.22 -26.74
N THR C 334 0.70 13.89 -28.03
CA THR C 334 1.40 14.59 -29.11
C THR C 334 1.12 16.11 -29.18
N GLY C 335 2.17 16.86 -29.44
CA GLY C 335 2.12 18.32 -29.45
C GLY C 335 2.01 18.97 -28.09
N THR C 336 2.34 18.24 -27.03
CA THR C 336 2.32 18.75 -25.65
C THR C 336 3.67 18.46 -24.99
N ALA C 337 3.85 18.92 -23.76
CA ALA C 337 5.16 18.88 -23.10
C ALA C 337 5.65 17.45 -22.84
N ASN C 338 6.89 17.18 -23.24
CA ASN C 338 7.64 16.03 -22.73
C ASN C 338 8.23 16.41 -21.39
N PRO C 339 8.70 15.41 -20.61
CA PRO C 339 9.31 15.73 -19.31
C PRO C 339 10.54 16.63 -19.41
N LYS C 340 10.72 17.48 -18.41
CA LYS C 340 11.91 18.31 -18.30
C LYS C 340 13.02 17.40 -17.73
N VAL C 341 14.14 17.31 -18.45
CA VAL C 341 15.17 16.29 -18.16
C VAL C 341 16.58 16.89 -18.08
N THR C 342 17.43 16.23 -17.28
CA THR C 342 18.83 16.61 -17.17
C THR C 342 19.69 15.41 -16.75
N PHE C 343 21.00 15.57 -16.89
CA PHE C 343 21.96 14.62 -16.35
C PHE C 343 22.41 15.08 -14.96
N LYS C 344 22.65 14.10 -14.10
CA LYS C 344 23.15 14.31 -12.74
C LYS C 344 24.21 13.25 -12.47
N MET C 345 25.00 13.46 -11.42
CA MET C 345 25.99 12.46 -11.01
C MET C 345 26.10 12.40 -9.48
N SER C 346 26.10 11.18 -8.96
CA SER C 346 26.23 10.93 -7.52
C SER C 346 27.64 10.46 -7.25
N GLU C 347 28.40 11.26 -6.50
CA GLU C 347 29.78 10.95 -6.15
C GLU C 347 29.75 10.30 -4.76
N ILE C 348 30.27 9.08 -4.66
CA ILE C 348 30.12 8.24 -3.47
C ILE C 348 31.50 7.88 -2.91
N MET C 349 31.88 8.47 -1.77
CA MET C 349 33.19 8.25 -1.15
C MET C 349 33.14 7.10 -0.14
N ILE C 350 33.93 6.06 -0.39
CA ILE C 350 34.03 4.88 0.48
C ILE C 350 35.44 4.86 1.12
N ASP C 351 35.53 4.39 2.36
CA ASP C 351 36.80 4.29 3.09
C ASP C 351 37.49 2.93 2.89
N ALA C 352 38.63 2.72 3.56
CA ALA C 352 39.43 1.49 3.44
C ALA C 352 38.69 0.18 3.72
N GLU C 353 37.68 0.20 4.59
CA GLU C 353 36.92 -1.02 4.94
C GLU C 353 35.46 -0.97 4.45
N GLY C 354 35.26 -0.53 3.22
CA GLY C 354 33.96 -0.60 2.54
C GLY C 354 32.80 0.19 3.14
N ARG C 355 33.11 1.20 3.94
CA ARG C 355 32.11 1.99 4.67
C ARG C 355 32.00 3.35 4.01
N ILE C 356 30.78 3.86 3.86
CA ILE C 356 30.54 5.17 3.22
C ILE C 356 31.05 6.29 4.11
N ILE C 357 31.84 7.18 3.53
CA ILE C 357 32.29 8.41 4.18
C ILE C 357 31.25 9.48 3.89
N ASP C 358 31.03 9.76 2.61
CA ASP C 358 30.24 10.90 2.19
C ASP C 358 29.56 10.63 0.84
N VAL C 359 28.46 11.36 0.58
CA VAL C 359 27.73 11.30 -0.67
C VAL C 359 27.45 12.73 -1.16
N ILE C 360 28.07 13.10 -2.27
CA ILE C 360 27.89 14.42 -2.87
C ILE C 360 27.06 14.27 -4.14
N ASP C 361 25.89 14.92 -4.17
CA ASP C 361 25.06 15.00 -5.36
C ASP C 361 25.57 16.14 -6.25
N LYS C 362 25.76 15.85 -7.55
CA LYS C 362 26.37 16.80 -8.48
C LYS C 362 25.52 17.04 -9.72
N GLU C 363 25.54 18.28 -10.22
CA GLU C 363 24.73 18.71 -11.36
C GLU C 363 25.63 19.30 -12.44
N LEU C 364 25.10 19.44 -13.65
CA LEU C 364 25.85 20.01 -14.77
C LEU C 364 26.19 21.47 -14.52
N ILE C 365 27.43 21.85 -14.84
CA ILE C 365 27.93 23.22 -14.62
C ILE C 365 27.09 24.31 -15.31
N GLN C 366 26.47 23.96 -16.44
CA GLN C 366 25.48 24.79 -17.10
C GLN C 366 24.22 23.95 -17.32
N PRO C 367 23.05 24.60 -17.57
CA PRO C 367 21.82 23.82 -17.78
C PRO C 367 21.85 22.88 -18.99
N PHE C 368 21.00 21.86 -18.96
CA PHE C 368 20.89 20.87 -20.03
C PHE C 368 20.51 21.51 -21.37
N GLU C 369 19.61 22.50 -21.33
CA GLU C 369 19.13 23.17 -22.55
C GLU C 369 20.24 23.97 -23.25
N ILE C 370 21.24 24.43 -22.48
CA ILE C 370 22.34 25.22 -23.01
C ILE C 370 23.41 24.31 -23.61
N LEU C 371 23.88 23.34 -22.81
CA LEU C 371 24.95 22.42 -23.24
C LEU C 371 24.54 21.54 -24.42
N PHE C 372 23.33 20.99 -24.36
CA PHE C 372 22.82 20.06 -25.37
C PHE C 372 21.65 20.71 -26.10
N GLU C 373 21.96 21.77 -26.84
CA GLU C 373 20.99 22.58 -27.58
C GLU C 373 20.12 21.70 -28.47
N GLY C 374 18.80 21.88 -28.39
CA GLY C 374 17.83 21.21 -29.27
C GLY C 374 17.38 19.81 -28.86
N VAL C 375 18.03 19.22 -27.86
CA VAL C 375 17.76 17.84 -27.43
C VAL C 375 16.45 17.74 -26.64
N GLU C 376 15.63 16.73 -26.98
CA GLU C 376 14.42 16.39 -26.23
C GLU C 376 14.59 15.09 -25.43
N TYR C 377 14.98 14.02 -26.12
CA TYR C 377 15.02 12.67 -25.55
C TYR C 377 16.44 12.21 -25.33
N ILE C 378 16.75 11.78 -24.10
CA ILE C 378 17.97 11.01 -23.84
C ILE C 378 17.63 9.58 -24.24
N ALA C 379 18.14 9.15 -25.39
CA ALA C 379 17.77 7.86 -25.98
C ALA C 379 18.53 6.70 -25.32
N ARG C 380 19.84 6.85 -25.22
CA ARG C 380 20.73 5.86 -24.62
C ARG C 380 21.80 6.56 -23.82
N ALA C 381 22.44 5.82 -22.91
CA ALA C 381 23.55 6.35 -22.12
C ALA C 381 24.36 5.25 -21.47
N GLY C 382 25.56 5.62 -21.04
CA GLY C 382 26.49 4.68 -20.43
C GLY C 382 27.84 5.31 -20.20
N TRP C 383 28.87 4.46 -20.12
CA TRP C 383 30.24 4.89 -19.88
C TRP C 383 31.20 4.26 -20.89
N THR C 384 32.35 4.89 -21.08
CA THR C 384 33.44 4.29 -21.86
C THR C 384 34.10 3.23 -20.98
N PRO C 385 34.72 2.20 -21.58
CA PRO C 385 35.31 1.06 -20.84
C PRO C 385 36.15 1.41 -19.59
N GLU C 386 36.87 2.54 -19.64
CA GLU C 386 37.74 2.98 -18.54
C GLU C 386 37.03 3.95 -17.57
N GLY C 387 35.82 4.37 -17.91
CA GLY C 387 35.06 5.31 -17.09
C GLY C 387 35.55 6.74 -17.13
N LYS C 388 36.31 7.10 -18.17
CA LYS C 388 36.84 8.45 -18.32
C LYS C 388 35.76 9.43 -18.76
N TYR C 389 34.95 9.01 -19.73
CA TYR C 389 33.79 9.78 -20.20
C TYR C 389 32.51 8.96 -20.04
N ALA C 390 31.41 9.67 -19.76
CA ALA C 390 30.08 9.10 -19.88
C ALA C 390 29.59 9.44 -21.29
N TRP C 391 28.99 8.47 -21.98
CA TRP C 391 28.43 8.71 -23.32
C TRP C 391 26.92 8.79 -23.29
N SER C 392 26.35 9.37 -24.34
CA SER C 392 24.91 9.45 -24.50
C SER C 392 24.51 9.72 -25.96
N ILE C 393 23.43 9.07 -26.39
CA ILE C 393 22.85 9.27 -27.72
C ILE C 393 21.59 10.11 -27.54
N LEU C 394 21.60 11.31 -28.13
CA LEU C 394 20.59 12.33 -27.89
C LEU C 394 19.81 12.65 -29.15
N LEU C 395 18.50 12.89 -29.00
CA LEU C 395 17.58 13.15 -30.10
C LEU C 395 16.88 14.50 -29.95
N ASP C 396 16.60 15.16 -31.07
CA ASP C 396 15.75 16.35 -31.08
C ASP C 396 14.28 15.93 -31.16
N ARG C 397 13.37 16.88 -30.98
CA ARG C 397 11.94 16.59 -30.91
C ARG C 397 11.37 15.91 -32.15
N SER C 398 11.76 16.39 -33.32
CA SER C 398 11.32 15.82 -34.60
C SER C 398 11.91 14.44 -34.89
N GLN C 399 13.02 14.11 -34.19
CA GLN C 399 13.72 12.83 -34.29
C GLN C 399 14.38 12.64 -35.66
N THR C 400 14.77 13.76 -36.26
CA THR C 400 15.53 13.79 -37.49
C THR C 400 17.02 14.03 -37.25
N ARG C 401 17.42 14.37 -36.02
CA ARG C 401 18.83 14.57 -35.66
C ARG C 401 19.24 13.70 -34.48
N LEU C 402 20.29 12.90 -34.67
CA LEU C 402 20.91 12.09 -33.61
C LEU C 402 22.30 12.65 -33.30
N GLN C 403 22.67 12.64 -32.02
CA GLN C 403 24.01 13.07 -31.57
C GLN C 403 24.57 12.11 -30.53
N ILE C 404 25.76 11.61 -30.78
CA ILE C 404 26.50 10.83 -29.77
C ILE C 404 27.43 11.82 -29.09
N VAL C 405 27.29 11.97 -27.77
CA VAL C 405 28.01 12.99 -27.00
C VAL C 405 28.76 12.39 -25.83
N LEU C 406 30.05 12.70 -25.71
CA LEU C 406 30.83 12.36 -24.51
C LEU C 406 30.68 13.48 -23.46
N ILE C 407 30.54 13.08 -22.20
CA ILE C 407 30.35 14.00 -21.06
C ILE C 407 31.33 13.58 -19.97
N SER C 408 32.31 14.42 -19.68
CA SER C 408 33.30 14.15 -18.63
C SER C 408 32.69 14.37 -17.24
N PRO C 409 33.11 13.58 -16.22
CA PRO C 409 32.68 13.84 -14.84
C PRO C 409 33.00 15.25 -14.31
N GLU C 410 34.08 15.85 -14.81
CA GLU C 410 34.46 17.22 -14.44
C GLU C 410 33.46 18.31 -14.91
N LEU C 411 32.55 17.98 -15.84
CA LEU C 411 31.43 18.87 -16.17
C LEU C 411 30.38 19.02 -15.06
N PHE C 412 30.40 18.10 -14.09
CA PHE C 412 29.51 18.16 -12.92
C PHE C 412 30.19 18.82 -11.73
N ILE C 413 29.44 19.69 -11.04
CA ILE C 413 29.87 20.32 -9.78
C ILE C 413 28.84 20.03 -8.70
N PRO C 414 29.24 20.10 -7.41
CA PRO C 414 28.27 19.88 -6.33
C PRO C 414 27.09 20.86 -6.33
N VAL C 415 25.94 20.39 -5.86
CA VAL C 415 24.74 21.21 -5.75
C VAL C 415 24.93 22.15 -4.56
N GLU C 416 24.67 23.44 -4.77
CA GLU C 416 24.87 24.47 -3.74
C GLU C 416 23.80 25.56 -3.84
N ASP C 417 22.92 25.63 -2.83
CA ASP C 417 21.94 26.72 -2.73
C ASP C 417 22.57 28.05 -2.28
N ASP C 418 23.73 27.99 -1.60
CA ASP C 418 24.53 29.18 -1.27
C ASP C 418 25.13 29.76 -2.56
N VAL C 419 24.76 31.00 -2.87
CA VAL C 419 25.11 31.64 -4.16
C VAL C 419 26.61 31.94 -4.32
N MET C 420 27.31 32.15 -3.20
CA MET C 420 28.75 32.46 -3.22
C MET C 420 29.58 31.21 -3.55
N GLU C 421 29.36 30.14 -2.79
CA GLU C 421 30.10 28.87 -2.95
C GLU C 421 29.87 28.21 -4.32
N ARG C 422 28.67 28.37 -4.87
CA ARG C 422 28.33 27.87 -6.21
C ARG C 422 29.18 28.53 -7.29
N GLN C 423 29.31 29.86 -7.21
CA GLN C 423 30.11 30.63 -8.17
C GLN C 423 31.60 30.27 -8.12
N ARG C 424 32.11 29.95 -6.92
CA ARG C 424 33.51 29.55 -6.76
C ARG C 424 33.79 28.17 -7.35
N LEU C 425 32.83 27.25 -7.23
CA LEU C 425 32.93 25.91 -7.84
C LEU C 425 32.88 25.95 -9.37
N ILE C 426 32.11 26.87 -9.93
CA ILE C 426 32.06 27.09 -11.39
C ILE C 426 33.42 27.58 -11.90
N GLU C 427 34.01 28.54 -11.20
CA GLU C 427 35.33 29.09 -11.54
C GLU C 427 36.47 28.06 -11.47
N SER C 428 36.39 27.15 -10.50
CA SER C 428 37.41 26.10 -10.34
C SER C 428 37.49 25.12 -11.51
N VAL C 429 36.36 24.88 -12.17
CA VAL C 429 36.30 23.99 -13.35
C VAL C 429 36.94 24.69 -14.55
N PRO C 430 37.89 24.02 -15.25
CA PRO C 430 38.47 24.63 -16.46
C PRO C 430 37.47 24.94 -17.58
N ASP C 431 37.90 25.80 -18.49
CA ASP C 431 37.14 26.11 -19.70
C ASP C 431 37.36 25.04 -20.77
N SER C 432 38.51 24.36 -20.72
CA SER C 432 38.83 23.27 -21.65
C SER C 432 37.88 22.08 -21.56
N VAL C 433 37.44 21.76 -20.33
CA VAL C 433 36.47 20.68 -20.08
C VAL C 433 35.10 21.05 -20.65
N THR C 434 34.65 20.26 -21.62
CA THR C 434 33.50 20.61 -22.46
C THR C 434 32.78 19.36 -23.00
N PRO C 435 31.47 19.46 -23.33
CA PRO C 435 30.83 18.37 -24.06
C PRO C 435 31.45 18.14 -25.42
N LEU C 436 31.57 16.87 -25.81
CA LEU C 436 32.22 16.46 -27.05
C LEU C 436 31.26 15.68 -27.94
N ILE C 437 30.63 16.37 -28.91
CA ILE C 437 29.77 15.71 -29.88
C ILE C 437 30.65 14.95 -30.88
N ILE C 438 30.97 13.70 -30.54
CA ILE C 438 31.84 12.83 -31.37
C ILE C 438 31.17 12.29 -32.64
N TYR C 439 29.85 12.41 -32.74
CA TYR C 439 29.12 12.02 -33.94
C TYR C 439 27.80 12.76 -34.03
N GLU C 440 27.36 13.06 -35.26
CA GLU C 440 26.08 13.72 -35.53
C GLU C 440 25.58 13.30 -36.91
N GLU C 441 24.26 13.24 -37.09
CA GLU C 441 23.66 12.83 -38.35
C GLU C 441 22.22 13.31 -38.47
N THR C 442 21.78 13.59 -39.70
CA THR C 442 20.40 14.03 -39.95
C THR C 442 19.75 13.16 -41.01
N THR C 443 18.44 13.34 -41.19
CA THR C 443 17.67 12.55 -42.14
C THR C 443 16.34 13.23 -42.44
N ASP C 444 15.91 13.18 -43.70
CA ASP C 444 14.58 13.66 -44.11
C ASP C 444 13.45 12.77 -43.57
N ILE C 445 13.75 11.51 -43.21
CA ILE C 445 12.73 10.53 -42.79
C ILE C 445 12.60 10.48 -41.25
N TRP C 446 13.43 9.69 -40.58
CA TRP C 446 13.50 9.67 -39.10
C TRP C 446 14.65 8.81 -38.64
N ILE C 447 15.11 9.05 -37.41
CA ILE C 447 16.13 8.24 -36.77
C ILE C 447 15.47 7.08 -36.04
N ASN C 448 15.90 5.85 -36.34
CA ASN C 448 15.53 4.67 -35.59
C ASN C 448 16.62 4.37 -34.57
N ILE C 449 16.28 4.47 -33.28
CA ILE C 449 17.24 4.21 -32.21
C ILE C 449 17.49 2.70 -32.08
N HIS C 450 18.73 2.35 -31.77
CA HIS C 450 19.16 0.97 -31.63
C HIS C 450 20.21 0.83 -30.52
N ASP C 451 20.52 -0.41 -30.18
CA ASP C 451 21.38 -0.75 -29.03
C ASP C 451 22.87 -0.95 -29.38
N ILE C 452 23.21 -0.85 -30.67
CA ILE C 452 24.60 -0.96 -31.12
C ILE C 452 25.37 0.34 -30.88
N PHE C 453 26.43 0.25 -30.07
CA PHE C 453 27.42 1.31 -29.91
C PHE C 453 28.61 0.73 -29.14
N HIS C 454 29.74 0.53 -29.83
CA HIS C 454 30.93 -0.10 -29.24
C HIS C 454 32.12 0.85 -29.24
N VAL C 455 32.59 1.23 -28.05
CA VAL C 455 33.76 2.08 -27.89
C VAL C 455 34.99 1.21 -27.68
N PHE C 456 36.06 1.48 -28.43
CA PHE C 456 37.32 0.75 -28.30
C PHE C 456 38.15 1.35 -27.16
N PRO C 457 39.11 0.56 -26.59
CA PRO C 457 40.01 1.13 -25.59
C PRO C 457 40.80 2.32 -26.16
N GLN C 458 40.88 3.40 -25.40
CA GLN C 458 41.42 4.66 -25.89
C GLN C 458 42.96 4.59 -25.95
N SER C 459 43.50 4.56 -27.17
CA SER C 459 44.95 4.39 -27.39
C SER C 459 45.72 5.71 -27.31
N HIS C 460 45.17 6.77 -27.92
CA HIS C 460 45.72 8.12 -27.78
C HIS C 460 44.70 9.06 -27.11
N GLU C 461 45.22 9.98 -26.30
CA GLU C 461 44.40 10.83 -25.42
C GLU C 461 43.46 11.80 -26.16
N GLU C 462 43.86 12.27 -27.34
CA GLU C 462 43.07 13.23 -28.12
C GLU C 462 42.22 12.58 -29.23
N GLU C 463 42.01 11.27 -29.17
CA GLU C 463 41.18 10.57 -30.16
C GLU C 463 40.32 9.48 -29.50
N ILE C 464 39.09 9.30 -30.00
CA ILE C 464 38.23 8.17 -29.62
C ILE C 464 37.76 7.41 -30.87
N GLU C 465 37.73 6.08 -30.74
CA GLU C 465 37.55 5.15 -31.85
C GLU C 465 36.35 4.25 -31.52
N PHE C 466 35.34 4.21 -32.39
CA PHE C 466 34.10 3.45 -32.10
C PHE C 466 33.35 2.91 -33.31
N ILE C 467 32.58 1.83 -33.10
CA ILE C 467 31.66 1.29 -34.09
C ILE C 467 30.23 1.74 -33.75
N PHE C 468 29.52 2.22 -34.76
CA PHE C 468 28.12 2.65 -34.64
C PHE C 468 27.39 2.19 -35.91
N ALA C 469 26.06 2.14 -35.84
CA ALA C 469 25.22 1.76 -36.98
C ALA C 469 24.33 2.92 -37.37
N SER C 470 24.02 3.03 -38.67
CA SER C 470 23.20 4.14 -39.16
C SER C 470 22.52 3.86 -40.50
N GLU C 471 21.26 4.31 -40.60
CA GLU C 471 20.49 4.32 -41.85
C GLU C 471 20.65 5.62 -42.63
N CYS C 472 21.38 6.61 -42.08
CA CYS C 472 21.40 7.97 -42.63
C CYS C 472 22.19 8.14 -43.93
N LYS C 473 23.23 7.34 -44.12
CA LYS C 473 24.05 7.40 -45.34
C LYS C 473 23.26 6.83 -46.53
N THR C 474 23.03 5.52 -46.52
CA THR C 474 22.50 4.79 -47.69
C THR C 474 20.99 4.52 -47.68
N GLY C 475 20.37 4.53 -46.50
CA GLY C 475 18.96 4.16 -46.35
C GLY C 475 18.74 2.72 -45.88
N PHE C 476 19.83 2.03 -45.57
CA PHE C 476 19.82 0.74 -44.87
C PHE C 476 20.82 0.83 -43.72
N ARG C 477 20.54 0.09 -42.64
CA ARG C 477 21.36 0.15 -41.43
C ARG C 477 22.66 -0.62 -41.66
N HIS C 478 23.79 0.07 -41.54
CA HIS C 478 25.11 -0.55 -41.69
C HIS C 478 26.09 -0.10 -40.63
N LEU C 479 27.13 -0.90 -40.42
CA LEU C 479 28.11 -0.64 -39.37
C LEU C 479 29.21 0.24 -39.91
N TYR C 480 29.66 1.22 -39.11
CA TYR C 480 30.70 2.17 -39.51
C TYR C 480 31.72 2.34 -38.39
N LYS C 481 33.00 2.09 -38.69
CA LYS C 481 34.10 2.36 -37.75
C LYS C 481 34.51 3.82 -37.86
N ILE C 482 34.27 4.57 -36.79
CA ILE C 482 34.47 6.02 -36.78
C ILE C 482 35.52 6.39 -35.74
N THR C 483 36.44 7.27 -36.12
CA THR C 483 37.44 7.85 -35.21
C THR C 483 37.23 9.36 -35.21
N SER C 484 37.03 9.93 -34.03
CA SER C 484 36.78 11.37 -33.86
C SER C 484 37.86 12.02 -32.99
N ILE C 485 38.15 13.29 -33.30
CA ILE C 485 39.22 14.04 -32.64
C ILE C 485 38.63 14.86 -31.49
N LEU C 486 39.20 14.71 -30.30
CA LEU C 486 38.74 15.43 -29.11
C LEU C 486 39.42 16.80 -29.01
N LYS C 487 38.83 17.77 -29.70
CA LYS C 487 39.34 19.15 -29.71
C LYS C 487 39.04 19.86 -28.40
N GLU C 488 39.99 20.67 -27.95
CA GLU C 488 39.71 21.72 -26.98
C GLU C 488 38.77 22.68 -27.69
N SER C 489 37.65 23.01 -27.05
CA SER C 489 36.57 23.77 -27.73
C SER C 489 36.92 25.24 -27.91
N LYS C 490 36.38 25.81 -28.99
CA LYS C 490 36.48 27.25 -29.26
C LYS C 490 35.74 28.06 -28.21
N TYR C 491 34.56 27.57 -27.80
CA TYR C 491 33.76 28.20 -26.77
C TYR C 491 34.45 28.16 -25.40
N LYS C 492 34.44 29.30 -24.70
CA LYS C 492 35.05 29.42 -23.38
C LYS C 492 34.04 30.01 -22.40
N ARG C 493 33.97 29.40 -21.22
CA ARG C 493 32.95 29.71 -20.22
C ARG C 493 33.27 30.98 -19.41
N SER C 494 34.54 31.37 -19.37
CA SER C 494 34.99 32.61 -18.73
C SER C 494 34.34 33.85 -19.34
N SER C 495 34.26 33.89 -20.67
CA SER C 495 33.70 35.04 -21.41
C SER C 495 32.25 35.39 -21.04
N GLY C 496 31.48 34.40 -20.57
CA GLY C 496 30.11 34.63 -20.10
C GLY C 496 29.10 34.79 -21.22
N GLY C 497 29.18 33.91 -22.22
CA GLY C 497 28.21 33.86 -23.32
C GLY C 497 27.61 32.48 -23.44
N LEU C 498 26.54 32.36 -24.21
CA LEU C 498 25.93 31.06 -24.53
C LEU C 498 26.57 30.50 -25.81
N PRO C 499 26.89 29.19 -25.83
CA PRO C 499 27.59 28.59 -26.97
C PRO C 499 26.74 28.49 -28.23
N ALA C 500 27.39 28.51 -29.40
CA ALA C 500 26.73 28.35 -30.69
C ALA C 500 26.44 26.86 -30.96
N PRO C 501 25.50 26.57 -31.88
CA PRO C 501 25.11 25.17 -32.18
C PRO C 501 26.26 24.18 -32.44
N SER C 502 27.29 24.62 -33.17
CA SER C 502 28.38 23.74 -33.61
C SER C 502 29.67 23.85 -32.79
N ASP C 503 29.64 24.57 -31.66
CA ASP C 503 30.86 24.77 -30.85
C ASP C 503 31.36 23.51 -30.16
N PHE C 504 30.45 22.60 -29.82
CA PHE C 504 30.83 21.34 -29.17
C PHE C 504 31.15 20.20 -30.14
N LYS C 505 30.92 20.40 -31.44
CA LYS C 505 31.12 19.33 -32.43
C LYS C 505 32.60 19.01 -32.66
N CYS C 506 32.87 17.73 -32.90
CA CYS C 506 34.23 17.22 -33.10
C CYS C 506 34.46 16.95 -34.59
N PRO C 507 35.73 17.06 -35.06
CA PRO C 507 36.02 16.63 -36.43
C PRO C 507 36.11 15.11 -36.55
N ILE C 508 35.60 14.57 -37.66
CA ILE C 508 35.66 13.14 -37.96
C ILE C 508 36.98 12.85 -38.68
N LYS C 509 37.90 12.15 -38.00
CA LYS C 509 39.20 11.80 -38.59
C LYS C 509 39.08 10.68 -39.63
N GLU C 510 38.22 9.70 -39.34
CA GLU C 510 38.09 8.49 -40.15
C GLU C 510 36.63 8.02 -40.13
N GLU C 511 36.15 7.47 -41.24
CA GLU C 511 34.80 6.91 -41.32
C GLU C 511 34.71 5.82 -42.39
N ILE C 512 35.09 4.61 -42.00
CA ILE C 512 35.06 3.44 -42.87
C ILE C 512 33.73 2.70 -42.70
N ALA C 513 33.05 2.41 -43.81
CA ALA C 513 31.85 1.57 -43.80
C ALA C 513 32.26 0.10 -43.73
N ILE C 514 31.81 -0.58 -42.68
CA ILE C 514 32.14 -2.00 -42.45
C ILE C 514 31.25 -2.92 -43.29
N THR C 515 29.97 -2.53 -43.44
CA THR C 515 29.04 -3.26 -44.30
C THR C 515 28.33 -2.29 -45.25
N SER C 516 27.75 -2.86 -46.32
CA SER C 516 26.98 -2.09 -47.30
C SER C 516 26.07 -3.01 -48.11
N GLY C 517 25.03 -2.45 -48.71
CA GLY C 517 24.11 -3.21 -49.58
C GLY C 517 22.65 -2.85 -49.44
N GLU C 518 21.79 -3.59 -50.15
CA GLU C 518 20.34 -3.43 -50.05
C GLU C 518 19.78 -4.40 -48.99
N TRP C 519 20.28 -4.25 -47.77
CA TRP C 519 19.90 -5.08 -46.63
C TRP C 519 20.41 -4.40 -45.36
N GLU C 520 19.74 -4.64 -44.23
CA GLU C 520 20.07 -3.96 -42.97
C GLU C 520 20.74 -4.85 -41.93
N VAL C 521 21.59 -4.24 -41.11
CA VAL C 521 22.09 -4.83 -39.87
C VAL C 521 20.99 -4.61 -38.82
N LEU C 522 20.82 -5.60 -37.95
CA LEU C 522 19.80 -5.55 -36.91
C LEU C 522 20.42 -5.13 -35.58
N GLY C 523 19.77 -4.18 -34.91
CA GLY C 523 20.24 -3.63 -33.64
C GLY C 523 19.18 -3.38 -32.58
N ARG C 524 18.05 -4.09 -32.68
CA ARG C 524 16.96 -3.92 -31.72
C ARG C 524 16.33 -5.28 -31.36
N HIS C 525 15.64 -5.32 -30.22
CA HIS C 525 14.90 -6.51 -29.73
C HIS C 525 15.84 -7.67 -29.39
N GLY C 526 17.00 -7.34 -28.83
CA GLY C 526 18.01 -8.34 -28.47
C GLY C 526 19.17 -8.44 -29.44
N SER C 527 18.92 -8.14 -30.72
CA SER C 527 19.97 -8.14 -31.73
C SER C 527 21.02 -7.06 -31.44
N ASN C 528 22.30 -7.46 -31.43
CA ASN C 528 23.40 -6.53 -31.24
C ASN C 528 24.66 -7.05 -31.97
N ILE C 529 25.80 -6.42 -31.72
CA ILE C 529 27.08 -6.85 -32.25
C ILE C 529 27.96 -7.40 -31.14
N GLN C 530 28.93 -8.24 -31.52
CA GLN C 530 29.97 -8.70 -30.61
C GLN C 530 31.31 -8.47 -31.31
N VAL C 531 32.17 -7.68 -30.67
CA VAL C 531 33.45 -7.28 -31.27
C VAL C 531 34.59 -8.13 -30.73
N ASP C 532 35.27 -8.84 -31.62
CA ASP C 532 36.49 -9.59 -31.29
C ASP C 532 37.66 -8.64 -31.52
N GLU C 533 38.17 -8.06 -30.44
CA GLU C 533 39.30 -7.13 -30.53
C GLU C 533 40.66 -7.82 -30.80
N VAL C 534 40.75 -9.12 -30.52
CA VAL C 534 41.99 -9.88 -30.76
C VAL C 534 42.18 -10.13 -32.27
N ARG C 535 41.19 -10.75 -32.89
CA ARG C 535 41.19 -11.00 -34.34
C ARG C 535 40.64 -9.82 -35.18
N ARG C 536 40.17 -8.76 -34.51
CA ARG C 536 39.69 -7.53 -35.16
C ARG C 536 38.52 -7.82 -36.13
N LEU C 537 37.52 -8.52 -35.59
CA LEU C 537 36.31 -8.91 -36.31
C LEU C 537 35.09 -8.31 -35.61
N VAL C 538 33.94 -8.38 -36.28
CA VAL C 538 32.67 -7.99 -35.67
C VAL C 538 31.55 -8.91 -36.14
N TYR C 539 30.90 -9.59 -35.18
CA TYR C 539 29.75 -10.45 -35.46
C TYR C 539 28.48 -9.61 -35.39
N PHE C 540 27.51 -9.88 -36.28
CA PHE C 540 26.25 -9.14 -36.32
C PHE C 540 25.14 -9.91 -37.02
N GLU C 541 23.89 -9.57 -36.70
CA GLU C 541 22.72 -10.13 -37.39
C GLU C 541 22.27 -9.18 -38.52
N GLY C 542 21.78 -9.75 -39.61
CA GLY C 542 21.35 -8.96 -40.78
C GLY C 542 20.37 -9.64 -41.71
N THR C 543 19.93 -8.91 -42.74
CA THR C 543 18.93 -9.39 -43.72
C THR C 543 19.53 -9.65 -45.13
N LYS C 544 20.83 -9.91 -45.21
CA LYS C 544 21.56 -9.97 -46.48
C LYS C 544 21.06 -11.07 -47.41
N ASP C 545 20.90 -12.28 -46.88
CA ASP C 545 20.43 -13.41 -47.67
C ASP C 545 18.94 -13.32 -47.99
N SER C 546 18.15 -12.76 -47.07
CA SER C 546 16.72 -12.55 -47.31
C SER C 546 16.11 -11.57 -46.29
N PRO C 547 15.12 -10.77 -46.71
CA PRO C 547 14.33 -10.00 -45.74
C PRO C 547 13.37 -10.88 -44.89
N LEU C 548 13.17 -12.14 -45.30
CA LEU C 548 12.35 -13.10 -44.57
C LEU C 548 13.12 -13.90 -43.51
N GLU C 549 14.44 -13.73 -43.41
CA GLU C 549 15.26 -14.49 -42.48
C GLU C 549 16.35 -13.61 -41.86
N HIS C 550 16.50 -13.73 -40.54
CA HIS C 550 17.61 -13.10 -39.82
C HIS C 550 18.75 -14.11 -39.82
N HIS C 551 19.98 -13.66 -40.06
CA HIS C 551 21.14 -14.54 -40.06
C HIS C 551 22.32 -13.90 -39.34
N LEU C 552 23.17 -14.74 -38.76
CA LEU C 552 24.41 -14.32 -38.12
C LEU C 552 25.51 -14.21 -39.18
N TYR C 553 26.22 -13.09 -39.17
CA TYR C 553 27.34 -12.85 -40.09
C TYR C 553 28.58 -12.45 -39.30
N VAL C 554 29.72 -12.46 -39.98
CA VAL C 554 30.98 -11.96 -39.40
C VAL C 554 31.78 -11.22 -40.50
N VAL C 555 32.59 -10.25 -40.07
CA VAL C 555 33.37 -9.42 -40.99
C VAL C 555 34.46 -8.69 -40.21
N SER C 556 35.55 -8.36 -40.90
CA SER C 556 36.64 -7.58 -40.30
C SER C 556 36.27 -6.10 -40.30
N TYR C 557 36.64 -5.38 -39.23
CA TYR C 557 36.48 -3.93 -39.17
C TYR C 557 37.74 -3.13 -39.57
N VAL C 558 38.87 -3.83 -39.76
CA VAL C 558 40.12 -3.19 -40.23
C VAL C 558 40.09 -3.05 -41.75
N ASN C 559 40.06 -4.18 -42.45
CA ASN C 559 39.99 -4.22 -43.91
C ASN C 559 38.69 -4.92 -44.31
N PRO C 560 37.56 -4.20 -44.24
CA PRO C 560 36.25 -4.82 -44.45
C PRO C 560 36.00 -5.23 -45.91
N GLY C 561 35.78 -6.53 -46.13
CA GLY C 561 35.49 -7.07 -47.46
C GLY C 561 34.37 -8.08 -47.43
N GLU C 562 34.74 -9.35 -47.37
CA GLU C 562 33.77 -10.45 -47.45
C GLU C 562 32.97 -10.57 -46.13
N VAL C 563 31.66 -10.72 -46.27
CA VAL C 563 30.75 -10.90 -45.16
C VAL C 563 30.32 -12.38 -45.11
N THR C 564 30.91 -13.12 -44.18
CA THR C 564 30.70 -14.57 -44.06
C THR C 564 29.44 -14.91 -43.23
N ARG C 565 28.45 -15.56 -43.87
CA ARG C 565 27.25 -16.05 -43.18
C ARG C 565 27.57 -17.30 -42.37
N LEU C 566 27.21 -17.27 -41.08
CA LEU C 566 27.48 -18.37 -40.15
C LEU C 566 26.28 -19.28 -39.86
N THR C 567 25.06 -18.76 -40.03
CA THR C 567 23.85 -19.55 -39.82
C THR C 567 23.36 -20.21 -41.12
N ASP C 568 22.70 -21.36 -40.99
CA ASP C 568 22.24 -22.12 -42.15
C ASP C 568 20.96 -21.51 -42.74
N ARG C 569 20.84 -21.54 -44.05
CA ARG C 569 19.65 -21.04 -44.75
C ARG C 569 18.45 -21.96 -44.56
N GLY C 570 17.26 -21.38 -44.76
CA GLY C 570 15.99 -22.09 -44.53
C GLY C 570 15.40 -21.89 -43.15
N TYR C 571 16.09 -21.14 -42.28
CA TYR C 571 15.58 -20.75 -40.97
C TYR C 571 15.88 -19.27 -40.70
N SER C 572 15.06 -18.65 -39.85
CA SER C 572 15.34 -17.33 -39.30
C SER C 572 15.95 -17.52 -37.92
N HIS C 573 17.05 -16.84 -37.65
CA HIS C 573 17.87 -17.07 -36.45
C HIS C 573 17.90 -15.86 -35.54
N SER C 574 18.01 -16.13 -34.23
CA SER C 574 18.24 -15.11 -33.23
C SER C 574 19.43 -15.56 -32.39
N CYS C 575 20.54 -14.83 -32.49
CA CYS C 575 21.83 -15.36 -32.04
C CYS C 575 22.46 -14.59 -30.88
N CYS C 576 23.20 -15.33 -30.07
CA CYS C 576 24.01 -14.78 -28.98
C CYS C 576 25.43 -15.32 -29.14
N ILE C 577 26.41 -14.43 -29.15
CA ILE C 577 27.82 -14.81 -29.32
C ILE C 577 28.50 -14.72 -27.96
N SER C 578 29.37 -15.70 -27.67
CA SER C 578 30.18 -15.68 -26.44
C SER C 578 31.06 -14.44 -26.39
N GLN C 579 31.35 -13.98 -25.17
CA GLN C 579 32.33 -12.91 -24.96
C GLN C 579 33.74 -13.29 -25.44
N HIS C 580 34.06 -14.58 -25.39
CA HIS C 580 35.35 -15.11 -25.86
C HIS C 580 35.39 -15.38 -27.37
N CYS C 581 34.25 -15.21 -28.06
CA CYS C 581 34.15 -15.26 -29.53
C CYS C 581 34.50 -16.61 -30.18
N ASP C 582 34.46 -17.69 -29.40
CA ASP C 582 34.76 -19.04 -29.89
C ASP C 582 33.51 -19.92 -29.95
N PHE C 583 32.36 -19.36 -29.57
CA PHE C 583 31.08 -20.08 -29.61
C PHE C 583 29.96 -19.10 -29.96
N PHE C 584 28.84 -19.65 -30.45
CA PHE C 584 27.60 -18.88 -30.52
C PHE C 584 26.38 -19.80 -30.41
N ILE C 585 25.27 -19.22 -29.93
CA ILE C 585 24.02 -19.94 -29.76
C ILE C 585 23.00 -19.29 -30.69
N SER C 586 22.14 -20.11 -31.28
CA SER C 586 21.07 -19.62 -32.15
C SER C 586 19.73 -20.21 -31.74
N LYS C 587 18.75 -19.34 -31.52
CA LYS C 587 17.35 -19.74 -31.39
C LYS C 587 16.73 -19.56 -32.77
N TYR C 588 16.32 -20.67 -33.39
CA TYR C 588 15.92 -20.65 -34.80
C TYR C 588 14.65 -21.44 -35.09
N SER C 589 13.92 -21.00 -36.11
CA SER C 589 12.71 -21.67 -36.55
C SER C 589 12.48 -21.41 -38.03
N ASN C 590 11.43 -22.02 -38.56
CA ASN C 590 10.89 -21.62 -39.86
C ASN C 590 9.39 -21.91 -39.88
N GLN C 591 8.75 -21.61 -41.01
CA GLN C 591 7.30 -21.73 -41.12
C GLN C 591 6.74 -23.13 -40.76
N LYS C 592 7.54 -24.18 -40.96
CA LYS C 592 7.11 -25.58 -40.72
C LYS C 592 7.55 -26.16 -39.38
N ASN C 593 8.70 -25.71 -38.85
CA ASN C 593 9.29 -26.27 -37.62
C ASN C 593 9.30 -25.26 -36.46
N PRO C 594 8.78 -25.65 -35.28
CA PRO C 594 8.91 -24.83 -34.06
C PRO C 594 10.33 -24.48 -33.64
N HIS C 595 10.44 -23.63 -32.63
CA HIS C 595 11.71 -23.05 -32.21
C HIS C 595 12.68 -24.10 -31.65
N CYS C 596 13.95 -23.98 -32.05
CA CYS C 596 15.04 -24.81 -31.53
C CYS C 596 16.10 -23.88 -30.95
N VAL C 597 16.93 -24.40 -30.05
CA VAL C 597 18.11 -23.69 -29.56
C VAL C 597 19.30 -24.65 -29.63
N SER C 598 20.34 -24.27 -30.37
CA SER C 598 21.53 -25.10 -30.59
C SER C 598 22.82 -24.30 -30.46
N LEU C 599 23.86 -24.97 -29.98
CA LEU C 599 25.19 -24.37 -29.76
C LEU C 599 26.11 -24.70 -30.93
N TYR C 600 26.93 -23.74 -31.33
CA TYR C 600 27.88 -23.91 -32.43
C TYR C 600 29.26 -23.37 -32.04
N LYS C 601 30.28 -24.21 -32.23
CA LYS C 601 31.67 -23.80 -31.97
C LYS C 601 32.21 -23.06 -33.19
N LEU C 602 32.92 -21.96 -32.95
CA LEU C 602 33.58 -21.17 -33.99
C LEU C 602 35.09 -21.45 -33.97
N SER C 603 35.63 -21.81 -35.12
CA SER C 603 37.08 -22.01 -35.27
C SER C 603 37.61 -21.32 -36.54
N SER C 604 38.94 -21.25 -36.60
CA SER C 604 39.65 -20.62 -37.72
C SER C 604 40.70 -21.57 -38.26
N PRO C 605 40.93 -21.54 -39.59
CA PRO C 605 42.17 -22.10 -40.13
C PRO C 605 43.39 -21.37 -39.57
N GLU C 606 44.47 -22.10 -39.28
CA GLU C 606 45.64 -21.54 -38.62
C GLU C 606 46.32 -20.43 -39.46
N ASP C 607 46.30 -20.59 -40.77
CA ASP C 607 46.86 -19.61 -41.71
C ASP C 607 46.13 -18.26 -41.78
N ASP C 608 44.84 -18.25 -41.43
CA ASP C 608 43.98 -17.06 -41.61
C ASP C 608 42.91 -16.96 -40.49
N PRO C 609 43.20 -16.17 -39.44
CA PRO C 609 42.19 -15.92 -38.38
C PRO C 609 40.96 -15.09 -38.80
N THR C 610 41.03 -14.39 -39.93
CA THR C 610 39.88 -13.68 -40.52
C THR C 610 38.77 -14.63 -40.97
N CYS C 611 39.16 -15.75 -41.59
CA CYS C 611 38.20 -16.75 -42.09
C CYS C 611 37.61 -17.51 -40.90
N LYS C 612 36.28 -17.57 -40.86
CA LYS C 612 35.54 -18.15 -39.75
C LYS C 612 34.61 -19.27 -40.22
N THR C 613 34.86 -20.48 -39.72
CA THR C 613 33.97 -21.63 -39.90
C THR C 613 33.24 -21.92 -38.59
N LYS C 614 32.12 -22.63 -38.70
CA LYS C 614 31.38 -23.09 -37.53
C LYS C 614 31.09 -24.58 -37.61
N GLU C 615 30.87 -25.18 -36.45
CA GLU C 615 30.55 -26.59 -36.33
C GLU C 615 29.50 -26.76 -35.25
N PHE C 616 28.43 -27.50 -35.56
CA PHE C 616 27.42 -27.86 -34.56
C PHE C 616 28.11 -28.54 -33.38
N TRP C 617 27.82 -28.07 -32.17
CA TRP C 617 28.40 -28.63 -30.95
C TRP C 617 27.38 -29.42 -30.14
N ALA C 618 26.24 -28.82 -29.83
CA ALA C 618 25.22 -29.46 -28.99
C ALA C 618 23.85 -28.79 -29.09
N THR C 619 22.83 -29.55 -28.68
CA THR C 619 21.45 -29.05 -28.58
C THR C 619 21.17 -28.57 -27.15
N ILE C 620 20.51 -27.41 -27.06
CA ILE C 620 20.10 -26.84 -25.78
C ILE C 620 18.59 -27.04 -25.60
N LEU C 621 17.81 -26.70 -26.63
CA LEU C 621 16.39 -27.01 -26.69
C LEU C 621 16.05 -27.71 -28.00
N ASP C 622 15.60 -28.94 -27.90
CA ASP C 622 15.14 -29.71 -29.06
C ASP C 622 13.70 -29.29 -29.37
N SER C 623 13.37 -29.25 -30.66
CA SER C 623 12.01 -28.89 -31.10
C SER C 623 11.02 -30.00 -30.79
N ALA C 624 9.79 -29.61 -30.43
CA ALA C 624 8.68 -30.55 -30.24
C ALA C 624 8.39 -31.33 -31.53
N GLY C 625 8.64 -30.71 -32.68
CA GLY C 625 8.49 -31.31 -34.00
C GLY C 625 7.33 -30.65 -34.71
N PRO C 626 7.12 -30.97 -36.00
CA PRO C 626 5.93 -30.47 -36.69
C PRO C 626 4.65 -31.06 -36.08
N LEU C 627 4.12 -30.37 -35.07
CA LEU C 627 2.83 -30.67 -34.42
C LEU C 627 1.68 -31.02 -35.39
N PRO C 628 0.72 -31.87 -34.94
CA PRO C 628 -0.26 -32.46 -35.86
C PRO C 628 -1.39 -31.53 -36.33
N ASP C 629 -1.90 -30.69 -35.43
CA ASP C 629 -3.10 -29.89 -35.69
C ASP C 629 -2.84 -28.69 -36.61
N TYR C 630 -1.72 -28.00 -36.37
CA TYR C 630 -1.38 -26.76 -37.07
C TYR C 630 -0.81 -27.00 -38.48
N THR C 631 -1.55 -26.53 -39.48
CA THR C 631 -1.10 -26.46 -40.87
C THR C 631 -0.57 -25.03 -41.14
N PRO C 632 0.73 -24.88 -41.45
CA PRO C 632 1.28 -23.54 -41.65
C PRO C 632 0.90 -22.90 -43.00
N PRO C 633 1.10 -21.57 -43.14
CA PRO C 633 0.76 -20.87 -44.37
C PRO C 633 1.89 -20.91 -45.42
N GLU C 634 1.58 -20.47 -46.63
CA GLU C 634 2.58 -20.30 -47.69
C GLU C 634 2.99 -18.85 -47.81
N ILE C 635 4.28 -18.58 -47.80
CA ILE C 635 4.78 -17.25 -48.09
C ILE C 635 4.66 -17.01 -49.58
N PHE C 636 3.89 -15.98 -49.96
CA PHE C 636 3.82 -15.51 -51.34
C PHE C 636 4.46 -14.13 -51.44
N SER C 637 4.60 -13.65 -52.66
CA SER C 637 5.07 -12.29 -52.93
C SER C 637 4.57 -11.82 -54.29
N PHE C 638 4.52 -10.50 -54.45
CA PHE C 638 4.07 -9.89 -55.70
C PHE C 638 4.77 -8.56 -55.94
N GLU C 639 5.07 -8.27 -57.21
CA GLU C 639 5.67 -7.00 -57.59
C GLU C 639 4.56 -5.96 -57.64
N SER C 640 4.66 -4.95 -56.78
CA SER C 640 3.63 -3.93 -56.63
C SER C 640 3.83 -2.82 -57.64
N THR C 641 2.74 -2.10 -57.93
CA THR C 641 2.79 -0.91 -58.79
C THR C 641 3.59 0.24 -58.18
N THR C 642 3.87 0.18 -56.87
CA THR C 642 4.72 1.15 -56.18
C THR C 642 6.22 0.92 -56.38
N GLY C 643 6.60 -0.19 -57.03
CA GLY C 643 8.01 -0.51 -57.31
C GLY C 643 8.71 -1.22 -56.16
N PHE C 644 7.96 -2.05 -55.43
CA PHE C 644 8.49 -2.84 -54.32
C PHE C 644 7.93 -4.24 -54.41
N THR C 645 8.76 -5.23 -54.05
CA THR C 645 8.27 -6.58 -53.77
C THR C 645 7.60 -6.54 -52.41
N LEU C 646 6.34 -6.98 -52.35
CA LEU C 646 5.60 -7.03 -51.09
C LEU C 646 5.31 -8.48 -50.74
N TYR C 647 5.79 -8.91 -49.57
CA TYR C 647 5.63 -10.29 -49.13
C TYR C 647 4.33 -10.46 -48.36
N GLY C 648 3.82 -11.70 -48.35
CA GLY C 648 2.55 -12.03 -47.70
C GLY C 648 2.51 -13.47 -47.24
N MET C 649 1.47 -13.82 -46.48
CA MET C 649 1.22 -15.19 -46.02
C MET C 649 -0.21 -15.57 -46.40
N LEU C 650 -0.38 -16.80 -46.87
CA LEU C 650 -1.68 -17.32 -47.27
C LEU C 650 -1.96 -18.62 -46.53
N TYR C 651 -3.09 -18.66 -45.82
CA TYR C 651 -3.61 -19.89 -45.24
C TYR C 651 -4.77 -20.34 -46.10
N LYS C 652 -4.58 -21.44 -46.83
CA LYS C 652 -5.65 -22.04 -47.61
C LYS C 652 -6.67 -22.67 -46.67
N PRO C 653 -7.95 -22.69 -47.06
CA PRO C 653 -8.94 -23.46 -46.30
C PRO C 653 -8.63 -24.97 -46.30
N HIS C 654 -8.81 -25.60 -45.15
CA HIS C 654 -8.62 -27.04 -44.99
C HIS C 654 -9.77 -27.76 -45.69
N ASP C 655 -9.49 -28.92 -46.27
CA ASP C 655 -10.45 -29.61 -47.17
C ASP C 655 -10.94 -28.65 -48.25
N LEU C 656 -9.99 -28.17 -49.04
CA LEU C 656 -10.27 -27.21 -50.10
C LEU C 656 -11.04 -27.94 -51.21
N GLN C 657 -12.34 -27.66 -51.32
CA GLN C 657 -13.20 -28.28 -52.32
C GLN C 657 -12.90 -27.67 -53.69
N PRO C 658 -12.92 -28.50 -54.77
CA PRO C 658 -12.78 -27.93 -56.12
C PRO C 658 -14.08 -27.26 -56.59
N GLY C 659 -13.94 -26.22 -57.41
CA GLY C 659 -15.09 -25.49 -57.93
C GLY C 659 -15.92 -24.77 -56.89
N LYS C 660 -15.29 -24.33 -55.80
CA LYS C 660 -15.96 -23.57 -54.74
C LYS C 660 -15.12 -22.38 -54.28
N LYS C 661 -15.81 -21.34 -53.83
CA LYS C 661 -15.17 -20.09 -53.36
C LYS C 661 -15.50 -19.85 -51.88
N TYR C 662 -14.48 -19.47 -51.12
CA TYR C 662 -14.55 -19.40 -49.66
C TYR C 662 -14.49 -17.94 -49.16
N PRO C 663 -15.07 -17.65 -47.97
CA PRO C 663 -14.96 -16.32 -47.39
C PRO C 663 -13.53 -16.05 -46.91
N THR C 664 -13.06 -14.82 -47.09
CA THR C 664 -11.68 -14.44 -46.77
C THR C 664 -11.61 -13.55 -45.52
N VAL C 665 -10.54 -13.72 -44.75
CA VAL C 665 -10.25 -12.88 -43.59
C VAL C 665 -8.83 -12.36 -43.72
N LEU C 666 -8.70 -11.04 -43.76
CA LEU C 666 -7.41 -10.38 -43.87
C LEU C 666 -6.97 -9.95 -42.48
N PHE C 667 -6.00 -10.64 -41.89
CA PHE C 667 -5.41 -10.22 -40.62
C PHE C 667 -4.32 -9.19 -40.90
N ILE C 668 -4.31 -8.10 -40.14
CA ILE C 668 -3.43 -6.95 -40.43
C ILE C 668 -2.83 -6.34 -39.18
N TYR C 669 -1.56 -5.93 -39.28
CA TYR C 669 -0.98 -4.93 -38.39
C TYR C 669 -0.62 -3.70 -39.25
N GLY C 670 0.45 -3.79 -40.04
CA GLY C 670 0.74 -2.77 -41.04
C GLY C 670 1.25 -1.41 -40.57
N GLY C 671 1.64 -1.32 -39.31
CA GLY C 671 2.25 -0.11 -38.74
C GLY C 671 3.76 -0.27 -38.72
N PRO C 672 4.48 0.79 -38.31
CA PRO C 672 5.95 0.76 -38.25
C PRO C 672 6.51 -0.14 -37.15
N GLN C 673 7.76 -0.55 -37.34
CA GLN C 673 8.54 -1.35 -36.37
C GLN C 673 8.07 -2.80 -36.18
N VAL C 674 7.29 -3.31 -37.13
CA VAL C 674 6.76 -4.67 -37.09
C VAL C 674 6.74 -5.26 -38.49
N GLN C 675 7.17 -6.52 -38.59
CA GLN C 675 7.04 -7.34 -39.80
C GLN C 675 6.34 -8.62 -39.37
N LEU C 676 5.14 -8.87 -39.92
CA LEU C 676 4.41 -10.11 -39.65
C LEU C 676 4.79 -11.27 -40.60
N VAL C 677 5.31 -10.95 -41.79
CA VAL C 677 5.60 -11.96 -42.82
C VAL C 677 7.09 -12.27 -42.87
N ASN C 678 7.45 -13.47 -42.45
CA ASN C 678 8.83 -13.94 -42.52
C ASN C 678 8.88 -15.46 -42.32
N ASN C 679 10.06 -16.04 -42.48
CA ASN C 679 10.23 -17.47 -42.36
C ASN C 679 10.48 -17.86 -40.91
N ARG C 680 9.44 -17.74 -40.09
CA ARG C 680 9.46 -18.13 -38.68
C ARG C 680 8.22 -18.95 -38.39
N PHE C 681 8.25 -19.67 -37.28
CA PHE C 681 7.10 -20.44 -36.83
C PHE C 681 6.02 -19.50 -36.29
N LYS C 682 4.83 -19.58 -36.89
CA LYS C 682 3.68 -18.76 -36.49
C LYS C 682 2.58 -19.59 -35.80
N GLY C 683 2.88 -20.84 -35.46
CA GLY C 683 1.92 -21.72 -34.81
C GLY C 683 1.78 -21.58 -33.30
N VAL C 684 2.48 -20.62 -32.69
CA VAL C 684 2.27 -20.27 -31.29
C VAL C 684 1.39 -19.02 -31.21
N LYS C 685 1.94 -17.88 -31.64
CA LYS C 685 1.29 -16.59 -31.48
C LYS C 685 0.07 -16.42 -32.39
N TYR C 686 0.18 -16.91 -33.63
CA TYR C 686 -0.91 -16.82 -34.61
C TYR C 686 -1.49 -18.20 -34.91
N PHE C 687 -1.67 -19.00 -33.86
CA PHE C 687 -2.27 -20.34 -33.97
C PHE C 687 -3.73 -20.28 -34.46
N ARG C 688 -4.46 -19.24 -34.08
CA ARG C 688 -5.88 -19.14 -34.41
C ARG C 688 -6.18 -18.73 -35.85
N LEU C 689 -5.17 -18.29 -36.60
CA LEU C 689 -5.31 -18.13 -38.05
C LEU C 689 -5.47 -19.51 -38.71
N ASN C 690 -4.75 -20.50 -38.18
CA ASN C 690 -4.93 -21.90 -38.56
C ASN C 690 -6.34 -22.40 -38.21
N THR C 691 -6.83 -22.06 -37.02
CA THR C 691 -8.22 -22.36 -36.63
C THR C 691 -9.26 -21.72 -37.56
N LEU C 692 -9.00 -20.50 -38.04
CA LEU C 692 -9.86 -19.86 -39.04
C LEU C 692 -9.85 -20.67 -40.34
N ALA C 693 -8.65 -21.07 -40.77
CA ALA C 693 -8.48 -21.91 -41.97
C ALA C 693 -9.21 -23.25 -41.85
N SER C 694 -9.21 -23.84 -40.64
CA SER C 694 -9.92 -25.10 -40.41
C SER C 694 -11.44 -24.96 -40.56
N LEU C 695 -11.98 -23.80 -40.21
CA LEU C 695 -13.43 -23.54 -40.34
C LEU C 695 -13.88 -23.19 -41.76
N GLY C 696 -12.93 -22.98 -42.66
CA GLY C 696 -13.22 -22.68 -44.06
C GLY C 696 -13.11 -21.20 -44.39
N TYR C 697 -12.08 -20.54 -43.87
CA TYR C 697 -11.76 -19.17 -44.22
C TYR C 697 -10.40 -19.14 -44.89
N VAL C 698 -10.26 -18.32 -45.94
CA VAL C 698 -8.94 -18.00 -46.47
C VAL C 698 -8.42 -16.94 -45.52
N VAL C 699 -7.21 -17.13 -45.00
CA VAL C 699 -6.57 -16.11 -44.17
C VAL C 699 -5.42 -15.49 -44.96
N VAL C 700 -5.34 -14.16 -44.94
CA VAL C 700 -4.28 -13.41 -45.65
C VAL C 700 -3.60 -12.42 -44.70
N VAL C 701 -2.28 -12.28 -44.83
CA VAL C 701 -1.49 -11.30 -44.12
C VAL C 701 -0.50 -10.69 -45.10
N ILE C 702 -0.40 -9.37 -45.12
CA ILE C 702 0.42 -8.64 -46.09
C ILE C 702 1.24 -7.57 -45.36
N ASP C 703 2.55 -7.57 -45.57
CA ASP C 703 3.42 -6.52 -45.06
C ASP C 703 3.48 -5.38 -46.07
N ASN C 704 2.57 -4.42 -45.90
CA ASN C 704 2.55 -3.20 -46.69
C ASN C 704 3.77 -2.29 -46.44
N ARG C 705 3.89 -1.26 -47.27
CA ARG C 705 4.90 -0.22 -47.11
C ARG C 705 4.77 0.43 -45.74
N GLY C 706 5.91 0.75 -45.13
CA GLY C 706 5.94 1.25 -43.75
C GLY C 706 6.45 0.23 -42.74
N SER C 707 6.30 -1.06 -43.06
CA SER C 707 6.68 -2.15 -42.18
C SER C 707 8.21 -2.34 -42.09
N CYS C 708 8.60 -3.24 -41.20
CA CYS C 708 9.98 -3.38 -40.74
C CYS C 708 10.87 -4.17 -41.72
N HIS C 709 12.19 -4.02 -41.56
CA HIS C 709 13.21 -4.88 -42.21
C HIS C 709 13.38 -4.76 -43.74
N ARG C 710 12.94 -3.64 -44.31
CA ARG C 710 13.06 -3.41 -45.76
C ARG C 710 13.80 -2.11 -46.10
N GLY C 711 14.47 -1.50 -45.12
CA GLY C 711 15.18 -0.24 -45.31
C GLY C 711 14.34 1.00 -45.07
N LEU C 712 15.04 2.12 -44.87
CA LEU C 712 14.43 3.38 -44.45
C LEU C 712 13.52 4.04 -45.50
N LYS C 713 13.80 3.81 -46.79
CA LYS C 713 12.95 4.33 -47.87
C LYS C 713 11.60 3.61 -47.93
N PHE C 714 11.61 2.29 -47.81
CA PHE C 714 10.39 1.47 -47.72
C PHE C 714 9.58 1.89 -46.51
N GLU C 715 10.26 2.04 -45.38
CA GLU C 715 9.63 2.42 -44.10
C GLU C 715 9.06 3.85 -44.16
N GLY C 716 9.83 4.78 -44.72
CA GLY C 716 9.44 6.18 -44.83
C GLY C 716 8.22 6.51 -45.68
N ALA C 717 7.81 5.57 -46.54
CA ALA C 717 6.69 5.75 -47.46
C ALA C 717 5.46 6.47 -46.88
N PHE C 718 5.08 6.14 -45.63
CA PHE C 718 3.91 6.79 -45.00
C PHE C 718 4.19 8.01 -44.09
N LYS C 719 5.40 8.59 -44.17
CA LYS C 719 5.70 9.79 -43.38
C LYS C 719 4.73 10.94 -43.68
N TYR C 720 4.17 11.52 -42.62
CA TYR C 720 3.10 12.53 -42.67
C TYR C 720 1.75 12.01 -43.21
N LYS C 721 1.67 10.74 -43.59
CA LYS C 721 0.59 10.23 -44.44
C LYS C 721 -0.03 8.94 -43.91
N MET C 722 -0.04 8.75 -42.58
CA MET C 722 -0.54 7.51 -41.98
C MET C 722 -2.03 7.31 -42.27
N GLY C 723 -2.40 6.08 -42.57
CA GLY C 723 -3.78 5.71 -42.94
C GLY C 723 -4.14 5.81 -44.41
N GLN C 724 -3.25 6.38 -45.23
CA GLN C 724 -3.56 6.68 -46.63
C GLN C 724 -3.02 5.64 -47.61
N ILE C 725 -1.76 5.22 -47.42
CA ILE C 725 -1.10 4.28 -48.34
C ILE C 725 -1.23 2.79 -48.00
N GLU C 726 -1.61 2.44 -46.77
CA GLU C 726 -1.48 1.06 -46.30
C GLU C 726 -2.49 0.11 -46.92
N ILE C 727 -3.72 0.57 -47.07
CA ILE C 727 -4.81 -0.28 -47.57
C ILE C 727 -4.73 -0.48 -49.09
N ASP C 728 -4.11 0.46 -49.81
CA ASP C 728 -3.81 0.27 -51.24
C ASP C 728 -3.01 -1.02 -51.45
N ASP C 729 -1.96 -1.19 -50.65
CA ASP C 729 -1.10 -2.39 -50.70
C ASP C 729 -1.84 -3.66 -50.27
N GLN C 730 -2.71 -3.53 -49.27
CA GLN C 730 -3.51 -4.66 -48.79
C GLN C 730 -4.47 -5.17 -49.85
N VAL C 731 -5.14 -4.23 -50.53
CA VAL C 731 -6.08 -4.56 -51.61
C VAL C 731 -5.35 -5.10 -52.85
N GLU C 732 -4.22 -4.48 -53.20
CA GLU C 732 -3.41 -4.93 -54.34
C GLU C 732 -3.00 -6.38 -54.18
N GLY C 733 -2.45 -6.70 -53.01
CA GLY C 733 -2.07 -8.06 -52.66
C GLY C 733 -3.25 -9.01 -52.60
N LEU C 734 -4.38 -8.52 -52.11
CA LEU C 734 -5.61 -9.32 -52.07
C LEU C 734 -6.10 -9.65 -53.49
N GLN C 735 -6.04 -8.66 -54.38
CA GLN C 735 -6.42 -8.85 -55.79
C GLN C 735 -5.43 -9.73 -56.59
N TYR C 736 -4.15 -9.66 -56.23
CA TYR C 736 -3.15 -10.60 -56.77
C TYR C 736 -3.55 -12.06 -56.50
N LEU C 737 -3.92 -12.34 -55.25
CA LEU C 737 -4.34 -13.70 -54.85
C LEU C 737 -5.67 -14.10 -55.50
N ALA C 738 -6.57 -13.12 -55.70
CA ALA C 738 -7.88 -13.38 -56.29
C ALA C 738 -7.82 -13.81 -57.75
N SER C 739 -6.91 -13.24 -58.52
CA SER C 739 -6.70 -13.64 -59.93
C SER C 739 -5.97 -14.99 -60.04
N ARG C 740 -4.97 -15.20 -59.18
CA ARG C 740 -4.17 -16.43 -59.17
C ARG C 740 -4.93 -17.64 -58.62
N TYR C 741 -5.69 -17.43 -57.54
CA TYR C 741 -6.50 -18.48 -56.91
C TYR C 741 -7.98 -18.15 -57.02
N ASP C 742 -8.77 -19.06 -57.60
CA ASP C 742 -10.22 -18.85 -57.77
C ASP C 742 -11.07 -19.14 -56.52
N PHE C 743 -10.48 -19.77 -55.51
CA PHE C 743 -11.19 -20.06 -54.23
C PHE C 743 -11.41 -18.84 -53.31
N ILE C 744 -10.79 -17.71 -53.62
CA ILE C 744 -11.01 -16.45 -52.88
C ILE C 744 -12.28 -15.76 -53.38
N ASP C 745 -13.32 -15.76 -52.56
CA ASP C 745 -14.55 -15.01 -52.82
C ASP C 745 -14.36 -13.55 -52.39
N LEU C 746 -14.16 -12.66 -53.36
CA LEU C 746 -14.01 -11.22 -53.07
C LEU C 746 -15.28 -10.50 -52.59
N ASP C 747 -16.45 -11.12 -52.76
CA ASP C 747 -17.72 -10.58 -52.21
C ASP C 747 -17.89 -10.78 -50.68
N ARG C 748 -17.04 -11.60 -50.06
CA ARG C 748 -17.11 -11.89 -48.62
C ARG C 748 -15.71 -11.83 -47.97
N VAL C 749 -15.10 -10.65 -48.01
CA VAL C 749 -13.80 -10.40 -47.38
C VAL C 749 -13.99 -9.62 -46.09
N GLY C 750 -13.38 -10.11 -45.00
CA GLY C 750 -13.35 -9.41 -43.72
C GLY C 750 -11.94 -9.01 -43.35
N ILE C 751 -11.79 -7.99 -42.50
CA ILE C 751 -10.47 -7.52 -42.04
C ILE C 751 -10.46 -7.43 -40.51
N HIS C 752 -9.30 -7.68 -39.91
CA HIS C 752 -9.17 -7.69 -38.44
C HIS C 752 -7.72 -7.46 -37.99
N GLY C 753 -7.57 -6.68 -36.94
CA GLY C 753 -6.25 -6.35 -36.39
C GLY C 753 -6.35 -5.69 -35.04
N TRP C 754 -5.23 -5.68 -34.31
CA TRP C 754 -5.14 -5.02 -33.02
C TRP C 754 -4.17 -3.84 -33.08
N SER C 755 -4.54 -2.78 -32.35
CA SER C 755 -3.72 -1.59 -32.19
C SER C 755 -3.61 -0.82 -33.53
N TYR C 756 -2.49 -0.89 -34.25
CA TYR C 756 -2.38 -0.26 -35.56
C TYR C 756 -3.21 -1.05 -36.56
N GLY C 757 -3.25 -2.37 -36.36
CA GLY C 757 -4.12 -3.26 -37.11
C GLY C 757 -5.58 -2.90 -37.00
N GLY C 758 -6.02 -2.49 -35.81
CA GLY C 758 -7.40 -2.06 -35.57
C GLY C 758 -7.67 -0.71 -36.22
N TYR C 759 -6.70 0.19 -36.10
CA TYR C 759 -6.68 1.45 -36.84
C TYR C 759 -6.88 1.25 -38.35
N LEU C 760 -6.05 0.41 -38.96
CA LEU C 760 -6.16 0.12 -40.39
C LEU C 760 -7.43 -0.64 -40.75
N SER C 761 -7.92 -1.48 -39.83
CA SER C 761 -9.19 -2.18 -40.04
C SER C 761 -10.35 -1.19 -40.16
N LEU C 762 -10.29 -0.10 -39.40
CA LEU C 762 -11.26 0.99 -39.52
C LEU C 762 -11.07 1.75 -40.82
N MET C 763 -9.82 2.11 -41.13
CA MET C 763 -9.49 2.81 -42.38
C MET C 763 -9.92 2.04 -43.64
N ALA C 764 -9.76 0.71 -43.61
CA ALA C 764 -10.16 -0.14 -44.72
C ALA C 764 -11.67 -0.10 -44.98
N LEU C 765 -12.48 -0.24 -43.93
CA LEU C 765 -13.95 -0.15 -44.05
C LEU C 765 -14.40 1.26 -44.44
N MET C 766 -13.68 2.26 -43.93
CA MET C 766 -13.97 3.67 -44.24
C MET C 766 -13.68 3.97 -45.71
N GLN C 767 -12.51 3.58 -46.17
CA GLN C 767 -12.05 3.88 -47.52
C GLN C 767 -12.59 2.91 -48.58
N ARG C 768 -12.37 1.62 -48.36
CA ARG C 768 -12.69 0.60 -49.35
C ARG C 768 -13.83 -0.33 -48.91
N SER C 769 -15.00 0.27 -48.65
CA SER C 769 -16.21 -0.52 -48.32
C SER C 769 -16.69 -1.42 -49.46
N ASP C 770 -16.30 -1.09 -50.70
CA ASP C 770 -16.49 -1.98 -51.85
C ASP C 770 -15.76 -3.33 -51.72
N ILE C 771 -14.57 -3.31 -51.13
CA ILE C 771 -13.77 -4.53 -50.93
C ILE C 771 -14.15 -5.27 -49.64
N PHE C 772 -14.27 -4.53 -48.53
CA PHE C 772 -14.36 -5.13 -47.19
C PHE C 772 -15.78 -5.15 -46.61
N ARG C 773 -16.31 -6.36 -46.39
CA ARG C 773 -17.65 -6.54 -45.86
C ARG C 773 -17.74 -6.26 -44.36
N VAL C 774 -16.77 -6.75 -43.59
CA VAL C 774 -16.73 -6.55 -42.14
C VAL C 774 -15.36 -6.09 -41.68
N ALA C 775 -15.35 -5.34 -40.57
CA ALA C 775 -14.12 -4.88 -39.95
C ALA C 775 -14.22 -5.07 -38.44
N ILE C 776 -13.33 -5.91 -37.88
CA ILE C 776 -13.22 -6.06 -36.45
C ILE C 776 -11.99 -5.28 -36.00
N ALA C 777 -12.22 -4.10 -35.43
CA ALA C 777 -11.13 -3.22 -34.97
C ALA C 777 -10.87 -3.41 -33.48
N GLY C 778 -9.65 -3.84 -33.16
CA GLY C 778 -9.23 -4.09 -31.77
C GLY C 778 -8.29 -3.02 -31.27
N ALA C 779 -8.68 -2.36 -30.17
CA ALA C 779 -7.88 -1.31 -29.54
C ALA C 779 -7.39 -0.25 -30.54
N PRO C 780 -8.31 0.28 -31.36
CA PRO C 780 -7.91 1.14 -32.47
C PRO C 780 -7.40 2.50 -32.02
N VAL C 781 -6.35 2.98 -32.67
CA VAL C 781 -5.99 4.39 -32.63
C VAL C 781 -6.97 5.10 -33.57
N THR C 782 -7.86 5.90 -33.02
CA THR C 782 -8.84 6.67 -33.80
C THR C 782 -8.57 8.18 -33.91
N LEU C 783 -7.54 8.67 -33.24
CA LEU C 783 -7.31 10.10 -33.13
C LEU C 783 -5.87 10.31 -32.72
N TRP C 784 -5.02 10.73 -33.65
CA TRP C 784 -3.58 10.76 -33.40
C TRP C 784 -3.13 11.80 -32.37
N ILE C 785 -3.94 12.84 -32.14
CA ILE C 785 -3.67 13.79 -31.05
C ILE C 785 -3.73 13.16 -29.65
N PHE C 786 -4.49 12.07 -29.51
CA PHE C 786 -4.61 11.29 -28.27
C PHE C 786 -3.46 10.29 -28.02
N TYR C 787 -2.60 10.05 -29.00
CA TYR C 787 -1.44 9.16 -28.82
C TYR C 787 -0.21 9.97 -28.41
N ASP C 788 0.84 9.29 -27.93
CA ASP C 788 2.00 9.96 -27.31
C ASP C 788 2.98 10.63 -28.28
N THR C 789 3.83 11.49 -27.71
CA THR C 789 4.79 12.30 -28.46
C THR C 789 5.83 11.49 -29.23
N GLY C 790 6.50 10.57 -28.55
CA GLY C 790 7.63 9.81 -29.11
C GLY C 790 7.32 9.07 -30.37
N TYR C 791 6.17 8.41 -30.40
CA TYR C 791 5.72 7.68 -31.58
C TYR C 791 5.18 8.65 -32.64
N THR C 792 4.11 9.38 -32.30
CA THR C 792 3.33 10.13 -33.29
C THR C 792 4.13 11.18 -34.04
N GLU C 793 4.89 12.00 -33.31
CA GLU C 793 5.70 13.06 -33.91
C GLU C 793 6.85 12.56 -34.79
N ARG C 794 7.25 11.30 -34.60
CA ARG C 794 8.28 10.67 -35.44
C ARG C 794 7.77 10.46 -36.87
N TYR C 795 6.59 9.87 -36.98
CA TYR C 795 6.01 9.51 -38.28
C TYR C 795 5.15 10.64 -38.86
N MET C 796 4.48 11.40 -38.01
CA MET C 796 3.55 12.44 -38.46
C MET C 796 4.04 13.89 -38.30
N GLY C 797 5.17 14.10 -37.62
CA GLY C 797 5.59 15.45 -37.23
C GLY C 797 4.64 16.09 -36.23
N HIS C 798 4.89 17.37 -35.94
CA HIS C 798 4.06 18.15 -35.00
C HIS C 798 2.69 18.43 -35.65
N PRO C 799 1.57 18.37 -34.87
CA PRO C 799 0.24 18.67 -35.44
C PRO C 799 0.06 20.06 -36.06
N ASP C 800 0.72 21.07 -35.51
CA ASP C 800 0.73 22.45 -36.04
C ASP C 800 1.30 22.58 -37.46
N GLN C 801 2.19 21.67 -37.85
CA GLN C 801 2.82 21.67 -39.18
C GLN C 801 2.31 20.56 -40.13
N ASN C 802 1.23 19.87 -39.76
CA ASN C 802 0.67 18.79 -40.58
C ASN C 802 -0.80 18.56 -40.25
N GLU C 803 -1.59 19.62 -40.32
CA GLU C 803 -3.03 19.54 -40.02
C GLU C 803 -3.76 18.53 -40.93
N GLN C 804 -3.37 18.45 -42.20
CA GLN C 804 -3.99 17.53 -43.16
C GLN C 804 -3.70 16.06 -42.87
N GLY C 805 -2.44 15.77 -42.54
CA GLY C 805 -2.03 14.41 -42.17
C GLY C 805 -2.81 13.90 -40.96
N TYR C 806 -2.88 14.73 -39.92
CA TYR C 806 -3.60 14.37 -38.71
C TYR C 806 -5.09 14.20 -38.94
N TYR C 807 -5.69 15.06 -39.77
CA TYR C 807 -7.11 14.93 -40.11
C TYR C 807 -7.36 13.64 -40.90
N LEU C 808 -6.64 13.47 -42.01
CA LEU C 808 -6.82 12.30 -42.87
C LEU C 808 -6.42 11.00 -42.18
N GLY C 809 -5.45 11.05 -41.27
CA GLY C 809 -5.04 9.88 -40.49
C GLY C 809 -5.86 9.52 -39.25
N SER C 810 -6.86 10.35 -38.90
CA SER C 810 -7.68 10.13 -37.70
C SER C 810 -9.11 9.75 -38.08
N VAL C 811 -9.49 8.49 -37.82
CA VAL C 811 -10.82 7.99 -38.22
C VAL C 811 -11.97 8.65 -37.45
N ALA C 812 -11.70 9.16 -36.25
CA ALA C 812 -12.72 9.80 -35.43
C ALA C 812 -13.22 11.12 -36.02
N MET C 813 -12.31 11.84 -36.69
CA MET C 813 -12.68 13.05 -37.44
C MET C 813 -13.43 12.77 -38.76
N GLN C 814 -13.41 11.53 -39.24
CA GLN C 814 -14.05 11.14 -40.50
C GLN C 814 -15.16 10.10 -40.31
N ALA C 815 -15.95 10.25 -39.24
CA ALA C 815 -16.97 9.26 -38.90
C ALA C 815 -18.08 9.13 -39.94
N GLU C 816 -18.39 10.23 -40.63
CA GLU C 816 -19.40 10.24 -41.71
C GLU C 816 -19.10 9.29 -42.88
N LYS C 817 -17.82 8.98 -43.13
CA LYS C 817 -17.41 8.08 -44.20
C LYS C 817 -17.64 6.59 -43.91
N PHE C 818 -18.05 6.22 -42.68
CA PHE C 818 -18.34 4.83 -42.35
C PHE C 818 -19.65 4.36 -43.00
N PRO C 819 -19.85 3.03 -43.13
CA PRO C 819 -21.09 2.53 -43.73
C PRO C 819 -22.33 2.81 -42.89
N SER C 820 -23.47 2.94 -43.57
CA SER C 820 -24.76 3.02 -42.91
C SER C 820 -25.44 1.65 -42.80
N GLU C 821 -24.78 0.59 -43.25
CA GLU C 821 -25.27 -0.78 -43.04
C GLU C 821 -24.74 -1.29 -41.70
N PRO C 822 -25.64 -1.86 -40.85
CA PRO C 822 -25.16 -2.45 -39.61
C PRO C 822 -24.49 -3.81 -39.84
N ASN C 823 -23.92 -4.38 -38.77
CA ASN C 823 -23.22 -5.67 -38.81
C ASN C 823 -22.00 -5.71 -39.75
N ARG C 824 -21.36 -4.55 -39.92
CA ARG C 824 -20.09 -4.43 -40.64
C ARG C 824 -18.94 -3.89 -39.79
N LEU C 825 -19.26 -3.28 -38.64
CA LEU C 825 -18.27 -2.64 -37.78
C LEU C 825 -18.34 -3.24 -36.37
N LEU C 826 -17.21 -3.79 -35.91
CA LEU C 826 -17.08 -4.33 -34.57
C LEU C 826 -15.85 -3.72 -33.90
N LEU C 827 -16.07 -2.99 -32.81
CA LEU C 827 -14.99 -2.41 -32.01
C LEU C 827 -14.76 -3.30 -30.78
N LEU C 828 -13.49 -3.58 -30.49
CA LEU C 828 -13.07 -4.31 -29.29
C LEU C 828 -12.02 -3.48 -28.56
N HIS C 829 -12.26 -3.13 -27.30
CA HIS C 829 -11.26 -2.38 -26.54
C HIS C 829 -11.27 -2.74 -25.06
N GLY C 830 -10.08 -2.90 -24.50
CA GLY C 830 -9.89 -2.94 -23.05
C GLY C 830 -10.19 -1.60 -22.40
N PHE C 831 -10.93 -1.65 -21.30
CA PHE C 831 -11.34 -0.46 -20.56
C PHE C 831 -10.17 0.20 -19.83
N LEU C 832 -9.16 -0.59 -19.46
CA LEU C 832 -7.98 -0.09 -18.75
C LEU C 832 -6.69 -0.34 -19.56
N ASP C 833 -6.74 -0.02 -20.85
CA ASP C 833 -5.56 -0.12 -21.73
C ASP C 833 -4.67 1.10 -21.49
N GLU C 834 -3.38 0.86 -21.26
CA GLU C 834 -2.43 1.92 -20.88
C GLU C 834 -1.64 2.52 -22.05
N ASN C 835 -1.70 1.88 -23.23
CA ASN C 835 -0.98 2.35 -24.41
C ASN C 835 -1.93 3.08 -25.38
N VAL C 836 -2.96 2.38 -25.83
CA VAL C 836 -4.02 2.96 -26.67
C VAL C 836 -5.27 3.08 -25.79
N HIS C 837 -5.51 4.27 -25.27
CA HIS C 837 -6.53 4.45 -24.23
C HIS C 837 -7.94 4.24 -24.76
N PHE C 838 -8.84 3.82 -23.88
CA PHE C 838 -10.23 3.63 -24.22
C PHE C 838 -10.85 4.90 -24.81
N ALA C 839 -10.32 6.06 -24.40
CA ALA C 839 -10.66 7.37 -25.00
C ALA C 839 -10.76 7.33 -26.53
N HIS C 840 -9.84 6.63 -27.19
CA HIS C 840 -9.88 6.52 -28.65
C HIS C 840 -11.19 5.93 -29.12
N THR C 841 -11.61 4.84 -28.49
CA THR C 841 -12.86 4.18 -28.88
C THR C 841 -14.06 5.06 -28.53
N SER C 842 -14.11 5.59 -27.31
CA SER C 842 -15.30 6.34 -26.89
C SER C 842 -15.53 7.61 -27.74
N ILE C 843 -14.46 8.32 -28.10
CA ILE C 843 -14.60 9.50 -28.96
C ILE C 843 -15.02 9.14 -30.39
N LEU C 844 -14.57 7.99 -30.89
CA LEU C 844 -15.08 7.44 -32.15
C LEU C 844 -16.57 7.12 -32.05
N LEU C 845 -16.98 6.48 -30.95
CA LEU C 845 -18.40 6.19 -30.71
C LEU C 845 -19.21 7.48 -30.59
N SER C 846 -18.61 8.51 -29.99
CA SER C 846 -19.20 9.84 -29.94
C SER C 846 -19.55 10.37 -31.34
N PHE C 847 -18.59 10.31 -32.26
CA PHE C 847 -18.79 10.83 -33.62
C PHE C 847 -19.60 9.91 -34.54
N LEU C 848 -19.55 8.60 -34.30
CA LEU C 848 -20.42 7.65 -35.02
C LEU C 848 -21.90 7.85 -34.69
N VAL C 849 -22.19 8.14 -33.42
CA VAL C 849 -23.56 8.36 -32.96
C VAL C 849 -24.12 9.66 -33.56
N ARG C 850 -23.33 10.74 -33.48
CA ARG C 850 -23.68 12.01 -34.10
C ARG C 850 -23.84 11.92 -35.63
N ALA C 851 -23.04 11.07 -36.27
CA ALA C 851 -23.16 10.81 -37.71
C ALA C 851 -24.23 9.78 -38.09
N GLY C 852 -25.04 9.31 -37.13
CA GLY C 852 -26.11 8.35 -37.38
C GLY C 852 -25.67 6.98 -37.89
N LYS C 853 -24.47 6.55 -37.51
CA LYS C 853 -23.87 5.31 -38.02
C LYS C 853 -24.00 4.16 -37.02
N PRO C 854 -24.19 2.91 -37.50
CA PRO C 854 -24.26 1.75 -36.62
C PRO C 854 -22.88 1.20 -36.24
N TYR C 855 -22.82 0.53 -35.09
CA TYR C 855 -21.60 -0.15 -34.64
C TYR C 855 -21.96 -1.29 -33.68
N ASP C 856 -21.00 -2.19 -33.49
CA ASP C 856 -21.06 -3.22 -32.44
C ASP C 856 -19.84 -3.03 -31.55
N LEU C 857 -20.02 -3.27 -30.25
CA LEU C 857 -18.97 -3.03 -29.26
C LEU C 857 -18.84 -4.20 -28.29
N GLN C 858 -17.60 -4.54 -27.96
CA GLN C 858 -17.29 -5.47 -26.85
C GLN C 858 -16.21 -4.81 -25.99
N ILE C 859 -16.44 -4.81 -24.68
CA ILE C 859 -15.54 -4.17 -23.73
C ILE C 859 -14.93 -5.24 -22.84
N TYR C 860 -13.72 -4.95 -22.37
CA TYR C 860 -12.91 -5.89 -21.59
C TYR C 860 -12.34 -5.16 -20.36
N PRO C 861 -13.17 -4.97 -19.29
CA PRO C 861 -12.70 -4.23 -18.10
C PRO C 861 -11.72 -5.03 -17.24
N GLN C 862 -10.54 -4.46 -16.97
CA GLN C 862 -9.41 -5.15 -16.33
C GLN C 862 -8.90 -6.31 -17.19
N PRO C 870 -6.78 -13.25 -18.86
CA PRO C 870 -6.84 -14.57 -18.21
C PRO C 870 -7.91 -15.49 -18.81
N GLU C 871 -9.18 -15.13 -18.64
CA GLU C 871 -10.33 -15.93 -19.12
C GLU C 871 -11.15 -15.12 -20.15
N SER C 872 -10.46 -14.25 -20.89
CA SER C 872 -11.10 -13.25 -21.74
C SER C 872 -10.57 -13.19 -23.18
N GLY C 873 -9.31 -13.57 -23.38
CA GLY C 873 -8.83 -13.99 -24.70
C GLY C 873 -9.64 -15.19 -25.21
N GLU C 874 -10.12 -16.01 -24.27
CA GLU C 874 -11.08 -17.07 -24.57
C GLU C 874 -12.41 -16.49 -25.07
N HIS C 875 -12.91 -15.47 -24.37
CA HIS C 875 -14.14 -14.76 -24.77
C HIS C 875 -13.98 -13.94 -26.08
N TYR C 876 -12.80 -13.37 -26.29
CA TYR C 876 -12.51 -12.60 -27.50
C TYR C 876 -12.52 -13.51 -28.74
N GLU C 877 -11.74 -14.59 -28.68
CA GLU C 877 -11.71 -15.61 -29.74
C GLU C 877 -13.10 -16.17 -30.03
N LEU C 878 -13.91 -16.35 -28.98
CA LEU C 878 -15.28 -16.85 -29.12
C LEU C 878 -16.16 -15.87 -29.88
N HIS C 879 -16.12 -14.60 -29.48
CA HIS C 879 -16.94 -13.57 -30.11
C HIS C 879 -16.50 -13.28 -31.54
N LEU C 880 -15.19 -13.25 -31.79
CA LEU C 880 -14.65 -13.02 -33.13
C LEU C 880 -15.08 -14.10 -34.12
N LEU C 881 -14.87 -15.38 -33.76
CA LEU C 881 -15.32 -16.50 -34.59
C LEU C 881 -16.83 -16.47 -34.82
N HIS C 882 -17.56 -16.15 -33.76
CA HIS C 882 -19.01 -16.08 -33.84
C HIS C 882 -19.49 -14.92 -34.73
N TYR C 883 -18.81 -13.77 -34.63
CA TYR C 883 -19.15 -12.59 -35.43
C TYR C 883 -18.90 -12.85 -36.91
N LEU C 884 -17.71 -13.36 -37.23
CA LEU C 884 -17.35 -13.74 -38.60
C LEU C 884 -18.34 -14.75 -39.18
N GLN C 885 -18.65 -15.78 -38.39
CA GLN C 885 -19.68 -16.76 -38.76
C GLN C 885 -21.01 -16.08 -39.10
N GLU C 886 -21.57 -15.34 -38.15
CA GLU C 886 -22.90 -14.73 -38.32
C GLU C 886 -22.98 -13.59 -39.34
N ASN C 887 -21.86 -12.92 -39.63
CA ASN C 887 -21.87 -11.74 -40.52
C ASN C 887 -20.90 -11.79 -41.73
N LEU C 888 -20.26 -12.94 -41.99
CA LEU C 888 -19.36 -13.09 -43.14
C LEU C 888 -19.37 -14.48 -43.77
N GLY C 889 -19.07 -15.50 -42.97
CA GLY C 889 -18.82 -16.85 -43.48
C GLY C 889 -20.03 -17.73 -43.74
N SER C 890 -21.00 -17.72 -42.83
CA SER C 890 -22.09 -18.70 -42.84
C SER C 890 -23.19 -18.38 -43.87
N ARG C 891 -24.14 -19.31 -43.96
CA ARG C 891 -25.27 -19.21 -44.88
C ARG C 891 -26.23 -18.08 -44.49
N ILE C 892 -26.47 -17.94 -43.19
CA ILE C 892 -27.36 -16.90 -42.67
C ILE C 892 -26.82 -15.49 -42.97
N ALA C 893 -25.49 -15.34 -42.93
CA ALA C 893 -24.85 -14.06 -43.25
C ALA C 893 -25.19 -13.53 -44.65
N ALA C 894 -25.26 -14.43 -45.63
CA ALA C 894 -25.63 -14.07 -46.99
C ALA C 894 -27.10 -13.65 -47.10
N LEU C 895 -27.99 -14.41 -46.45
CA LEU C 895 -29.42 -14.07 -46.39
C LEU C 895 -29.72 -12.78 -45.62
N LYS C 896 -28.86 -12.43 -44.67
CA LYS C 896 -29.06 -11.27 -43.78
C LYS C 896 -28.95 -9.90 -44.48
N VAL C 897 -28.23 -9.81 -45.61
CA VAL C 897 -28.04 -8.52 -46.29
C VAL C 897 -29.32 -7.99 -46.95
#